data_5O35
#
_entry.id   5O35
#
_cell.length_a   142.900
_cell.length_b   142.900
_cell.length_c   312.721
_cell.angle_alpha   90.00
_cell.angle_beta   90.00
_cell.angle_gamma   120.00
#
_symmetry.space_group_name_H-M   'P 31 2 1'
#
loop_
_entity.id
_entity.type
_entity.pdbx_description
1 polymer 'Complement C3'
2 polymer 'Complement C3'
3 polymer 'Complement factor H,Complement factor H'
4 branched 2-acetamido-2-deoxy-beta-D-glucopyranose-(1-4)-2-acetamido-2-deoxy-beta-D-glucopyranose
#
loop_
_entity_poly.entity_id
_entity_poly.type
_entity_poly.pdbx_seq_one_letter_code
_entity_poly.pdbx_strand_id
1 'polypeptide(L)'
;SPMYSIITPNILRLESEETMVLEAHDAQGDVPVTVTVHDFPGKKLVLSSEKTVLTPATNHMGNVTFTIPANREFKSEKGR
NKFVTVQATFGTQVVEKVVLVSLQSGYLFIQTDKTIYTPGSTVLYRIFTVNHKLLPVGRTVMVNIENPEGIPVKQDSLSS
QNQLGVLPLSWDIPELVNMGQWKIRAYYENSPQQVFSTEFEVKEYVLPSFEVIVEPTEKFYYIYNEKGLEVTITARFLYG
KKVEGTAFVIFGIQDGEQRISLPESLKRIPIEDGSGEVVLSRKVLLDGVQNPRAEDLVGKSLYVSATVILHSGSDMVQAE
RSGIPIVTSPYQIHFTKTPKYFKPGMPFDLMVFVTNPDGSPAYRVPVAVQGEDTVQSLTQGDGVAKLSINTHPSQKPLSI
TVRTKKQELSEAEQATRTMQALPYSTVGNSNNYLHLSVLRTELRPGETLNVNFLLRMDRAHEAKIRYYTYLIMNKGRLLK
AGRQVREPGQDLVVLPLSITTDFIPSFRLVAYYTLIGASGQREVVADSVWVDVKDSCVGSLVVKSGQSEDRQPVPGQQMT
LKIEGDHGARVVLVAVDKGVFVLNKKNKLTQSKIWDVVEKADIGCTPGSGKDYAGVFSDAGLTFTSSSGQQTAQRAELQC
PQPAA
;
A
2 'polypeptide(L)'
;SNLDEDIIAEENIVSRSEFPESWLWNVEDLKEPPKNGISTKLMNIFLKDSITTWEILAVSMSDKKGICVADPFEVTVMQD
FFIDLRLPYSVVRNEQVEIRAVLYNYRQNQELKVRVELLHNPAFCSLATTKRRHQQTVTIPPKSSLSVPYVIVPLKTGLQ
EVEVKAAVYHHFISDGVRKSLKVVPEGIRMNKTVAVRTLDPERLGREGVQKEDIPPADLSDQVPDTESETRILLQGTPVA
QMTEDAVDAERLKHLIVTPSGCGEQNMIGMTPTVIAVHYLDETEQWEKFGLEKRQGALELIKKGYTQQLAFRQPSSAFAA
FVKRAPSTWLTAYVVKVFSLAVNLIAIDSQVLCGAVKWLILEKQKPDGVFQEDAPVIHQEMIGGLRNNNEKDMALTAFVL
ISLQEAKDICEEQVNSLPGSITKAGDFLEANYMNLQRSYTVAIAGYALAQMGRLKGPLLNKFLTTAKDKNRWEDPGKQLY
NVEATSYALLALLQLKDFDFVPPVVRWLNEQRYYGGGYGSTQATFMVFQALAQYQKDAPDHQELNLDVSLQLPSRSSKIT
HRIHWESASLLRSEETKENEGFTVTAEGKGQGTLSVVTMYHAKAKDQLTCNKFDLKVTIKPAPETEKRPQDAKNTMILEI
CTRYRGDQDATMSILDISMMTGFAPDTDDLKQLANGVDRYISKYELDKAFSDRNTLIIYLDKVSHSEDDCLAFKVHQYFN
VELIQPGAVKVYAYYNLEESCTRFYHPEKEDGKLNKLCRDELCRCAEENCFIQKSDDKVTLEERLDKACEPGVDYVYKTR
LVKVQLSNDFDEYIMAIEQTIKSGSDEVQVGQQRTFISPIKCREALKLEEKKHYLMWGLSSDFWGEKPNLSYIIGKDTWV
EHWPEEDECQDEENQKQCQDLGAFTESMVVFGCPN
;
B
3 'polypeptide(L)'
;EDCNELPPRRNTEILTGSWSDQTYPEGTQAIYKCRPGYRSLGNVIMVCRKGEWVALNPLRKCQKRPCGHPGDTPFGTFTL
TGGNVFEYGVKAVYTCNEGYQLLGEINYRECDTDGWTNDIPICEVVKCLPVTAPENGKIVSSAMEPDREYHFGQAVRFVC
NSGYKIEGDEEMHCSDDGFWSKEKPKCVEISCKSPDVINGSPISQKIIYKENERFQYKCNMGYEYSERGDAVCTESGWRP
LPSCEEGGGGGGGGGGGGGKCGPPPPIDNGDITSFPLSVYAPASSVEYQCQNLYQLEGNKRITCRNGQWSEPPKCLHPCV
ISREIMENYNIALRWTAKQKLYSRTGESVEFVCKRGYRLSSRSHTLRTTCWDGKLEYPTCAKR
;
C
#
loop_
_chem_comp.id
_chem_comp.type
_chem_comp.name
_chem_comp.formula
NAG D-saccharide, beta linking 2-acetamido-2-deoxy-beta-D-glucopyranose 'C8 H15 N O6'
#
# COMPACT_ATOMS: atom_id res chain seq x y z
N SER A 1 48.48 -23.35 17.81
CA SER A 1 47.61 -24.00 18.78
C SER A 1 46.33 -23.22 19.10
N PRO A 2 46.40 -21.90 19.32
CA PRO A 2 45.17 -21.13 19.52
C PRO A 2 44.37 -20.97 18.24
N MET A 3 43.06 -21.13 18.35
CA MET A 3 42.15 -21.09 17.21
C MET A 3 41.14 -19.99 17.46
N TYR A 4 41.06 -19.05 16.52
CA TYR A 4 40.12 -17.92 16.59
C TYR A 4 38.92 -18.17 15.69
N SER A 5 37.72 -17.98 16.24
CA SER A 5 36.48 -18.21 15.50
C SER A 5 35.44 -17.12 15.79
N ILE A 6 34.67 -16.76 14.75
CA ILE A 6 33.63 -15.76 14.82
C ILE A 6 32.32 -16.39 14.37
N ILE A 7 31.20 -15.97 14.97
CA ILE A 7 29.87 -16.37 14.52
C ILE A 7 28.99 -15.13 14.36
N THR A 8 28.36 -14.99 13.20
CA THR A 8 27.40 -13.93 12.88
C THR A 8 26.20 -14.50 12.13
N PRO A 9 25.00 -13.97 12.37
CA PRO A 9 23.80 -14.48 11.68
C PRO A 9 24.02 -14.64 10.17
N ASN A 10 23.30 -15.61 9.59
CA ASN A 10 23.40 -15.85 8.14
C ASN A 10 23.17 -14.58 7.33
N ILE A 11 22.15 -13.81 7.70
CA ILE A 11 21.81 -12.56 7.03
C ILE A 11 21.81 -11.44 8.07
N LEU A 12 22.42 -10.32 7.72
CA LEU A 12 22.46 -9.15 8.59
C LEU A 12 21.45 -8.12 8.09
N ARG A 13 20.66 -7.58 9.01
CA ARG A 13 19.63 -6.61 8.70
C ARG A 13 20.11 -5.19 9.02
N LEU A 14 19.53 -4.22 8.32
CA LEU A 14 19.88 -2.82 8.51
C LEU A 14 19.03 -2.17 9.59
N GLU A 15 19.61 -1.16 10.24
CA GLU A 15 19.01 -0.43 11.35
C GLU A 15 18.58 -1.34 12.50
N SER A 16 19.20 -2.52 12.62
CA SER A 16 18.87 -3.47 13.68
C SER A 16 20.14 -3.83 14.43
N GLU A 17 20.03 -3.98 15.74
CA GLU A 17 21.16 -4.34 16.56
C GLU A 17 21.50 -5.81 16.35
N GLU A 18 22.72 -6.07 15.89
CA GLU A 18 23.19 -7.43 15.61
C GLU A 18 24.41 -7.74 16.46
N THR A 19 24.44 -8.95 17.01
CA THR A 19 25.52 -9.39 17.87
C THR A 19 26.45 -10.35 17.12
N MET A 20 27.72 -10.30 17.48
CA MET A 20 28.78 -11.13 16.91
C MET A 20 29.57 -11.71 18.06
N VAL A 21 29.73 -13.03 18.09
CA VAL A 21 30.40 -13.71 19.20
C VAL A 21 31.82 -14.07 18.82
N LEU A 22 32.77 -13.77 19.71
CA LEU A 22 34.19 -13.96 19.46
C LEU A 22 34.76 -14.94 20.47
N GLU A 23 35.49 -15.93 19.97
CA GLU A 23 36.09 -16.99 20.78
C GLU A 23 37.55 -17.17 20.40
N ALA A 24 38.40 -17.44 21.39
CA ALA A 24 39.83 -17.71 21.19
C ALA A 24 40.18 -18.97 21.95
N HIS A 25 39.82 -20.12 21.37
CA HIS A 25 40.02 -21.41 22.03
C HIS A 25 41.51 -21.74 22.08
N ASP A 26 41.93 -22.39 23.16
CA ASP A 26 43.34 -22.78 23.33
C ASP A 26 44.25 -21.57 23.28
N ALA A 27 43.88 -20.52 24.02
CA ALA A 27 44.69 -19.31 24.03
C ALA A 27 44.98 -18.93 25.47
N GLN A 28 46.04 -18.15 25.63
CA GLN A 28 46.44 -17.66 26.94
C GLN A 28 46.56 -16.15 26.92
N GLY A 29 46.57 -15.56 28.11
CA GLY A 29 46.70 -14.13 28.26
C GLY A 29 45.49 -13.39 27.71
N ASP A 30 45.68 -12.09 27.54
CA ASP A 30 44.65 -11.21 27.03
C ASP A 30 44.79 -11.13 25.51
N VAL A 31 43.67 -11.25 24.80
CA VAL A 31 43.73 -11.15 23.35
C VAL A 31 42.93 -9.94 22.87
N PRO A 32 43.62 -8.87 22.45
CA PRO A 32 42.93 -7.68 21.94
C PRO A 32 42.18 -7.98 20.64
N VAL A 33 40.89 -7.67 20.62
CA VAL A 33 40.05 -7.93 19.46
C VAL A 33 39.44 -6.63 18.97
N THR A 34 39.57 -6.36 17.68
CA THR A 34 38.98 -5.20 17.03
C THR A 34 38.20 -5.67 15.81
N VAL A 35 36.89 -5.44 15.82
CA VAL A 35 36.01 -5.89 14.74
C VAL A 35 35.62 -4.69 13.87
N THR A 36 35.85 -4.81 12.56
CA THR A 36 35.47 -3.80 11.58
C THR A 36 34.63 -4.44 10.49
N VAL A 37 33.55 -3.77 10.11
CA VAL A 37 32.66 -4.23 9.04
C VAL A 37 32.78 -3.26 7.87
N HIS A 38 33.14 -3.81 6.70
CA HIS A 38 33.31 -3.02 5.49
C HIS A 38 32.33 -3.50 4.42
N ASP A 39 32.11 -2.67 3.42
CA ASP A 39 31.24 -3.04 2.32
C ASP A 39 31.96 -3.96 1.34
N PHE A 40 31.18 -4.73 0.59
CA PHE A 40 31.76 -5.67 -0.35
C PHE A 40 31.40 -5.20 -1.76
N PRO A 41 32.38 -5.19 -2.67
CA PRO A 41 33.75 -5.59 -2.40
C PRO A 41 34.72 -4.42 -2.19
N GLY A 42 34.25 -3.20 -2.43
CA GLY A 42 35.10 -2.03 -2.47
C GLY A 42 35.73 -1.66 -1.14
N LYS A 43 35.12 -2.07 -0.02
CA LYS A 43 35.54 -1.69 1.33
C LYS A 43 35.65 -0.17 1.46
N LYS A 44 34.72 0.54 0.82
CA LYS A 44 34.70 2.00 0.81
C LYS A 44 34.45 2.58 2.20
N LEU A 45 33.57 1.98 2.99
CA LEU A 45 33.24 2.53 4.30
C LEU A 45 33.44 1.53 5.43
N VAL A 46 33.76 2.06 6.60
CA VAL A 46 33.83 1.29 7.84
C VAL A 46 32.45 1.40 8.50
N LEU A 47 31.59 0.40 8.26
CA LEU A 47 30.22 0.47 8.76
C LEU A 47 30.17 0.40 10.28
N SER A 48 31.07 -0.36 10.90
CA SER A 48 31.16 -0.46 12.35
C SER A 48 32.61 -0.69 12.76
N SER A 49 32.89 -0.37 14.02
CA SER A 49 34.24 -0.52 14.57
C SER A 49 34.09 -0.51 16.10
N GLU A 50 34.12 -1.70 16.70
CA GLU A 50 34.03 -1.88 18.13
C GLU A 50 35.30 -2.57 18.63
N LYS A 51 35.52 -2.52 19.94
CA LYS A 51 36.72 -3.11 20.51
C LYS A 51 36.39 -3.92 21.75
N THR A 52 37.21 -4.94 22.01
CA THR A 52 37.05 -5.75 23.20
C THR A 52 38.36 -6.48 23.47
N VAL A 53 38.45 -7.10 24.65
CA VAL A 53 39.63 -7.86 25.06
C VAL A 53 39.16 -9.22 25.56
N LEU A 54 39.78 -10.29 25.09
CA LEU A 54 39.44 -11.64 25.52
C LEU A 54 40.37 -12.07 26.64
N THR A 55 39.84 -12.06 27.88
CA THR A 55 40.62 -12.42 29.05
C THR A 55 40.31 -13.84 29.50
N PRO A 56 41.26 -14.51 30.15
CA PRO A 56 41.01 -15.86 30.68
C PRO A 56 39.86 -15.92 31.67
N ALA A 57 39.52 -14.82 32.34
CA ALA A 57 38.40 -14.84 33.28
C ALA A 57 37.07 -15.01 32.56
N THR A 58 37.00 -14.65 31.28
CA THR A 58 35.80 -14.81 30.46
C THR A 58 35.96 -15.98 29.48
N ASN A 59 36.93 -16.86 29.74
CA ASN A 59 37.19 -18.05 28.92
C ASN A 59 37.47 -17.70 27.47
N HIS A 60 38.05 -16.52 27.24
CA HIS A 60 38.40 -16.07 25.90
C HIS A 60 37.17 -16.06 25.02
N MET A 61 36.06 -15.56 25.57
CA MET A 61 34.80 -15.46 24.85
C MET A 61 34.08 -14.17 25.20
N GLY A 62 33.85 -13.34 24.19
CA GLY A 62 33.21 -12.04 24.35
C GLY A 62 32.24 -11.82 23.21
N ASN A 63 31.50 -10.71 23.27
CA ASN A 63 30.61 -10.36 22.18
C ASN A 63 30.79 -8.91 21.79
N VAL A 64 30.44 -8.60 20.55
CA VAL A 64 30.46 -7.25 20.02
C VAL A 64 29.08 -6.93 19.46
N THR A 65 28.43 -5.94 20.03
CA THR A 65 27.12 -5.48 19.57
C THR A 65 27.27 -4.25 18.68
N PHE A 66 26.72 -4.31 17.47
CA PHE A 66 26.84 -3.23 16.51
C PHE A 66 25.56 -3.10 15.70
N THR A 67 25.26 -1.87 15.28
CA THR A 67 24.11 -1.56 14.44
C THR A 67 24.61 -0.89 13.17
N ILE A 68 24.32 -1.50 12.03
CA ILE A 68 24.76 -0.99 10.73
C ILE A 68 23.84 0.10 10.18
N PRO A 69 24.32 1.34 10.00
CA PRO A 69 23.43 2.39 9.48
C PRO A 69 22.96 2.06 8.07
N ALA A 70 21.74 2.50 7.75
CA ALA A 70 21.19 2.31 6.40
C ALA A 70 21.69 3.40 5.44
N ASN A 71 22.94 3.30 5.00
CA ASN A 71 23.41 4.36 4.10
C ASN A 71 22.71 4.26 2.75
N ARG A 72 22.57 5.41 2.07
CA ARG A 72 21.93 5.29 0.76
C ARG A 72 22.83 4.62 -0.28
N GLU A 73 24.05 4.22 0.08
CA GLU A 73 24.94 3.56 -0.86
C GLU A 73 24.60 2.10 -1.12
N PHE A 74 24.05 1.44 -0.12
CA PHE A 74 23.63 0.04 -0.18
C PHE A 74 22.28 -0.10 -0.88
N LYS A 75 22.21 0.35 -2.14
CA LYS A 75 20.97 0.21 -2.88
C LYS A 75 21.13 -0.31 -4.31
N SER A 76 22.35 -0.69 -4.72
CA SER A 76 22.62 -1.38 -5.99
C SER A 76 22.02 -0.73 -7.23
N GLU A 77 22.06 -1.48 -8.34
CA GLU A 77 21.26 -1.24 -9.52
C GLU A 77 19.94 -2.00 -9.47
N LYS A 78 19.50 -2.37 -8.26
CA LYS A 78 18.34 -3.22 -8.00
C LYS A 78 18.49 -4.64 -8.52
N GLY A 79 18.02 -5.58 -7.70
CA GLY A 79 18.07 -6.99 -8.00
C GLY A 79 19.22 -7.70 -7.32
N ARG A 80 20.46 -7.24 -7.43
CA ARG A 80 21.49 -8.00 -6.74
C ARG A 80 21.41 -7.87 -5.22
N ASN A 81 21.86 -8.94 -4.57
CA ASN A 81 22.04 -9.05 -3.14
C ASN A 81 23.21 -8.19 -2.67
N LYS A 82 23.11 -7.61 -1.48
CA LYS A 82 24.22 -6.83 -0.96
C LYS A 82 24.91 -7.63 0.13
N PHE A 83 26.22 -7.42 0.21
CA PHE A 83 27.05 -8.18 1.14
C PHE A 83 27.96 -7.22 1.89
N VAL A 84 28.50 -7.72 2.98
CA VAL A 84 29.50 -7.01 3.78
C VAL A 84 30.63 -7.95 4.14
N THR A 85 31.80 -7.36 4.38
CA THR A 85 32.97 -8.09 4.83
C THR A 85 33.05 -7.84 6.32
N VAL A 86 32.95 -8.91 7.11
CA VAL A 86 33.10 -8.81 8.56
C VAL A 86 34.52 -9.24 8.85
N GLN A 87 35.29 -8.36 9.49
CA GLN A 87 36.71 -8.60 9.69
C GLN A 87 37.02 -8.43 11.17
N ALA A 88 37.33 -9.53 11.84
CA ALA A 88 37.70 -9.55 13.25
C ALA A 88 39.20 -9.79 13.37
N THR A 89 39.88 -8.98 14.19
CA THR A 89 41.32 -9.08 14.32
C THR A 89 41.70 -9.38 15.78
N PHE A 90 42.25 -10.57 16.02
CA PHE A 90 42.79 -10.99 17.33
C PHE A 90 44.31 -11.05 17.23
N GLY A 91 44.99 -10.15 17.94
CA GLY A 91 46.43 -10.07 17.90
C GLY A 91 46.91 -9.89 16.48
N THR A 92 47.72 -10.87 16.03
CA THR A 92 48.18 -10.85 14.64
C THR A 92 47.10 -11.37 13.70
N GLN A 93 46.38 -12.41 14.12
CA GLN A 93 45.44 -13.09 13.26
C GLN A 93 44.22 -12.22 12.97
N VAL A 94 43.74 -12.30 11.74
CA VAL A 94 42.57 -11.58 11.28
C VAL A 94 41.68 -12.59 10.58
N VAL A 95 40.40 -12.64 10.95
CA VAL A 95 39.45 -13.57 10.35
C VAL A 95 38.32 -12.76 9.75
N GLU A 96 38.14 -12.89 8.44
CA GLU A 96 37.11 -12.18 7.71
C GLU A 96 36.13 -13.14 7.04
N LYS A 97 34.87 -12.71 6.96
CA LYS A 97 33.79 -13.50 6.38
C LYS A 97 32.83 -12.56 5.64
N VAL A 98 32.33 -13.01 4.50
CA VAL A 98 31.40 -12.24 3.68
C VAL A 98 29.99 -12.72 3.98
N VAL A 99 29.16 -11.82 4.52
CA VAL A 99 27.81 -12.14 5.00
C VAL A 99 26.75 -11.45 4.15
N LEU A 100 25.66 -12.17 3.86
CA LEU A 100 24.55 -11.60 3.13
C LEU A 100 23.85 -10.54 3.98
N VAL A 101 23.27 -9.54 3.31
CA VAL A 101 22.59 -8.45 3.98
C VAL A 101 21.16 -8.34 3.45
N SER A 102 20.22 -8.23 4.37
CA SER A 102 18.82 -7.97 4.07
C SER A 102 18.56 -6.46 4.20
N LEU A 103 17.70 -5.96 3.33
CA LEU A 103 17.37 -4.54 3.32
C LEU A 103 16.25 -4.21 4.29
N GLN A 104 15.62 -5.23 4.87
CA GLN A 104 14.48 -5.05 5.76
C GLN A 104 14.83 -4.23 6.99
N SER A 105 14.12 -3.11 7.17
CA SER A 105 14.36 -2.20 8.27
C SER A 105 13.63 -2.63 9.54
N GLY A 106 12.53 -3.37 9.37
CA GLY A 106 11.70 -3.84 10.47
C GLY A 106 10.36 -4.34 9.98
N TYR A 107 9.28 -4.01 10.68
CA TYR A 107 7.95 -4.47 10.29
C TYR A 107 6.97 -3.29 10.26
N LEU A 108 5.99 -3.40 9.36
CA LEU A 108 4.88 -2.46 9.25
C LEU A 108 3.58 -3.26 9.29
N PHE A 109 2.67 -2.87 10.17
CA PHE A 109 1.37 -3.52 10.28
C PHE A 109 0.29 -2.48 10.02
N ILE A 110 -0.68 -2.82 9.18
CA ILE A 110 -1.74 -1.90 8.76
C ILE A 110 -3.05 -2.39 9.35
N GLN A 111 -3.80 -1.48 9.97
CA GLN A 111 -5.10 -1.79 10.57
C GLN A 111 -6.14 -0.85 9.99
N THR A 112 -7.08 -1.39 9.22
CA THR A 112 -8.20 -0.60 8.76
C THR A 112 -9.35 -0.75 9.75
N ASP A 113 -10.14 0.30 9.90
CA ASP A 113 -11.22 0.29 10.88
C ASP A 113 -12.25 -0.78 10.56
N LYS A 114 -12.55 -1.00 9.27
CA LYS A 114 -13.50 -2.01 8.84
C LYS A 114 -12.82 -2.92 7.81
N THR A 115 -13.58 -3.93 7.37
CA THR A 115 -13.10 -4.89 6.38
C THR A 115 -13.72 -4.65 5.01
N ILE A 116 -14.84 -3.93 4.97
CA ILE A 116 -15.56 -3.63 3.74
C ILE A 116 -16.14 -2.22 3.89
N TYR A 117 -16.21 -1.49 2.78
CA TYR A 117 -16.58 -0.09 2.81
C TYR A 117 -17.51 0.25 1.66
N THR A 118 -18.46 1.18 1.92
CA THR A 118 -19.32 1.68 0.86
C THR A 118 -18.66 2.87 0.15
N PRO A 119 -18.94 3.04 -1.14
CA PRO A 119 -18.49 4.24 -1.87
C PRO A 119 -18.96 5.55 -1.23
N GLY A 120 -17.99 6.42 -0.92
CA GLY A 120 -18.24 7.69 -0.26
C GLY A 120 -17.67 7.82 1.13
N SER A 121 -17.54 6.70 1.85
CA SER A 121 -17.05 6.70 3.21
C SER A 121 -15.53 6.87 3.22
N THR A 122 -14.99 7.15 4.40
CA THR A 122 -13.56 7.38 4.57
C THR A 122 -12.97 6.15 5.24
N VAL A 123 -11.84 5.68 4.71
CA VAL A 123 -11.09 4.57 5.28
C VAL A 123 -10.09 5.12 6.27
N LEU A 124 -10.26 4.78 7.54
CA LEU A 124 -9.34 5.18 8.60
C LEU A 124 -8.42 3.99 8.89
N TYR A 125 -7.11 4.21 8.78
CA TYR A 125 -6.15 3.15 9.02
C TYR A 125 -4.94 3.70 9.77
N ARG A 126 -4.35 2.84 10.58
CA ARG A 126 -3.15 3.13 11.34
C ARG A 126 -2.03 2.19 10.91
N ILE A 127 -0.83 2.75 10.74
CA ILE A 127 0.39 2.02 10.40
C ILE A 127 1.28 1.95 11.63
N PHE A 128 1.54 0.74 12.12
CA PHE A 128 2.42 0.52 13.25
C PHE A 128 3.85 0.31 12.75
N THR A 129 4.76 1.14 13.21
CA THR A 129 6.17 1.12 12.77
C THR A 129 7.07 0.61 13.89
N VAL A 130 7.60 -0.60 13.71
CA VAL A 130 8.49 -1.24 14.67
C VAL A 130 9.75 -1.71 13.95
N ASN A 131 10.72 -2.20 14.73
CA ASN A 131 11.94 -2.80 14.22
C ASN A 131 11.80 -4.32 14.34
N HIS A 132 12.90 -5.05 14.12
CA HIS A 132 12.82 -6.50 14.11
C HIS A 132 12.59 -7.09 15.50
N LYS A 133 12.61 -6.25 16.54
CA LYS A 133 12.28 -6.64 17.90
C LYS A 133 10.87 -6.21 18.28
N LEU A 134 10.08 -5.74 17.32
CA LEU A 134 8.72 -5.24 17.51
C LEU A 134 8.65 -4.04 18.44
N LEU A 135 9.73 -3.36 18.61
CA LEU A 135 9.70 -2.16 19.45
C LEU A 135 9.46 -0.92 18.59
N PRO A 136 8.58 -0.02 19.02
CA PRO A 136 8.28 1.19 18.24
C PRO A 136 9.52 2.00 17.89
N VAL A 137 9.62 2.42 16.62
CA VAL A 137 10.72 3.24 16.14
C VAL A 137 10.17 4.42 15.34
N GLY A 138 11.03 5.43 15.14
CA GLY A 138 10.65 6.57 14.34
C GLY A 138 11.35 6.68 12.99
N ARG A 139 10.71 6.25 11.91
CA ARG A 139 11.27 6.29 10.56
C ARG A 139 10.25 6.89 9.58
N THR A 140 10.72 7.13 8.35
CA THR A 140 9.88 7.60 7.25
C THR A 140 9.29 6.43 6.45
N VAL A 141 7.98 6.46 6.24
CA VAL A 141 7.24 5.39 5.58
C VAL A 141 6.51 5.92 4.35
N MET A 142 6.60 5.18 3.23
CA MET A 142 5.91 5.49 1.99
C MET A 142 4.62 4.67 1.88
N VAL A 143 3.49 5.35 1.61
CA VAL A 143 2.18 4.70 1.50
C VAL A 143 1.60 4.90 0.11
N ASN A 144 1.07 3.81 -0.48
CA ASN A 144 0.43 3.78 -1.79
C ASN A 144 -0.96 3.18 -1.70
N ILE A 145 -1.97 3.91 -2.16
CA ILE A 145 -3.32 3.40 -2.35
C ILE A 145 -3.46 2.81 -3.76
N GLU A 146 -3.96 1.57 -3.84
CA GLU A 146 -3.98 0.80 -5.08
C GLU A 146 -5.36 0.23 -5.37
N ASN A 147 -5.85 0.43 -6.60
CA ASN A 147 -7.15 -0.07 -7.03
C ASN A 147 -7.06 -1.56 -7.37
N PRO A 148 -8.20 -2.26 -7.47
CA PRO A 148 -8.15 -3.70 -7.77
C PRO A 148 -7.35 -4.04 -9.02
N GLU A 149 -7.28 -3.12 -9.99
CA GLU A 149 -6.52 -3.38 -11.21
C GLU A 149 -5.02 -3.40 -10.95
N GLY A 150 -4.55 -2.68 -9.95
CA GLY A 150 -3.15 -2.62 -9.61
C GLY A 150 -2.53 -1.24 -9.74
N ILE A 151 -3.25 -0.27 -10.29
CA ILE A 151 -2.69 1.07 -10.53
C ILE A 151 -2.72 1.87 -9.22
N PRO A 152 -1.58 2.42 -8.79
CA PRO A 152 -1.56 3.30 -7.61
C PRO A 152 -2.26 4.62 -7.87
N VAL A 153 -3.10 5.02 -6.91
CA VAL A 153 -3.91 6.22 -7.05
C VAL A 153 -3.60 7.31 -6.02
N LYS A 154 -2.79 7.03 -4.99
CA LYS A 154 -2.41 8.07 -4.02
C LYS A 154 -1.13 7.71 -3.31
N GLN A 155 -0.06 8.46 -3.54
CA GLN A 155 1.20 8.26 -2.83
C GLN A 155 1.34 9.29 -1.71
N ASP A 156 2.22 8.99 -0.75
CA ASP A 156 2.50 9.86 0.38
C ASP A 156 3.79 9.42 1.05
N SER A 157 4.41 10.36 1.76
CA SER A 157 5.65 10.10 2.48
C SER A 157 5.55 10.76 3.85
N LEU A 158 5.39 9.96 4.90
CA LEU A 158 5.22 10.51 6.24
C LEU A 158 6.32 10.04 7.19
N SER A 159 6.26 10.54 8.43
CA SER A 159 7.22 10.22 9.48
C SER A 159 6.49 9.61 10.68
N SER A 160 7.13 8.64 11.32
CA SER A 160 6.59 7.96 12.49
C SER A 160 7.08 8.57 13.80
N GLN A 161 7.96 9.56 13.72
CA GLN A 161 8.55 10.21 14.89
C GLN A 161 7.50 10.90 15.75
N ASN A 162 7.70 10.80 17.07
CA ASN A 162 6.83 11.39 18.09
C ASN A 162 5.40 10.86 18.00
N GLN A 163 5.26 9.65 17.46
CA GLN A 163 3.97 8.99 17.31
C GLN A 163 3.92 7.68 18.08
N LEU A 164 4.96 7.34 18.84
CA LEU A 164 5.00 6.10 19.61
C LEU A 164 4.71 4.88 18.74
N GLY A 165 5.25 4.91 17.52
CA GLY A 165 5.12 3.78 16.62
C GLY A 165 3.77 3.56 15.97
N VAL A 166 2.83 4.51 16.09
CA VAL A 166 1.50 4.39 15.50
C VAL A 166 1.25 5.61 14.61
N LEU A 167 0.83 5.37 13.38
CA LEU A 167 0.65 6.43 12.39
C LEU A 167 -0.77 6.46 11.81
N PRO A 168 -1.63 7.36 12.29
CA PRO A 168 -3.04 7.40 11.87
C PRO A 168 -3.23 8.15 10.56
N LEU A 169 -3.83 7.47 9.57
CA LEU A 169 -4.04 8.06 8.25
C LEU A 169 -5.47 7.78 7.79
N SER A 170 -5.87 8.46 6.72
CA SER A 170 -7.18 8.29 6.14
C SER A 170 -7.16 8.57 4.64
N TRP A 171 -8.07 7.92 3.92
CA TRP A 171 -8.25 8.12 2.48
C TRP A 171 -9.73 8.12 2.14
N ASP A 172 -10.17 9.18 1.45
CA ASP A 172 -11.57 9.34 1.09
C ASP A 172 -11.86 8.53 -0.18
N ILE A 173 -12.91 7.73 -0.13
CA ILE A 173 -13.34 6.93 -1.27
C ILE A 173 -14.29 7.77 -2.12
N PRO A 174 -14.02 7.95 -3.42
CA PRO A 174 -14.92 8.73 -4.27
C PRO A 174 -16.27 8.03 -4.38
N GLU A 175 -17.29 8.80 -4.74
CA GLU A 175 -18.59 8.19 -4.97
C GLU A 175 -18.53 7.24 -6.16
N LEU A 176 -18.06 7.73 -7.30
CA LEU A 176 -17.81 6.90 -8.48
C LEU A 176 -16.47 6.18 -8.29
N VAL A 177 -16.52 4.87 -8.09
CA VAL A 177 -15.33 4.09 -7.77
C VAL A 177 -15.52 2.69 -8.34
N ASN A 178 -14.39 2.00 -8.57
CA ASN A 178 -14.40 0.62 -9.05
C ASN A 178 -14.53 -0.34 -7.89
N MET A 179 -15.53 -1.21 -7.95
CA MET A 179 -15.77 -2.18 -6.89
C MET A 179 -14.69 -3.25 -6.89
N GLY A 180 -14.56 -3.95 -5.77
CA GLY A 180 -13.65 -5.07 -5.64
C GLY A 180 -12.64 -4.87 -4.52
N GLN A 181 -11.62 -5.73 -4.53
CA GLN A 181 -10.57 -5.75 -3.50
C GLN A 181 -9.52 -4.68 -3.77
N TRP A 182 -9.53 -3.64 -2.95
CA TRP A 182 -8.53 -2.58 -2.94
C TRP A 182 -7.38 -2.96 -2.01
N LYS A 183 -6.25 -2.29 -2.18
CA LYS A 183 -5.10 -2.57 -1.35
C LYS A 183 -4.43 -1.28 -0.90
N ILE A 184 -3.89 -1.34 0.31
CA ILE A 184 -2.98 -0.36 0.88
C ILE A 184 -1.59 -0.99 0.88
N ARG A 185 -0.60 -0.28 0.35
CA ARG A 185 0.76 -0.80 0.31
C ARG A 185 1.70 0.21 0.97
N ALA A 186 2.34 -0.20 2.06
CA ALA A 186 3.31 0.66 2.74
C ALA A 186 4.67 -0.02 2.78
N TYR A 187 5.74 0.80 2.83
CA TYR A 187 7.08 0.25 2.97
C TYR A 187 7.97 1.32 3.59
N TYR A 188 8.94 0.90 4.39
CA TYR A 188 9.90 1.87 4.91
C TYR A 188 10.65 2.53 3.75
N GLU A 189 11.02 3.80 3.94
CA GLU A 189 11.69 4.51 2.85
C GLU A 189 13.02 3.86 2.52
N ASN A 190 13.72 3.36 3.55
CA ASN A 190 15.04 2.77 3.41
C ASN A 190 14.98 1.39 2.78
N SER A 191 13.86 0.67 2.89
CA SER A 191 13.74 -0.69 2.37
C SER A 191 12.52 -0.78 1.47
N PRO A 192 12.66 -0.36 0.21
CA PRO A 192 11.53 -0.40 -0.73
C PRO A 192 11.19 -1.79 -1.26
N GLN A 193 11.96 -2.82 -0.89
CA GLN A 193 11.66 -4.16 -1.36
C GLN A 193 10.72 -4.91 -0.44
N GLN A 194 10.57 -4.46 0.80
CA GLN A 194 9.67 -5.07 1.77
C GLN A 194 8.40 -4.25 1.89
N VAL A 195 7.38 -4.63 1.13
CA VAL A 195 6.13 -3.90 1.01
C VAL A 195 5.07 -4.72 1.73
N PHE A 196 4.48 -4.15 2.77
CA PHE A 196 3.45 -4.80 3.56
C PHE A 196 2.07 -4.35 3.09
N SER A 197 1.12 -5.27 3.06
CA SER A 197 -0.18 -4.96 2.48
C SER A 197 -1.34 -5.46 3.33
N THR A 198 -2.47 -4.77 3.18
CA THR A 198 -3.76 -5.14 3.72
C THR A 198 -4.79 -4.76 2.67
N GLU A 199 -5.80 -5.59 2.51
CA GLU A 199 -6.87 -5.31 1.55
C GLU A 199 -8.13 -4.85 2.27
N PHE A 200 -8.96 -4.12 1.51
CA PHE A 200 -10.30 -3.81 1.98
C PHE A 200 -11.22 -3.80 0.77
N GLU A 201 -12.36 -4.46 0.91
CA GLU A 201 -13.33 -4.58 -0.16
C GLU A 201 -14.17 -3.31 -0.26
N VAL A 202 -14.47 -2.90 -1.49
CA VAL A 202 -15.40 -1.80 -1.73
C VAL A 202 -16.60 -2.37 -2.49
N LYS A 203 -17.79 -2.13 -1.97
CA LYS A 203 -19.00 -2.77 -2.46
C LYS A 203 -20.19 -1.97 -1.95
N GLU A 204 -21.29 -2.02 -2.69
CA GLU A 204 -22.56 -1.46 -2.24
C GLU A 204 -23.34 -2.51 -1.45
N TYR A 205 -23.68 -2.18 -0.20
CA TYR A 205 -24.32 -3.12 0.69
C TYR A 205 -25.09 -2.37 1.77
N VAL A 206 -25.92 -3.12 2.51
CA VAL A 206 -26.52 -2.69 3.76
C VAL A 206 -26.32 -3.77 4.82
N LEU A 207 -26.17 -3.33 6.07
CA LEU A 207 -25.92 -4.29 7.14
C LEU A 207 -27.18 -5.15 7.36
N PRO A 208 -27.03 -6.46 7.51
CA PRO A 208 -28.18 -7.32 7.82
C PRO A 208 -28.64 -7.10 9.25
N SER A 209 -29.82 -7.62 9.55
CA SER A 209 -30.33 -7.45 10.90
C SER A 209 -30.15 -8.69 11.77
N PHE A 210 -29.69 -9.81 11.19
CA PHE A 210 -29.43 -11.00 11.98
C PHE A 210 -28.28 -11.74 11.30
N GLU A 211 -27.75 -12.74 11.98
CA GLU A 211 -26.66 -13.54 11.45
C GLU A 211 -27.08 -15.00 11.36
N VAL A 212 -26.65 -15.68 10.31
CA VAL A 212 -26.93 -17.09 10.11
C VAL A 212 -25.60 -17.84 10.11
N ILE A 213 -25.52 -18.91 10.90
CA ILE A 213 -24.31 -19.71 11.01
C ILE A 213 -24.64 -21.14 10.60
N VAL A 214 -23.96 -21.62 9.57
CA VAL A 214 -24.15 -22.98 9.05
C VAL A 214 -23.00 -23.84 9.56
N GLU A 215 -23.28 -24.71 10.54
CA GLU A 215 -22.21 -25.49 11.17
C GLU A 215 -22.56 -26.98 11.09
N PRO A 216 -21.82 -27.77 10.31
CA PRO A 216 -22.06 -29.22 10.26
C PRO A 216 -21.68 -29.90 11.56
N THR A 217 -22.27 -31.08 11.78
CA THR A 217 -21.95 -31.84 12.99
C THR A 217 -20.47 -32.18 13.04
N GLU A 218 -19.96 -32.82 12.01
CA GLU A 218 -18.52 -33.07 11.91
C GLU A 218 -17.87 -32.02 11.00
N LYS A 219 -16.57 -31.82 11.20
CA LYS A 219 -15.79 -30.90 10.38
C LYS A 219 -15.43 -31.47 9.01
N PHE A 220 -15.92 -32.66 8.70
CA PHE A 220 -15.63 -33.37 7.46
C PHE A 220 -16.86 -34.23 7.14
N TYR A 221 -16.74 -35.06 6.10
CA TYR A 221 -17.78 -36.04 5.82
C TYR A 221 -17.12 -37.36 5.43
N TYR A 222 -17.28 -38.37 6.29
CA TYR A 222 -16.81 -39.71 5.99
C TYR A 222 -17.61 -40.30 4.83
N ILE A 223 -16.90 -40.75 3.79
CA ILE A 223 -17.56 -41.13 2.55
C ILE A 223 -18.47 -42.35 2.75
N TYR A 224 -18.22 -43.18 3.75
CA TYR A 224 -19.05 -44.33 4.05
C TYR A 224 -19.95 -44.13 5.27
N ASN A 225 -20.37 -42.89 5.54
CA ASN A 225 -21.27 -42.58 6.64
C ASN A 225 -22.68 -42.53 6.06
N GLU A 226 -23.49 -43.53 6.41
CA GLU A 226 -24.82 -43.65 5.84
C GLU A 226 -25.75 -42.52 6.29
N LYS A 227 -25.44 -41.89 7.43
CA LYS A 227 -26.27 -40.79 7.93
C LYS A 227 -26.24 -39.59 7.00
N GLY A 228 -25.17 -39.43 6.25
CA GLY A 228 -25.04 -38.28 5.39
C GLY A 228 -24.55 -37.08 6.17
N LEU A 229 -24.53 -35.94 5.50
CA LEU A 229 -24.05 -34.70 6.10
C LEU A 229 -25.19 -34.01 6.86
N GLU A 230 -25.13 -34.07 8.19
CA GLU A 230 -26.11 -33.44 9.06
C GLU A 230 -25.63 -32.02 9.36
N VAL A 231 -26.53 -31.04 9.16
CA VAL A 231 -26.17 -29.64 9.28
C VAL A 231 -27.12 -28.91 10.24
N THR A 232 -26.55 -28.11 11.13
CA THR A 232 -27.30 -27.28 12.07
C THR A 232 -27.27 -25.83 11.60
N ILE A 233 -28.44 -25.22 11.49
CA ILE A 233 -28.61 -23.82 11.11
C ILE A 233 -28.89 -22.99 12.35
N THR A 234 -28.10 -21.95 12.59
CA THR A 234 -28.26 -21.12 13.78
C THR A 234 -28.40 -19.66 13.38
N ALA A 235 -29.60 -19.10 13.57
CA ALA A 235 -29.88 -17.71 13.22
C ALA A 235 -30.22 -16.91 14.48
N ARG A 236 -29.55 -15.78 14.68
CA ARG A 236 -29.85 -14.95 15.84
C ARG A 236 -29.60 -13.48 15.48
N PHE A 237 -30.41 -12.61 16.07
CA PHE A 237 -30.30 -11.19 15.81
C PHE A 237 -28.96 -10.64 16.28
N LEU A 238 -28.59 -9.49 15.74
CA LEU A 238 -27.31 -8.90 16.09
C LEU A 238 -27.29 -8.40 17.52
N TYR A 239 -28.45 -8.25 18.16
CA TYR A 239 -28.54 -7.81 19.55
C TYR A 239 -28.76 -8.97 20.51
N GLY A 240 -28.66 -10.21 20.04
CA GLY A 240 -28.68 -11.37 20.91
C GLY A 240 -29.88 -12.27 20.78
N LYS A 241 -31.08 -11.69 20.70
CA LYS A 241 -32.31 -12.48 20.67
C LYS A 241 -32.33 -13.46 19.50
N LYS A 242 -32.97 -14.60 19.72
CA LYS A 242 -33.06 -15.65 18.72
C LYS A 242 -34.02 -15.24 17.61
N VAL A 243 -34.14 -16.07 16.58
CA VAL A 243 -34.89 -15.74 15.37
C VAL A 243 -35.91 -16.82 15.08
N GLU A 244 -37.15 -16.42 14.80
CA GLU A 244 -38.19 -17.34 14.33
C GLU A 244 -38.43 -17.13 12.85
N GLY A 245 -38.44 -18.23 12.09
CA GLY A 245 -38.66 -18.16 10.66
C GLY A 245 -38.67 -19.49 9.92
N THR A 246 -38.28 -19.43 8.64
CA THR A 246 -38.22 -20.59 7.75
C THR A 246 -36.90 -20.53 6.98
N ALA A 247 -36.23 -21.68 6.81
CA ALA A 247 -34.94 -21.74 6.14
C ALA A 247 -34.97 -22.66 4.93
N PHE A 248 -34.42 -22.19 3.80
CA PHE A 248 -34.21 -22.98 2.59
C PHE A 248 -32.74 -23.38 2.46
N VAL A 249 -32.47 -24.67 2.60
CA VAL A 249 -31.10 -25.20 2.58
C VAL A 249 -30.89 -26.04 1.34
N ILE A 250 -29.74 -25.87 0.69
CA ILE A 250 -29.39 -26.59 -0.54
C ILE A 250 -27.89 -26.89 -0.50
N PHE A 251 -27.53 -28.05 -1.04
CA PHE A 251 -26.17 -28.56 -0.97
C PHE A 251 -25.53 -28.55 -2.35
N GLY A 252 -24.20 -28.57 -2.37
CA GLY A 252 -23.46 -28.67 -3.62
C GLY A 252 -22.08 -29.27 -3.41
N ILE A 253 -21.54 -29.82 -4.50
CA ILE A 253 -20.21 -30.44 -4.50
C ILE A 253 -19.22 -29.54 -5.24
N GLN A 254 -18.09 -29.25 -4.59
CA GLN A 254 -17.05 -28.41 -5.16
C GLN A 254 -15.83 -29.26 -5.49
N ASP A 255 -15.35 -29.16 -6.72
CA ASP A 255 -14.18 -29.91 -7.18
C ASP A 255 -13.17 -28.90 -7.72
N GLY A 256 -12.21 -28.51 -6.90
CA GLY A 256 -11.27 -27.48 -7.31
C GLY A 256 -11.95 -26.13 -7.41
N GLU A 257 -12.36 -25.75 -8.62
CA GLU A 257 -13.12 -24.53 -8.86
C GLU A 257 -14.44 -24.83 -9.57
N GLN A 258 -14.76 -26.11 -9.76
CA GLN A 258 -16.01 -26.50 -10.41
C GLN A 258 -17.04 -26.82 -9.33
N ARG A 259 -18.12 -26.05 -9.29
CA ARG A 259 -19.19 -26.23 -8.33
C ARG A 259 -20.38 -26.89 -9.00
N ILE A 260 -20.91 -27.94 -8.37
CA ILE A 260 -22.08 -28.64 -8.86
C ILE A 260 -23.18 -28.58 -7.81
N SER A 261 -24.23 -27.82 -8.10
CA SER A 261 -25.35 -27.69 -7.17
C SER A 261 -26.16 -28.98 -7.17
N LEU A 262 -26.76 -29.30 -6.01
CA LEU A 262 -27.60 -30.50 -5.90
C LEU A 262 -29.06 -30.12 -5.75
N PRO A 263 -29.81 -30.02 -6.85
CA PRO A 263 -31.21 -29.57 -6.76
C PRO A 263 -32.09 -30.49 -5.96
N GLU A 264 -31.76 -31.78 -5.91
CA GLU A 264 -32.57 -32.76 -5.20
C GLU A 264 -32.45 -32.61 -3.68
N SER A 265 -31.42 -31.93 -3.21
CA SER A 265 -31.16 -31.79 -1.78
C SER A 265 -31.81 -30.55 -1.17
N LEU A 266 -32.58 -29.79 -1.95
CA LEU A 266 -33.21 -28.57 -1.44
C LEU A 266 -34.29 -28.95 -0.43
N LYS A 267 -34.25 -28.31 0.74
CA LYS A 267 -35.21 -28.57 1.80
C LYS A 267 -35.69 -27.25 2.39
N ARG A 268 -36.95 -27.22 2.81
CA ARG A 268 -37.52 -26.11 3.55
C ARG A 268 -37.87 -26.58 4.95
N ILE A 269 -37.19 -26.04 5.96
CA ILE A 269 -37.40 -26.47 7.34
C ILE A 269 -37.80 -25.30 8.25
N PRO A 270 -38.61 -25.55 9.28
CA PRO A 270 -38.95 -24.48 10.23
C PRO A 270 -37.78 -24.17 11.16
N ILE A 271 -37.53 -22.87 11.34
CA ILE A 271 -36.57 -22.38 12.32
C ILE A 271 -37.32 -22.02 13.60
N GLU A 272 -37.26 -22.89 14.61
CA GLU A 272 -37.93 -22.65 15.87
C GLU A 272 -36.87 -22.36 16.93
N ASP A 273 -37.05 -21.25 17.65
CA ASP A 273 -36.10 -20.82 18.68
C ASP A 273 -34.70 -20.66 18.11
N GLY A 274 -34.60 -20.12 16.90
CA GLY A 274 -33.32 -19.86 16.29
C GLY A 274 -32.52 -21.04 15.82
N SER A 275 -33.11 -22.23 15.70
CA SER A 275 -32.34 -23.41 15.34
C SER A 275 -33.15 -24.33 14.44
N GLY A 276 -32.46 -24.96 13.49
CA GLY A 276 -33.05 -25.96 12.62
C GLY A 276 -31.99 -26.97 12.22
N GLU A 277 -32.45 -28.12 11.74
CA GLU A 277 -31.56 -29.17 11.25
C GLU A 277 -32.02 -29.71 9.91
N VAL A 278 -31.08 -29.99 9.03
CA VAL A 278 -31.38 -30.52 7.70
C VAL A 278 -30.24 -31.46 7.33
N VAL A 279 -30.57 -32.66 6.86
CA VAL A 279 -29.59 -33.67 6.56
C VAL A 279 -29.54 -33.90 5.05
N LEU A 280 -28.32 -33.91 4.50
CA LEU A 280 -28.08 -34.37 3.14
C LEU A 280 -27.86 -35.87 3.20
N SER A 281 -28.81 -36.63 2.68
CA SER A 281 -28.72 -38.09 2.71
C SER A 281 -27.67 -38.58 1.73
N ARG A 282 -27.01 -39.68 2.10
CA ARG A 282 -25.96 -40.24 1.25
C ARG A 282 -26.51 -40.61 -0.12
N LYS A 283 -27.75 -41.12 -0.17
CA LYS A 283 -28.37 -41.49 -1.44
C LYS A 283 -28.49 -40.29 -2.37
N VAL A 284 -28.99 -39.16 -1.87
CA VAL A 284 -29.12 -37.95 -2.67
C VAL A 284 -27.74 -37.47 -3.14
N LEU A 285 -26.75 -37.53 -2.26
CA LEU A 285 -25.38 -37.14 -2.62
C LEU A 285 -24.86 -37.99 -3.78
N LEU A 286 -25.03 -39.30 -3.70
CA LEU A 286 -24.53 -40.20 -4.74
C LEU A 286 -25.33 -40.05 -6.04
N ASP A 287 -26.64 -39.81 -5.94
CA ASP A 287 -27.46 -39.65 -7.13
C ASP A 287 -27.14 -38.35 -7.87
N GLY A 288 -26.76 -37.30 -7.14
CA GLY A 288 -26.44 -36.04 -7.78
C GLY A 288 -25.25 -36.14 -8.71
N VAL A 289 -24.21 -36.84 -8.27
CA VAL A 289 -23.04 -37.07 -9.12
C VAL A 289 -23.33 -38.29 -9.99
N GLN A 290 -22.80 -38.27 -11.21
CA GLN A 290 -23.06 -39.35 -12.17
C GLN A 290 -22.03 -40.46 -12.08
N ASN A 291 -21.60 -40.79 -10.86
CA ASN A 291 -20.62 -41.84 -10.64
C ASN A 291 -21.04 -42.73 -9.48
N PRO A 292 -21.26 -44.03 -9.73
CA PRO A 292 -21.65 -44.93 -8.64
C PRO A 292 -20.53 -45.17 -7.65
N ARG A 293 -19.28 -45.13 -8.08
CA ARG A 293 -18.11 -45.32 -7.23
C ARG A 293 -17.98 -44.14 -6.28
N ALA A 294 -18.35 -44.35 -5.01
CA ALA A 294 -18.26 -43.28 -4.02
C ALA A 294 -16.82 -42.90 -3.72
N GLU A 295 -15.88 -43.81 -3.96
CA GLU A 295 -14.47 -43.54 -3.68
C GLU A 295 -13.94 -42.35 -4.48
N ASP A 296 -14.52 -42.09 -5.66
CA ASP A 296 -14.08 -40.97 -6.50
C ASP A 296 -14.40 -39.60 -5.91
N LEU A 297 -15.39 -39.51 -5.02
CA LEU A 297 -15.76 -38.25 -4.39
C LEU A 297 -14.73 -37.76 -3.37
N VAL A 298 -13.89 -38.67 -2.88
CA VAL A 298 -12.85 -38.32 -1.92
C VAL A 298 -11.85 -37.37 -2.55
N GLY A 299 -11.55 -36.26 -1.86
CA GLY A 299 -10.68 -35.21 -2.36
C GLY A 299 -11.43 -33.96 -2.76
N LYS A 300 -12.73 -34.07 -2.99
CA LYS A 300 -13.62 -32.96 -3.29
C LYS A 300 -14.18 -32.41 -1.98
N SER A 301 -14.87 -31.28 -2.08
CA SER A 301 -15.45 -30.67 -0.88
C SER A 301 -16.93 -30.41 -1.10
N LEU A 302 -17.61 -30.09 0.00
CA LEU A 302 -19.02 -29.76 -0.01
C LEU A 302 -19.26 -28.33 0.47
N TYR A 303 -20.25 -27.67 -0.14
CA TYR A 303 -20.67 -26.35 0.31
C TYR A 303 -22.17 -26.41 0.58
N VAL A 304 -22.61 -25.65 1.58
CA VAL A 304 -24.00 -25.62 2.02
C VAL A 304 -24.50 -24.18 1.92
N SER A 305 -25.68 -24.00 1.30
CA SER A 305 -26.30 -22.70 1.19
C SER A 305 -27.65 -22.70 1.90
N ALA A 306 -27.85 -21.75 2.81
CA ALA A 306 -29.06 -21.64 3.60
C ALA A 306 -29.64 -20.24 3.47
N THR A 307 -30.94 -20.16 3.21
CA THR A 307 -31.66 -18.89 3.13
C THR A 307 -32.71 -18.85 4.22
N VAL A 308 -32.59 -17.90 5.15
CA VAL A 308 -33.52 -17.74 6.26
C VAL A 308 -34.39 -16.51 6.05
N ILE A 309 -35.70 -16.66 6.20
CA ILE A 309 -36.65 -15.56 6.08
C ILE A 309 -37.40 -15.40 7.38
N LEU A 310 -37.46 -14.16 7.88
CA LEU A 310 -38.23 -13.81 9.07
C LEU A 310 -39.73 -13.94 8.81
N HIS A 311 -40.49 -14.12 9.89
CA HIS A 311 -41.94 -14.22 9.71
C HIS A 311 -42.51 -12.88 9.26
N SER A 312 -41.84 -11.77 9.57
CA SER A 312 -42.29 -10.46 9.11
C SER A 312 -42.04 -10.26 7.62
N GLY A 313 -41.12 -11.03 7.03
CA GLY A 313 -40.78 -10.93 5.63
C GLY A 313 -40.09 -9.65 5.22
N SER A 314 -39.47 -8.95 6.15
CA SER A 314 -38.85 -7.66 5.87
C SER A 314 -37.34 -7.76 5.75
N ASP A 315 -36.74 -8.88 6.13
CA ASP A 315 -35.31 -9.08 5.96
C ASP A 315 -35.04 -10.53 5.61
N MET A 316 -33.99 -10.73 4.84
CA MET A 316 -33.56 -12.02 4.32
C MET A 316 -32.04 -12.04 4.31
N VAL A 317 -31.45 -13.13 4.75
CA VAL A 317 -29.99 -13.26 4.80
C VAL A 317 -29.57 -14.60 4.19
N GLN A 318 -28.66 -14.54 3.23
CA GLN A 318 -28.08 -15.74 2.63
C GLN A 318 -26.67 -15.91 3.17
N ALA A 319 -26.34 -17.13 3.56
CA ALA A 319 -25.02 -17.45 4.10
C ALA A 319 -24.56 -18.77 3.49
N GLU A 320 -23.25 -18.97 3.50
CA GLU A 320 -22.67 -20.16 2.88
C GLU A 320 -21.56 -20.71 3.76
N ARG A 321 -21.41 -22.04 3.73
CA ARG A 321 -20.33 -22.76 4.40
C ARG A 321 -19.72 -23.73 3.39
N SER A 322 -18.55 -23.40 2.86
CA SER A 322 -17.86 -24.21 1.86
C SER A 322 -16.59 -24.81 2.47
N GLY A 323 -15.90 -25.59 1.64
CA GLY A 323 -14.65 -26.17 2.09
C GLY A 323 -14.84 -27.25 3.14
N ILE A 324 -15.79 -28.16 2.90
CA ILE A 324 -15.99 -29.29 3.80
C ILE A 324 -15.44 -30.54 3.12
N PRO A 325 -14.20 -30.94 3.42
CA PRO A 325 -13.56 -32.02 2.66
C PRO A 325 -14.29 -33.36 2.84
N ILE A 326 -14.43 -34.07 1.73
CA ILE A 326 -14.92 -35.45 1.75
C ILE A 326 -13.70 -36.33 1.92
N VAL A 327 -13.56 -36.96 3.09
CA VAL A 327 -12.34 -37.65 3.47
C VAL A 327 -12.68 -39.09 3.86
N THR A 328 -11.62 -39.89 3.98
CA THR A 328 -11.70 -41.25 4.47
C THR A 328 -10.97 -41.41 5.79
N SER A 329 -10.43 -40.31 6.35
CA SER A 329 -9.74 -40.35 7.61
C SER A 329 -9.91 -39.04 8.37
N PRO A 330 -10.27 -39.11 9.66
CA PRO A 330 -10.46 -37.88 10.46
C PRO A 330 -9.18 -37.12 10.77
N TYR A 331 -8.00 -37.69 10.51
CA TYR A 331 -6.77 -37.02 10.89
C TYR A 331 -5.82 -36.91 9.71
N GLN A 332 -4.69 -36.22 9.95
CA GLN A 332 -3.69 -35.93 8.94
C GLN A 332 -2.36 -35.68 9.63
N ILE A 333 -1.36 -36.50 9.31
CA ILE A 333 -0.07 -36.47 10.00
C ILE A 333 0.93 -35.61 9.23
N HIS A 334 1.65 -34.74 9.93
CA HIS A 334 2.63 -33.84 9.36
C HIS A 334 3.96 -33.97 10.09
N PHE A 335 5.05 -33.97 9.32
CA PHE A 335 6.42 -33.97 9.85
C PHE A 335 7.11 -32.62 9.67
N THR A 336 6.36 -31.52 9.74
CA THR A 336 6.90 -30.19 9.52
C THR A 336 7.65 -29.66 10.73
N LYS A 337 7.69 -30.42 11.83
CA LYS A 337 8.36 -30.02 13.05
C LYS A 337 9.47 -30.97 13.46
N THR A 338 9.79 -31.99 12.65
CA THR A 338 10.82 -32.96 12.99
C THR A 338 12.08 -32.82 12.15
N PRO A 339 13.25 -32.69 12.79
CA PRO A 339 14.52 -32.59 12.05
C PRO A 339 14.68 -33.73 11.05
N LYS A 340 15.30 -33.44 9.91
CA LYS A 340 15.48 -34.45 8.88
C LYS A 340 16.91 -35.00 8.83
N TYR A 341 17.64 -34.93 9.94
CA TYR A 341 18.97 -35.51 10.04
C TYR A 341 19.12 -36.16 11.42
N PHE A 342 19.74 -37.34 11.46
CA PHE A 342 19.92 -38.09 12.69
C PHE A 342 21.39 -38.36 12.96
N LYS A 343 21.69 -38.71 14.20
CA LYS A 343 23.02 -39.11 14.62
C LYS A 343 23.04 -40.61 14.83
N PRO A 344 23.73 -41.37 13.95
CA PRO A 344 23.73 -42.83 14.04
C PRO A 344 24.12 -43.39 15.40
N GLY A 345 23.26 -44.23 15.96
CA GLY A 345 23.49 -44.79 17.27
C GLY A 345 22.85 -44.04 18.41
N MET A 346 22.40 -42.81 18.17
CA MET A 346 21.80 -42.04 19.23
C MET A 346 20.28 -41.98 19.08
N PRO A 347 19.55 -41.82 20.20
CA PRO A 347 18.09 -41.67 20.12
C PRO A 347 17.65 -40.52 19.23
N PHE A 348 16.75 -40.81 18.29
CA PHE A 348 16.16 -39.83 17.38
C PHE A 348 14.77 -39.40 17.83
N ASP A 349 14.56 -38.10 18.02
CA ASP A 349 13.30 -37.55 18.48
C ASP A 349 12.48 -37.06 17.28
N LEU A 350 11.19 -37.37 17.29
CA LEU A 350 10.24 -36.96 16.26
C LEU A 350 9.14 -36.10 16.86
N MET A 351 8.83 -34.97 16.21
CA MET A 351 7.71 -34.10 16.61
C MET A 351 6.55 -34.24 15.63
N VAL A 352 5.72 -35.25 15.85
CA VAL A 352 4.57 -35.52 14.98
C VAL A 352 3.55 -34.39 15.15
N PHE A 353 3.03 -33.87 14.03
CA PHE A 353 2.03 -32.80 14.04
C PHE A 353 0.73 -33.30 13.40
N VAL A 354 -0.22 -33.70 14.23
CA VAL A 354 -1.50 -34.26 13.79
C VAL A 354 -2.55 -33.15 13.74
N THR A 355 -3.21 -32.99 12.60
CA THR A 355 -4.21 -31.95 12.43
C THR A 355 -5.52 -32.57 11.95
N ASN A 356 -6.61 -31.82 12.16
CA ASN A 356 -7.91 -32.15 11.62
C ASN A 356 -7.97 -31.77 10.14
N PRO A 357 -8.91 -32.35 9.38
CA PRO A 357 -8.97 -32.03 7.95
C PRO A 357 -9.03 -30.54 7.64
N ASP A 358 -9.53 -29.72 8.55
CA ASP A 358 -9.62 -28.29 8.33
C ASP A 358 -8.34 -27.56 8.68
N GLY A 359 -7.34 -28.25 9.23
CA GLY A 359 -6.05 -27.68 9.55
C GLY A 359 -5.84 -27.40 11.03
N SER A 360 -6.91 -27.42 11.83
CA SER A 360 -6.79 -27.16 13.25
C SER A 360 -6.08 -28.33 13.95
N PRO A 361 -5.39 -28.05 15.05
CA PRO A 361 -4.76 -29.13 15.82
C PRO A 361 -5.79 -30.11 16.36
N ALA A 362 -5.39 -31.37 16.53
CA ALA A 362 -6.23 -32.43 17.06
C ALA A 362 -5.68 -32.85 18.41
N TYR A 363 -6.56 -32.87 19.40
CA TYR A 363 -6.20 -33.11 20.80
C TYR A 363 -6.42 -34.57 21.19
N ARG A 364 -5.42 -35.14 21.90
CA ARG A 364 -5.47 -36.53 22.36
C ARG A 364 -5.67 -37.53 21.22
N VAL A 365 -4.69 -37.58 20.33
CA VAL A 365 -4.75 -38.54 19.23
C VAL A 365 -3.59 -39.53 19.30
N PRO A 366 -3.90 -40.81 19.53
CA PRO A 366 -2.85 -41.84 19.59
C PRO A 366 -2.11 -42.01 18.26
N VAL A 367 -0.77 -41.92 18.32
CA VAL A 367 0.07 -42.14 17.16
C VAL A 367 1.15 -43.14 17.53
N ALA A 368 1.58 -43.94 16.55
CA ALA A 368 2.59 -44.97 16.76
C ALA A 368 3.35 -45.23 15.46
N VAL A 369 4.52 -45.89 15.60
CA VAL A 369 5.34 -46.27 14.46
C VAL A 369 5.02 -47.70 14.06
N GLN A 370 4.98 -47.95 12.74
CA GLN A 370 4.69 -49.28 12.21
C GLN A 370 5.75 -50.29 12.65
N GLY A 371 5.30 -51.41 13.24
CA GLY A 371 6.19 -52.46 13.69
C GLY A 371 6.67 -52.31 15.13
N GLU A 372 6.52 -51.11 15.69
CA GLU A 372 6.90 -50.74 17.05
C GLU A 372 5.66 -50.20 17.77
N ASP A 373 4.80 -51.12 18.21
CA ASP A 373 3.58 -50.72 18.91
C ASP A 373 3.91 -50.11 20.26
N THR A 374 5.10 -50.40 20.79
CA THR A 374 5.56 -49.85 22.06
C THR A 374 5.72 -48.33 21.98
N VAL A 375 6.21 -47.83 20.85
CA VAL A 375 6.41 -46.39 20.67
C VAL A 375 5.10 -45.73 20.25
N GLN A 376 4.19 -45.59 21.21
CA GLN A 376 2.87 -44.99 21.01
C GLN A 376 2.70 -43.79 21.93
N SER A 377 2.58 -42.60 21.35
CA SER A 377 2.48 -41.38 22.14
C SER A 377 1.13 -40.73 21.89
N LEU A 378 0.85 -39.67 22.65
CA LEU A 378 -0.43 -38.97 22.61
C LEU A 378 -0.21 -37.50 22.29
N THR A 379 -1.02 -36.95 21.37
CA THR A 379 -0.88 -35.55 20.99
C THR A 379 -1.24 -34.65 22.16
N GLN A 380 -0.61 -33.47 22.20
CA GLN A 380 -0.82 -32.50 23.26
C GLN A 380 -1.96 -31.56 22.85
N GLY A 381 -2.04 -30.38 23.48
CA GLY A 381 -3.08 -29.44 23.13
C GLY A 381 -2.89 -28.85 21.75
N ASP A 382 -1.64 -28.77 21.29
CA ASP A 382 -1.27 -28.26 19.98
C ASP A 382 -1.23 -29.35 18.93
N GLY A 383 -1.61 -30.58 19.29
CA GLY A 383 -1.61 -31.68 18.35
C GLY A 383 -0.22 -32.12 17.98
N VAL A 384 0.74 -31.98 18.90
CA VAL A 384 2.12 -32.37 18.68
C VAL A 384 2.48 -33.43 19.71
N ALA A 385 2.94 -34.58 19.24
CA ALA A 385 3.37 -35.69 20.06
C ALA A 385 4.86 -35.91 19.85
N LYS A 386 5.50 -36.53 20.84
CA LYS A 386 6.93 -36.81 20.78
C LYS A 386 7.15 -38.32 20.69
N LEU A 387 7.94 -38.74 19.71
CA LEU A 387 8.26 -40.14 19.49
C LEU A 387 9.78 -40.28 19.41
N SER A 388 10.35 -40.97 20.39
CA SER A 388 11.78 -41.23 20.44
C SER A 388 12.04 -42.66 19.98
N ILE A 389 12.95 -42.82 19.03
CA ILE A 389 13.36 -44.14 18.57
C ILE A 389 14.85 -44.34 18.87
N ASN A 390 15.32 -45.57 18.66
CA ASN A 390 16.71 -45.93 18.88
C ASN A 390 17.39 -46.22 17.55
N THR A 391 18.42 -45.44 17.21
CA THR A 391 19.15 -45.63 15.97
C THR A 391 20.32 -46.57 16.20
N HIS A 392 20.61 -47.42 15.18
CA HIS A 392 21.80 -48.27 15.25
C HIS A 392 22.98 -47.56 14.59
N PRO A 393 24.23 -47.79 15.05
CA PRO A 393 25.35 -47.14 14.36
C PRO A 393 25.42 -47.64 12.94
N SER A 394 24.95 -46.83 11.99
CA SER A 394 24.95 -47.22 10.59
C SER A 394 24.80 -45.99 9.72
N GLN A 395 25.08 -46.18 8.42
CA GLN A 395 24.96 -45.13 7.43
C GLN A 395 23.76 -45.36 6.52
N LYS A 396 22.86 -46.27 6.88
CA LYS A 396 21.65 -46.54 6.11
C LYS A 396 20.58 -45.49 6.40
N PRO A 397 19.90 -44.99 5.36
CA PRO A 397 18.85 -43.97 5.55
C PRO A 397 17.69 -44.44 6.42
N LEU A 398 17.42 -43.69 7.48
CA LEU A 398 16.39 -44.03 8.45
C LEU A 398 15.00 -43.62 7.93
N SER A 399 14.18 -44.61 7.59
CA SER A 399 12.84 -44.37 7.05
C SER A 399 11.79 -44.59 8.13
N ILE A 400 10.97 -43.58 8.42
CA ILE A 400 9.97 -43.68 9.48
C ILE A 400 8.58 -43.57 8.87
N THR A 401 7.67 -44.43 9.31
CA THR A 401 6.27 -44.39 8.91
C THR A 401 5.40 -44.32 10.16
N VAL A 402 4.66 -43.24 10.34
CA VAL A 402 3.82 -43.06 11.51
C VAL A 402 2.36 -43.20 11.10
N ARG A 403 1.60 -43.95 11.89
CA ARG A 403 0.18 -44.12 11.67
C ARG A 403 -0.58 -43.75 12.94
N THR A 404 -1.84 -43.37 12.78
CA THR A 404 -2.68 -43.14 13.94
C THR A 404 -3.28 -44.47 14.39
N LYS A 405 -3.35 -44.67 15.70
CA LYS A 405 -3.91 -45.86 16.31
C LYS A 405 -5.07 -45.48 17.21
N LYS A 406 -5.88 -44.53 16.74
CA LYS A 406 -7.05 -44.19 17.53
C LYS A 406 -7.93 -45.42 17.54
N GLN A 407 -8.10 -45.99 18.73
CA GLN A 407 -9.01 -47.10 18.92
C GLN A 407 -10.40 -46.64 18.52
N GLU A 408 -11.32 -47.60 18.43
CA GLU A 408 -12.70 -47.37 17.99
C GLU A 408 -12.80 -46.86 16.55
N LEU A 409 -11.66 -46.78 15.85
CA LEU A 409 -11.56 -46.41 14.44
C LEU A 409 -10.92 -47.57 13.69
N SER A 410 -11.54 -47.98 12.58
CA SER A 410 -11.00 -49.08 11.80
C SER A 410 -9.69 -48.67 11.13
N GLU A 411 -8.90 -49.68 10.74
CA GLU A 411 -7.57 -49.44 10.18
C GLU A 411 -7.63 -48.76 8.82
N ALA A 412 -8.77 -48.84 8.13
CA ALA A 412 -8.91 -48.20 6.83
C ALA A 412 -9.03 -46.68 6.96
N GLU A 413 -9.44 -46.19 8.13
CA GLU A 413 -9.65 -44.76 8.37
C GLU A 413 -8.51 -44.12 9.16
N GLN A 414 -7.51 -44.91 9.58
CA GLN A 414 -6.35 -44.35 10.27
C GLN A 414 -5.42 -43.59 9.30
N ALA A 415 -4.97 -42.42 9.74
CA ALA A 415 -4.07 -41.56 8.98
C ALA A 415 -2.62 -42.07 9.00
N THR A 416 -1.90 -41.87 7.89
CA THR A 416 -0.52 -42.31 7.76
C THR A 416 0.33 -41.33 6.95
N ARG A 417 1.61 -41.26 7.31
CA ARG A 417 2.62 -40.41 6.67
C ARG A 417 3.98 -41.08 6.81
N THR A 418 4.82 -40.89 5.79
CA THR A 418 6.15 -41.50 5.73
C THR A 418 7.23 -40.45 5.55
N MET A 419 8.24 -40.46 6.41
CA MET A 419 9.37 -39.56 6.30
C MET A 419 10.68 -40.34 6.22
N GLN A 420 11.77 -39.61 5.98
CA GLN A 420 13.11 -40.15 5.87
C GLN A 420 14.11 -39.16 6.48
N ALA A 421 15.12 -39.69 7.18
CA ALA A 421 16.15 -38.85 7.78
C ALA A 421 17.51 -39.31 7.28
N LEU A 422 18.45 -38.36 7.14
CA LEU A 422 19.76 -38.73 6.63
C LEU A 422 20.84 -38.74 7.72
N PRO A 423 21.83 -39.62 7.59
CA PRO A 423 22.91 -39.70 8.58
C PRO A 423 23.71 -38.40 8.66
N TYR A 424 24.01 -37.99 9.90
CA TYR A 424 24.85 -36.82 10.12
C TYR A 424 26.30 -37.16 9.81
N SER A 425 26.75 -36.74 8.61
CA SER A 425 28.11 -37.03 8.18
C SER A 425 29.10 -36.36 9.13
N THR A 426 30.12 -37.11 9.57
CA THR A 426 31.07 -36.59 10.53
C THR A 426 32.40 -36.24 9.86
N VAL A 427 33.21 -35.47 10.60
CA VAL A 427 34.47 -34.95 10.10
C VAL A 427 35.52 -36.06 10.06
N GLY A 428 35.85 -36.51 8.87
CA GLY A 428 36.86 -37.54 8.68
C GLY A 428 36.44 -38.89 9.21
N ASN A 429 35.14 -39.20 9.19
CA ASN A 429 34.58 -40.48 9.65
C ASN A 429 35.06 -40.81 11.07
N SER A 430 35.13 -39.79 11.92
CA SER A 430 35.63 -39.95 13.27
C SER A 430 34.55 -40.45 14.22
N ASN A 431 33.31 -40.52 13.74
CA ASN A 431 32.18 -41.00 14.54
C ASN A 431 32.05 -40.20 15.84
N ASN A 432 32.20 -38.88 15.74
CA ASN A 432 31.98 -37.97 16.86
C ASN A 432 30.65 -37.24 16.66
N TYR A 433 29.68 -37.54 17.51
CA TYR A 433 28.33 -37.04 17.39
C TYR A 433 27.92 -36.28 18.65
N LEU A 434 27.04 -35.29 18.49
CA LEU A 434 26.45 -34.58 19.62
C LEU A 434 24.93 -34.64 19.50
N HIS A 435 24.24 -34.90 20.61
CA HIS A 435 22.78 -35.03 20.58
C HIS A 435 22.14 -34.21 21.70
N LEU A 436 21.31 -33.25 21.30
CA LEU A 436 20.53 -32.37 22.18
C LEU A 436 19.08 -32.86 22.27
N SER A 437 18.61 -33.15 23.48
CA SER A 437 17.21 -33.55 23.63
C SER A 437 16.52 -32.57 24.57
N VAL A 438 15.23 -32.36 24.32
CA VAL A 438 14.42 -31.39 25.05
C VAL A 438 13.05 -31.99 25.33
N LEU A 439 12.57 -31.79 26.56
CA LEU A 439 11.24 -32.22 26.95
C LEU A 439 10.15 -31.55 26.12
N ARG A 440 9.40 -32.34 25.35
CA ARG A 440 8.39 -31.81 24.45
C ARG A 440 7.15 -31.45 25.27
N THR A 441 6.95 -30.16 25.48
CA THR A 441 5.81 -29.66 26.25
C THR A 441 5.65 -28.19 25.94
N GLU A 442 4.39 -27.74 25.89
CA GLU A 442 4.04 -26.36 25.67
C GLU A 442 4.81 -25.47 26.65
N LEU A 443 5.80 -24.74 26.14
CA LEU A 443 6.70 -23.95 26.97
C LEU A 443 6.14 -22.53 27.11
N ARG A 444 6.21 -22.01 28.34
CA ARG A 444 5.72 -20.69 28.64
C ARG A 444 6.81 -19.82 29.26
N PRO A 445 6.76 -18.51 29.01
CA PRO A 445 7.71 -17.59 29.66
C PRO A 445 7.62 -17.71 31.18
N GLY A 446 8.79 -17.77 31.82
CA GLY A 446 8.83 -17.91 33.26
C GLY A 446 9.15 -19.31 33.74
N GLU A 447 9.50 -20.23 32.86
CA GLU A 447 9.83 -21.59 33.26
C GLU A 447 11.31 -21.84 33.01
N THR A 448 11.73 -23.10 33.19
CA THR A 448 13.12 -23.50 32.95
C THR A 448 13.15 -24.82 32.20
N LEU A 449 13.89 -24.87 31.10
CA LEU A 449 13.98 -26.07 30.28
C LEU A 449 15.35 -26.70 30.46
N ASN A 450 15.38 -28.00 30.72
CA ASN A 450 16.63 -28.75 30.88
C ASN A 450 17.12 -29.29 29.52
N VAL A 451 18.21 -28.70 29.02
CA VAL A 451 18.81 -29.12 27.75
C VAL A 451 19.89 -30.18 28.01
N ASN A 452 19.69 -31.39 27.48
CA ASN A 452 20.60 -32.51 27.69
C ASN A 452 21.66 -32.58 26.60
N PHE A 453 22.91 -32.29 26.95
CA PHE A 453 24.05 -32.41 26.03
C PHE A 453 24.60 -33.84 26.16
N LEU A 454 24.48 -34.63 25.10
CA LEU A 454 24.97 -36.01 25.09
C LEU A 454 26.10 -36.15 24.08
N LEU A 455 27.24 -36.63 24.55
CA LEU A 455 28.45 -36.76 23.76
C LEU A 455 28.69 -38.21 23.40
N ARG A 456 29.14 -38.45 22.17
CA ARG A 456 29.58 -39.76 21.73
C ARG A 456 30.85 -39.56 20.93
N MET A 457 31.93 -40.23 21.35
CA MET A 457 33.21 -40.15 20.65
C MET A 457 34.12 -41.22 21.23
N ASP A 458 35.26 -41.41 20.58
CA ASP A 458 36.23 -42.36 21.09
C ASP A 458 36.85 -41.84 22.38
N ARG A 459 37.39 -42.76 23.19
CA ARG A 459 37.93 -42.37 24.48
C ARG A 459 39.32 -41.77 24.39
N ALA A 460 39.92 -41.78 23.19
CA ALA A 460 41.26 -41.25 22.99
C ALA A 460 41.30 -39.74 23.14
N HIS A 461 40.16 -39.07 22.96
CA HIS A 461 40.11 -37.62 23.02
C HIS A 461 38.89 -37.12 23.78
N GLU A 462 38.25 -37.97 24.58
CA GLU A 462 37.02 -37.58 25.26
C GLU A 462 37.32 -36.65 26.42
N ALA A 463 38.54 -36.70 26.95
CA ALA A 463 38.91 -35.88 28.10
C ALA A 463 39.27 -34.46 27.66
N LYS A 464 39.53 -34.28 26.35
CA LYS A 464 39.91 -33.00 25.80
C LYS A 464 38.73 -32.03 25.78
N ILE A 465 37.51 -32.55 25.65
CA ILE A 465 36.29 -31.75 25.61
C ILE A 465 36.02 -31.22 27.01
N ARG A 466 36.24 -29.91 27.21
CA ARG A 466 36.09 -29.30 28.53
C ARG A 466 34.91 -28.34 28.62
N TYR A 467 34.35 -27.93 27.48
CA TYR A 467 33.23 -26.99 27.48
C TYR A 467 32.46 -27.13 26.18
N TYR A 468 31.19 -26.73 26.21
CA TYR A 468 30.37 -26.62 25.01
C TYR A 468 30.02 -25.15 24.78
N THR A 469 29.89 -24.77 23.51
CA THR A 469 29.45 -23.43 23.12
C THR A 469 28.03 -23.50 22.54
N TYR A 470 27.09 -22.88 23.24
CA TYR A 470 25.67 -22.91 22.87
C TYR A 470 25.15 -21.53 22.48
N LEU A 471 24.32 -21.48 21.45
CA LEU A 471 23.75 -20.24 20.92
C LEU A 471 22.24 -20.38 20.75
N ILE A 472 21.53 -19.27 20.96
CA ILE A 472 20.07 -19.24 20.87
C ILE A 472 19.67 -18.25 19.78
N MET A 473 18.76 -18.68 18.91
CA MET A 473 18.23 -17.86 17.81
C MET A 473 16.77 -17.55 18.05
N ASN A 474 16.45 -16.26 18.15
CA ASN A 474 15.08 -15.82 18.34
C ASN A 474 14.75 -14.66 17.43
N LYS A 475 13.60 -14.76 16.74
CA LYS A 475 13.13 -13.77 15.77
C LYS A 475 14.14 -13.52 14.64
N GLY A 476 15.06 -14.44 14.42
CA GLY A 476 16.04 -14.28 13.35
C GLY A 476 17.29 -13.53 13.72
N ARG A 477 17.59 -13.39 15.01
CA ARG A 477 18.81 -12.72 15.45
C ARG A 477 19.33 -13.44 16.69
N LEU A 478 20.63 -13.31 16.93
CA LEU A 478 21.27 -13.98 18.06
C LEU A 478 20.88 -13.33 19.37
N LEU A 479 20.14 -14.08 20.19
CA LEU A 479 19.65 -13.60 21.48
C LEU A 479 20.65 -13.81 22.62
N LYS A 480 21.29 -14.97 22.71
CA LYS A 480 22.15 -15.27 23.85
C LYS A 480 23.21 -16.32 23.48
N ALA A 481 24.43 -16.12 23.98
CA ALA A 481 25.52 -17.06 23.77
C ALA A 481 26.26 -17.27 25.10
N GLY A 482 26.76 -18.48 25.31
CA GLY A 482 27.45 -18.79 26.55
C GLY A 482 28.20 -20.11 26.47
N ARG A 483 28.73 -20.53 27.62
CA ARG A 483 29.52 -21.75 27.74
C ARG A 483 28.89 -22.75 28.71
N GLN A 484 29.14 -24.04 28.47
CA GLN A 484 28.68 -25.13 29.33
C GLN A 484 29.89 -25.98 29.71
N VAL A 485 30.31 -25.87 30.98
CA VAL A 485 31.50 -26.57 31.44
C VAL A 485 31.22 -28.07 31.51
N ARG A 486 32.15 -28.86 30.98
CA ARG A 486 32.03 -30.32 30.97
C ARG A 486 33.34 -30.91 31.46
N GLU A 487 33.24 -31.78 32.46
CA GLU A 487 34.40 -32.44 33.05
C GLU A 487 34.72 -33.74 32.31
N PRO A 488 36.01 -34.09 32.25
CA PRO A 488 36.40 -35.34 31.59
C PRO A 488 35.72 -36.54 32.26
N GLY A 489 35.04 -37.34 31.44
CA GLY A 489 34.31 -38.49 31.90
C GLY A 489 32.81 -38.33 31.78
N GLN A 490 32.30 -37.12 31.99
CA GLN A 490 30.87 -36.89 31.90
C GLN A 490 30.41 -37.01 30.45
N ASP A 491 29.42 -37.87 30.23
CA ASP A 491 28.85 -38.09 28.92
C ASP A 491 27.66 -37.17 28.67
N LEU A 492 26.91 -36.88 29.73
CA LEU A 492 25.70 -36.08 29.67
C LEU A 492 25.77 -34.96 30.70
N VAL A 493 25.52 -33.72 30.26
CA VAL A 493 25.43 -32.57 31.14
C VAL A 493 24.11 -31.87 30.85
N VAL A 494 23.58 -31.18 31.87
CA VAL A 494 22.27 -30.55 31.82
C VAL A 494 22.42 -29.04 31.88
N LEU A 495 21.79 -28.33 30.94
CA LEU A 495 21.81 -26.87 30.95
C LEU A 495 20.46 -26.29 31.39
N PRO A 496 20.38 -25.68 32.57
CA PRO A 496 19.15 -25.02 33.02
C PRO A 496 18.87 -23.69 32.31
N LEU A 497 18.13 -23.71 31.22
CA LEU A 497 17.89 -22.49 30.44
C LEU A 497 16.62 -21.78 30.92
N SER A 498 16.80 -20.53 31.39
CA SER A 498 15.71 -19.68 31.88
C SER A 498 14.93 -19.08 30.72
N ILE A 499 13.63 -19.37 30.64
CA ILE A 499 12.77 -18.92 29.55
C ILE A 499 12.06 -17.64 30.01
N THR A 500 12.30 -16.53 29.30
CA THR A 500 11.64 -15.26 29.56
C THR A 500 10.71 -14.92 28.39
N THR A 501 10.26 -13.66 28.35
CA THR A 501 9.33 -13.24 27.31
C THR A 501 10.01 -12.96 25.97
N ASP A 502 11.35 -12.91 25.94
CA ASP A 502 12.10 -12.61 24.73
C ASP A 502 12.24 -13.83 23.82
N PHE A 503 11.70 -14.98 24.21
CA PHE A 503 11.79 -16.20 23.43
C PHE A 503 10.56 -16.46 22.58
N ILE A 504 9.48 -15.70 22.79
CA ILE A 504 8.28 -15.81 21.98
C ILE A 504 8.61 -15.39 20.55
N PRO A 505 8.15 -16.15 19.54
CA PRO A 505 7.32 -17.36 19.60
C PRO A 505 8.08 -18.70 19.67
N SER A 506 9.35 -18.72 19.25
CA SER A 506 10.13 -19.95 19.24
C SER A 506 11.61 -19.61 19.10
N PHE A 507 12.46 -20.55 19.52
CA PHE A 507 13.89 -20.36 19.46
C PHE A 507 14.59 -21.67 19.11
N ARG A 508 15.74 -21.54 18.45
CA ARG A 508 16.62 -22.66 18.10
C ARG A 508 17.87 -22.65 18.99
N LEU A 509 18.23 -23.82 19.53
CA LEU A 509 19.44 -23.97 20.33
C LEU A 509 20.43 -24.81 19.53
N VAL A 510 21.52 -24.19 19.09
CA VAL A 510 22.56 -24.87 18.31
C VAL A 510 23.85 -24.87 19.13
N ALA A 511 24.33 -26.05 19.52
CA ALA A 511 25.53 -26.18 20.32
C ALA A 511 26.58 -26.98 19.57
N TYR A 512 27.85 -26.64 19.83
CA TYR A 512 28.97 -27.30 19.18
C TYR A 512 30.16 -27.32 20.12
N TYR A 513 31.08 -28.24 19.81
CA TYR A 513 32.35 -28.35 20.52
C TYR A 513 33.46 -28.54 19.49
N THR A 514 34.68 -28.16 19.88
CA THR A 514 35.82 -28.26 18.98
C THR A 514 36.98 -28.89 19.74
N LEU A 515 37.86 -29.56 18.99
CA LEU A 515 39.01 -30.22 19.57
C LEU A 515 40.04 -30.47 18.48
N ILE A 516 41.13 -31.12 18.88
CA ILE A 516 42.17 -31.58 17.95
C ILE A 516 42.24 -33.08 18.21
N GLY A 517 41.73 -33.87 17.27
CA GLY A 517 41.64 -35.30 17.46
C GLY A 517 42.06 -36.08 16.23
N ALA A 518 41.91 -37.41 16.35
CA ALA A 518 42.21 -38.37 15.29
C ALA A 518 43.64 -38.17 14.80
N SER A 519 43.80 -37.79 13.53
CA SER A 519 45.12 -37.58 12.96
C SER A 519 45.62 -36.15 13.18
N GLY A 520 45.42 -35.62 14.37
CA GLY A 520 45.80 -34.27 14.72
C GLY A 520 45.07 -33.19 13.94
N GLN A 521 43.88 -33.51 13.43
CA GLN A 521 43.08 -32.59 12.63
C GLN A 521 42.16 -31.79 13.55
N ARG A 522 41.93 -30.54 13.20
CA ARG A 522 40.97 -29.72 13.94
C ARG A 522 39.56 -30.04 13.50
N GLU A 523 38.72 -30.50 14.45
CA GLU A 523 37.36 -30.96 14.18
C GLU A 523 36.32 -30.16 14.96
N VAL A 524 35.22 -29.83 14.28
CA VAL A 524 34.07 -29.16 14.89
C VAL A 524 32.83 -30.04 14.68
N VAL A 525 32.13 -30.35 15.78
CA VAL A 525 30.88 -31.12 15.73
C VAL A 525 29.78 -30.29 16.35
N ALA A 526 28.64 -30.16 15.64
CA ALA A 526 27.52 -29.31 16.07
C ALA A 526 26.20 -30.07 16.02
N ASP A 527 25.20 -29.52 16.70
CA ASP A 527 23.83 -30.03 16.67
C ASP A 527 22.85 -28.96 17.12
N SER A 528 21.68 -28.89 16.46
CA SER A 528 20.66 -27.89 16.77
C SER A 528 19.29 -28.52 16.98
N VAL A 529 18.43 -27.81 17.72
CA VAL A 529 17.05 -28.24 17.99
C VAL A 529 16.12 -27.03 18.03
N TRP A 530 14.90 -27.19 17.53
CA TRP A 530 13.87 -26.15 17.51
C TRP A 530 12.87 -26.37 18.63
N VAL A 531 12.62 -25.33 19.42
CA VAL A 531 11.69 -25.36 20.55
C VAL A 531 10.62 -24.30 20.36
N ASP A 532 9.35 -24.72 20.40
CA ASP A 532 8.23 -23.80 20.29
C ASP A 532 7.86 -23.26 21.67
N VAL A 533 7.36 -22.03 21.70
CA VAL A 533 6.91 -21.39 22.93
C VAL A 533 5.48 -20.93 22.73
N LYS A 534 4.69 -20.95 23.81
CA LYS A 534 3.30 -20.51 23.77
C LYS A 534 3.14 -19.09 23.24
N ASP A 535 2.61 -18.96 22.03
CA ASP A 535 2.44 -17.65 21.41
C ASP A 535 1.51 -16.77 22.24
N SER A 536 1.97 -15.58 22.56
CA SER A 536 1.21 -14.64 23.39
C SER A 536 1.84 -13.26 23.25
N CYS A 537 1.21 -12.27 23.88
CA CYS A 537 1.77 -10.94 23.94
C CYS A 537 2.91 -10.90 24.95
N VAL A 538 3.83 -9.97 24.74
CA VAL A 538 4.93 -9.82 25.69
C VAL A 538 4.39 -9.36 27.03
N GLY A 539 3.52 -8.34 27.00
CA GLY A 539 2.78 -7.89 28.16
C GLY A 539 1.36 -8.42 28.17
N SER A 540 0.38 -7.54 28.34
CA SER A 540 -1.02 -7.95 28.32
C SER A 540 -1.91 -6.75 28.02
N LEU A 541 -3.08 -7.03 27.47
CA LEU A 541 -4.05 -5.98 27.16
C LEU A 541 -5.44 -6.61 27.16
N VAL A 542 -6.26 -6.23 28.15
CA VAL A 542 -7.61 -6.77 28.33
C VAL A 542 -8.61 -5.61 28.38
N VAL A 543 -9.73 -5.75 27.67
CA VAL A 543 -10.82 -4.79 27.69
C VAL A 543 -12.06 -5.47 28.29
N LYS A 544 -12.58 -4.91 29.38
CA LYS A 544 -13.76 -5.49 30.03
C LYS A 544 -14.70 -4.38 30.48
N SER A 545 -15.80 -4.78 31.14
CA SER A 545 -16.81 -3.84 31.60
C SER A 545 -16.37 -3.03 32.82
N GLY A 546 -16.54 -1.71 32.74
CA GLY A 546 -16.18 -0.81 33.81
C GLY A 546 -17.43 -0.47 34.60
N GLN A 547 -18.42 -1.35 34.56
CA GLN A 547 -19.70 -1.12 35.25
C GLN A 547 -20.31 -2.47 35.64
N SER A 548 -21.49 -2.39 36.25
CA SER A 548 -22.20 -3.58 36.72
C SER A 548 -22.76 -4.39 35.56
N GLU A 549 -22.45 -5.69 35.55
CA GLU A 549 -22.89 -6.60 34.48
C GLU A 549 -24.40 -6.63 34.30
N ASP A 550 -25.17 -6.37 35.36
CA ASP A 550 -26.62 -6.39 35.21
C ASP A 550 -27.11 -5.25 34.32
N ARG A 551 -26.45 -4.09 34.41
CA ARG A 551 -26.82 -2.94 33.59
C ARG A 551 -26.51 -3.18 32.11
N GLN A 552 -27.59 -3.12 31.25
CA GLN A 552 -27.38 -3.38 29.84
C GLN A 552 -27.24 -2.02 29.17
N PRO A 553 -26.35 -1.77 28.21
CA PRO A 553 -26.30 -0.42 27.65
C PRO A 553 -27.59 -0.05 26.94
N VAL A 554 -27.70 1.24 26.62
CA VAL A 554 -28.91 1.76 25.99
C VAL A 554 -28.49 2.61 24.80
N PRO A 555 -29.23 2.65 23.68
CA PRO A 555 -28.81 3.53 22.58
C PRO A 555 -28.62 4.98 23.02
N GLY A 556 -27.38 5.45 23.12
CA GLY A 556 -27.05 6.81 23.49
C GLY A 556 -26.47 6.95 24.88
N GLN A 557 -26.66 5.92 25.70
CA GLN A 557 -26.27 5.88 27.10
C GLN A 557 -24.77 5.95 27.29
N GLN A 558 -24.32 6.76 28.24
CA GLN A 558 -22.89 6.77 28.56
C GLN A 558 -22.51 5.44 29.20
N MET A 559 -21.28 5.00 28.95
CA MET A 559 -20.79 3.74 29.48
C MET A 559 -19.34 3.90 29.91
N THR A 560 -18.90 3.07 30.87
CA THR A 560 -17.51 3.06 31.30
C THR A 560 -16.80 1.80 30.80
N LEU A 561 -15.65 1.99 30.18
CA LEU A 561 -14.83 0.91 29.65
C LEU A 561 -13.57 0.75 30.51
N LYS A 562 -13.37 -0.43 31.08
CA LYS A 562 -12.17 -0.72 31.87
C LYS A 562 -11.09 -1.30 30.94
N ILE A 563 -10.00 -0.55 30.77
CA ILE A 563 -8.85 -0.97 29.98
C ILE A 563 -7.68 -1.21 30.93
N GLU A 564 -7.15 -2.43 30.91
CA GLU A 564 -6.00 -2.82 31.74
C GLU A 564 -4.91 -3.34 30.81
N GLY A 565 -3.78 -2.65 30.80
CA GLY A 565 -2.66 -2.99 29.94
C GLY A 565 -1.30 -2.64 30.52
N ASP A 566 -0.29 -2.55 29.66
CA ASP A 566 1.07 -2.28 30.11
C ASP A 566 1.24 -0.81 30.48
N HIS A 567 2.08 -0.56 31.48
CA HIS A 567 2.28 0.81 31.94
C HIS A 567 2.93 1.64 30.83
N GLY A 568 2.35 2.81 30.56
CA GLY A 568 2.91 3.73 29.60
C GLY A 568 2.52 3.46 28.17
N ALA A 569 1.89 2.32 27.91
CA ALA A 569 1.56 1.92 26.55
C ALA A 569 0.48 2.81 25.95
N ARG A 570 0.63 3.13 24.68
CA ARG A 570 -0.39 3.86 23.93
C ARG A 570 -1.31 2.85 23.26
N VAL A 571 -2.58 2.88 23.63
CA VAL A 571 -3.60 1.96 23.13
C VAL A 571 -4.48 2.69 22.13
N VAL A 572 -4.72 2.06 20.98
CA VAL A 572 -5.59 2.58 19.94
C VAL A 572 -6.82 1.68 19.83
N LEU A 573 -8.00 2.30 19.69
CA LEU A 573 -9.27 1.60 19.79
C LEU A 573 -10.06 1.70 18.49
N VAL A 574 -11.13 0.89 18.42
CA VAL A 574 -12.09 0.90 17.31
C VAL A 574 -13.30 0.05 17.70
N ALA A 575 -14.51 0.57 17.46
CA ALA A 575 -15.75 -0.16 17.69
C ALA A 575 -16.43 -0.38 16.35
N VAL A 576 -16.70 -1.65 16.03
CA VAL A 576 -17.27 -2.06 14.75
C VAL A 576 -18.53 -2.87 14.99
N ASP A 577 -19.55 -2.63 14.17
CA ASP A 577 -20.78 -3.41 14.21
C ASP A 577 -20.53 -4.83 13.73
N LYS A 578 -21.11 -5.81 14.43
CA LYS A 578 -20.85 -7.20 14.10
C LYS A 578 -21.48 -7.57 12.77
N GLY A 579 -22.42 -6.76 12.29
CA GLY A 579 -22.99 -6.98 10.97
C GLY A 579 -21.95 -6.93 9.88
N VAL A 580 -21.00 -5.99 9.98
CA VAL A 580 -19.86 -5.89 9.08
C VAL A 580 -19.15 -7.24 8.94
N PHE A 581 -18.87 -7.89 10.05
CA PHE A 581 -18.15 -9.17 10.02
C PHE A 581 -18.99 -10.29 9.41
N VAL A 582 -20.32 -10.19 9.46
CA VAL A 582 -21.16 -11.16 8.77
C VAL A 582 -20.94 -11.11 7.27
N LEU A 583 -20.65 -9.93 6.72
CA LEU A 583 -20.34 -9.83 5.30
C LEU A 583 -18.89 -10.18 5.01
N ASN A 584 -17.95 -9.65 5.80
CA ASN A 584 -16.55 -9.94 5.56
C ASN A 584 -15.79 -9.96 6.87
N LYS A 585 -15.12 -11.08 7.13
CA LYS A 585 -14.33 -11.31 8.34
C LYS A 585 -12.90 -11.69 7.97
N LYS A 586 -12.34 -11.06 6.94
CA LYS A 586 -10.99 -11.39 6.51
C LYS A 586 -10.07 -10.20 6.79
N ASN A 587 -8.76 -10.51 6.84
CA ASN A 587 -7.73 -9.49 7.05
C ASN A 587 -7.89 -8.80 8.40
N LYS A 588 -8.49 -9.49 9.38
CA LYS A 588 -8.63 -8.89 10.70
C LYS A 588 -7.32 -9.08 11.46
N LEU A 589 -6.83 -7.99 12.06
CA LEU A 589 -5.57 -8.01 12.78
C LEU A 589 -5.73 -8.71 14.13
N THR A 590 -5.00 -9.80 14.33
CA THR A 590 -4.93 -10.54 15.58
C THR A 590 -3.48 -10.63 16.04
N GLN A 591 -3.27 -11.22 17.22
CA GLN A 591 -1.91 -11.42 17.70
C GLN A 591 -1.26 -12.62 17.03
N SER A 592 -2.06 -13.65 16.72
CA SER A 592 -1.55 -14.84 16.05
C SER A 592 -0.96 -14.50 14.69
N LYS A 593 -1.56 -13.52 14.00
CA LYS A 593 -1.05 -13.10 12.69
C LYS A 593 0.25 -12.31 12.81
N ILE A 594 0.42 -11.55 13.89
CA ILE A 594 1.69 -10.84 14.10
C ILE A 594 2.83 -11.83 14.23
N TRP A 595 2.70 -12.82 15.11
CA TRP A 595 3.73 -13.84 15.26
C TRP A 595 3.91 -14.66 14.00
N ASP A 596 2.84 -14.77 13.19
CA ASP A 596 2.94 -15.45 11.90
C ASP A 596 3.90 -14.71 10.98
N VAL A 597 3.74 -13.40 10.84
CA VAL A 597 4.65 -12.60 10.02
C VAL A 597 6.07 -12.72 10.54
N VAL A 598 6.25 -12.58 11.86
CA VAL A 598 7.58 -12.68 12.47
C VAL A 598 8.22 -14.03 12.16
N GLU A 599 7.47 -15.12 12.37
CA GLU A 599 8.01 -16.46 12.15
C GLU A 599 8.29 -16.73 10.68
N LYS A 600 7.59 -16.07 9.77
CA LYS A 600 7.83 -16.27 8.35
C LYS A 600 9.04 -15.49 7.86
N ALA A 601 9.51 -14.50 8.62
CA ALA A 601 10.70 -13.74 8.27
C ALA A 601 11.93 -14.26 9.02
N ASP A 602 11.88 -15.51 9.46
CA ASP A 602 12.98 -16.15 10.16
C ASP A 602 14.03 -16.62 9.16
N ILE A 603 15.31 -16.54 9.57
CA ILE A 603 16.40 -16.93 8.70
C ILE A 603 16.76 -18.41 8.86
N GLY A 604 16.31 -19.06 9.93
CA GLY A 604 16.48 -20.50 10.04
C GLY A 604 15.51 -21.23 9.12
N CYS A 605 15.95 -22.40 8.64
CA CYS A 605 15.19 -23.12 7.64
C CYS A 605 14.87 -24.57 7.98
N THR A 606 15.33 -25.08 9.12
CA THR A 606 15.14 -26.48 9.45
C THR A 606 14.71 -26.63 10.90
N PRO A 607 14.07 -27.76 11.23
CA PRO A 607 13.80 -28.04 12.65
C PRO A 607 15.06 -28.29 13.46
N GLY A 608 16.08 -28.88 12.87
CA GLY A 608 17.29 -29.11 13.63
C GLY A 608 18.29 -29.91 12.81
N SER A 609 19.55 -29.80 13.24
CA SER A 609 20.70 -30.50 12.68
C SER A 609 20.93 -30.20 11.19
N GLY A 610 21.82 -30.96 10.58
CA GLY A 610 22.15 -30.80 9.17
C GLY A 610 22.94 -32.00 8.69
N LYS A 611 23.35 -31.95 7.42
CA LYS A 611 24.09 -33.07 6.87
C LYS A 611 25.51 -33.14 7.42
N ASP A 612 26.10 -32.00 7.81
CA ASP A 612 27.42 -31.93 8.41
C ASP A 612 27.39 -30.81 9.43
N TYR A 613 28.57 -30.53 10.03
CA TYR A 613 28.60 -29.50 11.07
C TYR A 613 28.38 -28.11 10.48
N ALA A 614 28.67 -27.92 9.19
CA ALA A 614 28.39 -26.64 8.56
C ALA A 614 26.91 -26.51 8.22
N GLY A 615 26.28 -27.63 7.84
CA GLY A 615 24.86 -27.60 7.55
C GLY A 615 24.03 -27.26 8.77
N VAL A 616 24.52 -27.63 9.96
CA VAL A 616 23.83 -27.31 11.20
C VAL A 616 23.78 -25.80 11.43
N PHE A 617 24.91 -25.12 11.21
CA PHE A 617 24.97 -23.67 11.39
C PHE A 617 24.18 -22.92 10.32
N SER A 618 24.32 -23.32 9.06
CA SER A 618 23.64 -22.63 7.96
C SER A 618 22.13 -22.78 8.07
N ASP A 619 21.65 -23.98 8.36
CA ASP A 619 20.22 -24.21 8.44
C ASP A 619 19.59 -23.50 9.64
N ALA A 620 20.36 -23.22 10.67
CA ALA A 620 19.90 -22.49 11.83
C ALA A 620 20.16 -20.99 11.72
N GLY A 621 20.56 -20.51 10.55
CA GLY A 621 20.80 -19.10 10.34
C GLY A 621 22.06 -18.55 10.97
N LEU A 622 23.20 -19.22 10.78
CA LEU A 622 24.45 -18.80 11.37
C LEU A 622 25.62 -19.03 10.41
N THR A 623 26.64 -18.20 10.54
CA THR A 623 27.88 -18.33 9.78
C THR A 623 29.05 -18.50 10.76
N PHE A 624 29.73 -19.63 10.66
CA PHE A 624 30.89 -19.93 11.48
C PHE A 624 32.16 -19.82 10.64
N THR A 625 33.21 -19.22 11.20
CA THR A 625 34.47 -19.04 10.46
C THR A 625 35.63 -19.10 11.44
N SER A 626 36.45 -20.14 11.33
CA SER A 626 37.60 -20.33 12.20
C SER A 626 38.89 -19.89 11.50
N SER A 627 39.93 -19.65 12.31
CA SER A 627 41.21 -19.23 11.72
C SER A 627 41.91 -20.40 11.05
N SER A 628 41.64 -21.63 11.51
CA SER A 628 42.25 -22.82 10.92
C SER A 628 41.69 -23.13 9.53
N GLY A 629 40.51 -22.62 9.19
CA GLY A 629 39.90 -22.81 7.88
C GLY A 629 38.52 -23.43 7.88
N GLN A 630 38.07 -24.03 8.98
CA GLN A 630 36.74 -24.61 9.07
C GLN A 630 35.69 -23.50 9.06
N GLN A 631 34.91 -23.41 7.99
CA GLN A 631 33.91 -22.36 7.90
C GLN A 631 32.69 -22.86 7.15
N THR A 632 31.57 -22.16 7.34
CA THR A 632 30.33 -22.47 6.64
C THR A 632 30.34 -21.90 5.24
N ALA A 633 29.61 -22.57 4.34
CA ALA A 633 29.46 -22.07 2.98
C ALA A 633 28.74 -20.73 2.99
N GLN A 634 28.95 -19.97 1.91
CA GLN A 634 28.33 -18.66 1.77
C GLN A 634 26.83 -18.84 1.59
N ARG A 635 26.06 -17.82 1.98
CA ARG A 635 24.63 -17.83 1.75
C ARG A 635 24.26 -16.68 0.83
N ALA A 636 23.67 -17.01 -0.32
CA ALA A 636 23.30 -16.02 -1.33
C ALA A 636 21.79 -15.99 -1.52
N GLU A 637 21.04 -16.60 -0.60
CA GLU A 637 19.58 -16.67 -0.69
C GLU A 637 18.95 -15.98 0.51
N LEU A 638 18.26 -14.86 0.26
CA LEU A 638 17.56 -14.19 1.35
C LEU A 638 16.47 -15.09 1.91
N GLN A 639 15.81 -15.81 1.04
CA GLN A 639 14.71 -16.73 1.31
C GLN A 639 15.25 -18.16 1.47
N CYS A 640 14.57 -18.94 2.30
CA CYS A 640 14.99 -20.32 2.50
C CYS A 640 14.77 -21.15 1.22
N PRO A 641 15.55 -22.21 1.04
CA PRO A 641 15.32 -23.13 -0.08
C PRO A 641 14.07 -23.98 0.02
N GLN A 642 13.45 -24.18 -1.13
CA GLN A 642 12.37 -25.15 -1.38
C GLN A 642 12.61 -26.48 -0.68
N ASP B 4 -53.38 15.17 22.62
CA ASP B 4 -53.75 13.76 22.72
C ASP B 4 -53.60 13.34 24.17
N GLU B 5 -54.34 12.32 24.62
CA GLU B 5 -54.27 11.92 26.01
C GLU B 5 -53.33 10.73 26.21
N ASP B 6 -52.51 10.80 27.26
CA ASP B 6 -51.67 9.69 27.70
C ASP B 6 -50.69 9.24 26.61
N ILE B 7 -50.01 10.19 25.98
CA ILE B 7 -49.01 9.83 24.97
C ILE B 7 -48.05 11.00 24.78
N ILE B 8 -46.82 10.67 24.40
CA ILE B 8 -45.77 11.67 24.21
C ILE B 8 -46.04 12.36 22.88
N ALA B 9 -46.04 13.68 22.88
CA ALA B 9 -46.30 14.42 21.65
C ALA B 9 -45.21 14.18 20.60
N GLU B 10 -45.62 14.25 19.34
CA GLU B 10 -44.72 14.00 18.21
C GLU B 10 -43.51 14.93 18.22
N GLU B 11 -43.72 16.21 18.56
CA GLU B 11 -42.64 17.18 18.48
C GLU B 11 -41.58 16.99 19.55
N ASN B 12 -41.88 16.24 20.60
CA ASN B 12 -40.92 16.02 21.68
C ASN B 12 -40.10 14.76 21.49
N ILE B 13 -40.28 14.01 20.39
CA ILE B 13 -39.52 12.80 20.13
C ILE B 13 -38.39 13.10 19.15
N VAL B 14 -37.16 12.85 19.58
CA VAL B 14 -35.95 12.99 18.77
C VAL B 14 -35.56 11.64 18.21
N SER B 15 -35.73 11.45 16.90
CA SER B 15 -35.41 10.18 16.26
C SER B 15 -33.92 9.87 16.37
N ARG B 16 -33.60 8.58 16.52
CA ARG B 16 -32.23 8.11 16.43
C ARG B 16 -31.70 8.21 15.01
N SER B 17 -30.47 8.72 14.89
CA SER B 17 -29.83 8.93 13.59
C SER B 17 -28.39 8.50 13.50
N GLU B 18 -27.71 8.19 14.61
CA GLU B 18 -26.30 7.84 14.60
C GLU B 18 -26.17 6.34 14.42
N PHE B 19 -25.96 5.91 13.19
CA PHE B 19 -25.87 4.48 12.86
C PHE B 19 -24.55 4.22 12.12
N PRO B 20 -23.41 4.47 12.77
CA PRO B 20 -22.13 4.22 12.11
C PRO B 20 -21.80 2.74 12.05
N GLU B 21 -21.18 2.34 10.95
CA GLU B 21 -20.70 0.96 10.87
C GLU B 21 -19.46 0.77 11.74
N SER B 22 -18.67 1.83 11.90
CA SER B 22 -17.52 1.81 12.79
C SER B 22 -17.35 3.19 13.40
N TRP B 23 -16.88 3.22 14.65
CA TRP B 23 -16.64 4.47 15.37
C TRP B 23 -15.63 4.20 16.49
N LEU B 24 -15.46 5.18 17.38
CA LEU B 24 -14.53 5.08 18.52
C LEU B 24 -13.08 4.88 18.08
N TRP B 25 -12.68 5.60 17.03
CA TRP B 25 -11.30 5.60 16.56
C TRP B 25 -10.43 6.54 17.41
N ASN B 26 -10.24 6.17 18.68
CA ASN B 26 -9.60 7.06 19.62
C ASN B 26 -8.29 6.48 20.15
N VAL B 27 -7.48 7.34 20.78
CA VAL B 27 -6.19 6.98 21.36
C VAL B 27 -6.14 7.40 22.84
N GLU B 28 -5.79 6.46 23.72
CA GLU B 28 -5.65 6.69 25.16
C GLU B 28 -4.31 6.15 25.65
N ASP B 29 -3.70 6.83 26.61
CA ASP B 29 -2.43 6.42 27.22
C ASP B 29 -2.64 5.95 28.66
N LEU B 30 -1.93 4.87 29.02
CA LEU B 30 -2.00 4.25 30.35
C LEU B 30 -0.90 4.85 31.20
N LYS B 31 -1.21 5.96 31.86
CA LYS B 31 -0.25 6.70 32.66
C LYS B 31 -0.43 6.50 34.16
N GLU B 32 -1.42 5.74 34.56
CA GLU B 32 -1.71 5.51 35.97
C GLU B 32 -0.64 4.68 36.69
N PRO B 33 -0.42 4.95 37.97
CA PRO B 33 0.55 4.17 38.77
C PRO B 33 0.27 2.67 38.69
N PRO B 34 1.22 1.88 38.17
CA PRO B 34 0.97 0.46 37.96
C PRO B 34 0.62 -0.26 39.27
N LYS B 35 -0.18 -1.32 39.13
CA LYS B 35 -0.50 -2.24 40.22
C LYS B 35 -0.23 -3.66 39.74
N ASN B 36 0.87 -4.23 40.22
CA ASN B 36 1.44 -5.51 39.78
C ASN B 36 1.76 -5.51 38.29
N GLY B 37 2.19 -4.35 37.79
CA GLY B 37 2.61 -4.13 36.42
C GLY B 37 1.52 -3.69 35.47
N ILE B 38 0.26 -3.82 35.88
CA ILE B 38 -0.90 -3.46 35.07
C ILE B 38 -1.38 -2.08 35.49
N SER B 39 -1.53 -1.17 34.53
CA SER B 39 -2.09 0.14 34.83
C SER B 39 -3.48 0.20 34.22
N THR B 40 -4.49 0.32 35.08
CA THR B 40 -5.88 0.32 34.64
C THR B 40 -6.37 1.75 34.42
N LYS B 41 -7.02 1.97 33.27
CA LYS B 41 -7.57 3.27 32.91
C LYS B 41 -9.04 3.12 32.57
N LEU B 42 -9.90 3.77 33.36
CA LEU B 42 -11.33 3.77 33.12
C LEU B 42 -11.69 4.86 32.11
N MET B 43 -12.37 4.46 31.04
CA MET B 43 -12.68 5.32 29.90
C MET B 43 -14.17 5.41 29.66
N ASN B 44 -14.68 6.64 29.67
CA ASN B 44 -16.08 6.97 29.44
C ASN B 44 -16.33 7.14 27.95
N ILE B 45 -17.34 6.47 27.43
CA ILE B 45 -17.69 6.51 26.02
C ILE B 45 -19.17 6.78 25.86
N PHE B 46 -19.52 7.41 24.74
CA PHE B 46 -20.90 7.69 24.37
C PHE B 46 -21.36 6.71 23.30
N LEU B 47 -22.32 5.86 23.65
CA LEU B 47 -22.83 4.87 22.71
C LEU B 47 -23.59 5.52 21.55
N LYS B 48 -23.62 4.81 20.42
CA LYS B 48 -24.34 5.30 19.25
C LYS B 48 -25.78 4.81 19.29
N ASP B 49 -26.54 5.14 18.25
CA ASP B 49 -27.97 4.87 18.23
C ASP B 49 -28.30 3.49 17.69
N SER B 50 -27.31 2.77 17.16
CA SER B 50 -27.56 1.46 16.58
C SER B 50 -27.97 0.48 17.67
N ILE B 51 -28.86 -0.44 17.31
CA ILE B 51 -29.30 -1.49 18.22
C ILE B 51 -28.75 -2.82 17.75
N THR B 52 -27.57 -3.18 18.25
CA THR B 52 -26.80 -4.32 17.75
C THR B 52 -25.76 -4.65 18.81
N THR B 53 -24.78 -5.49 18.45
CA THR B 53 -23.63 -5.76 19.29
C THR B 53 -22.38 -5.14 18.67
N TRP B 54 -21.63 -4.39 19.48
CA TRP B 54 -20.37 -3.82 19.03
C TRP B 54 -19.23 -4.73 19.46
N GLU B 55 -18.30 -4.97 18.55
CA GLU B 55 -17.05 -5.68 18.83
C GLU B 55 -15.93 -4.64 18.93
N ILE B 56 -15.36 -4.49 20.13
CA ILE B 56 -14.29 -3.55 20.41
C ILE B 56 -12.93 -4.24 20.41
N LEU B 57 -12.03 -3.78 19.55
CA LEU B 57 -10.68 -4.34 19.40
C LEU B 57 -9.66 -3.31 19.90
N ALA B 58 -8.67 -3.78 20.67
CA ALA B 58 -7.64 -2.92 21.24
C ALA B 58 -6.24 -3.37 20.84
N VAL B 59 -5.38 -2.40 20.53
CA VAL B 59 -3.98 -2.63 20.17
C VAL B 59 -3.10 -1.67 20.96
N SER B 60 -2.13 -2.20 21.71
CA SER B 60 -1.25 -1.40 22.55
C SER B 60 0.16 -1.38 21.98
N MET B 61 0.87 -0.27 22.22
CA MET B 61 2.24 -0.07 21.73
C MET B 61 3.08 0.53 22.84
N SER B 62 3.93 -0.29 23.46
CA SER B 62 4.79 0.11 24.56
C SER B 62 6.25 0.11 24.12
N ASP B 63 7.07 0.95 24.77
CA ASP B 63 8.48 1.02 24.41
C ASP B 63 9.19 -0.29 24.73
N LYS B 64 8.84 -0.92 25.86
CA LYS B 64 9.50 -2.13 26.34
C LYS B 64 8.72 -3.41 26.06
N LYS B 65 7.45 -3.30 25.68
CA LYS B 65 6.59 -4.47 25.51
C LYS B 65 6.18 -4.69 24.06
N GLY B 66 6.26 -3.67 23.23
CA GLY B 66 5.92 -3.79 21.82
C GLY B 66 4.43 -3.69 21.56
N ILE B 67 3.99 -4.42 20.54
CA ILE B 67 2.61 -4.40 20.07
C ILE B 67 1.86 -5.61 20.64
N CYS B 68 0.59 -5.39 21.01
CA CYS B 68 -0.31 -6.41 21.55
C CYS B 68 -1.73 -6.17 21.04
N VAL B 69 -2.33 -7.19 20.42
CA VAL B 69 -3.72 -7.15 19.94
C VAL B 69 -4.62 -7.90 20.90
N ALA B 70 -5.45 -7.16 21.64
CA ALA B 70 -6.32 -7.73 22.65
C ALA B 70 -7.41 -8.59 22.03
N ASP B 71 -8.01 -9.45 22.86
CA ASP B 71 -9.18 -10.21 22.43
C ASP B 71 -10.37 -9.27 22.25
N PRO B 72 -11.25 -9.56 21.28
CA PRO B 72 -12.41 -8.69 21.07
C PRO B 72 -13.34 -8.72 22.28
N PHE B 73 -13.80 -7.54 22.69
CA PHE B 73 -14.76 -7.39 23.79
C PHE B 73 -16.10 -6.97 23.20
N GLU B 74 -17.12 -7.81 23.35
CA GLU B 74 -18.42 -7.55 22.76
C GLU B 74 -19.34 -6.83 23.74
N VAL B 75 -20.03 -5.80 23.24
CA VAL B 75 -20.97 -5.00 24.03
C VAL B 75 -22.27 -4.85 23.24
N THR B 76 -23.31 -5.53 23.68
CA THR B 76 -24.61 -5.47 23.02
C THR B 76 -25.39 -4.28 23.56
N VAL B 77 -26.06 -3.54 22.67
CA VAL B 77 -26.87 -2.39 23.03
C VAL B 77 -28.30 -2.68 22.59
N MET B 78 -29.26 -2.46 23.49
CA MET B 78 -30.64 -2.79 23.18
C MET B 78 -31.61 -1.92 23.97
N GLN B 79 -32.89 -2.04 23.62
CA GLN B 79 -34.01 -1.39 24.30
C GLN B 79 -35.18 -2.36 24.37
N ASP B 80 -36.10 -2.08 25.30
CA ASP B 80 -37.31 -2.89 25.38
C ASP B 80 -38.17 -2.71 24.14
N PHE B 81 -38.26 -1.48 23.64
CA PHE B 81 -39.14 -1.14 22.53
C PHE B 81 -38.37 -0.27 21.56
N PHE B 82 -38.37 -0.64 20.28
CA PHE B 82 -37.66 0.14 19.28
C PHE B 82 -38.21 -0.13 17.88
N ILE B 83 -37.81 0.73 16.95
CA ILE B 83 -38.20 0.67 15.53
C ILE B 83 -37.00 0.18 14.72
N ASP B 84 -37.22 -0.85 13.89
CA ASP B 84 -36.22 -1.27 12.91
C ASP B 84 -36.68 -0.80 11.53
N LEU B 85 -36.13 0.33 11.07
CA LEU B 85 -36.49 0.90 9.77
C LEU B 85 -35.59 0.31 8.69
N ARG B 86 -36.11 -0.66 7.93
CA ARG B 86 -35.31 -1.41 6.95
C ARG B 86 -35.27 -0.71 5.60
N LEU B 87 -34.12 0.11 5.35
CA LEU B 87 -34.05 0.84 4.08
C LEU B 87 -33.06 0.18 3.12
N PRO B 88 -33.42 0.11 1.84
CA PRO B 88 -32.52 -0.41 0.82
C PRO B 88 -31.38 0.57 0.59
N TYR B 89 -30.31 0.08 -0.03
CA TYR B 89 -29.17 0.93 -0.32
C TYR B 89 -29.56 2.08 -1.25
N SER B 90 -30.34 1.79 -2.30
CA SER B 90 -30.79 2.83 -3.22
C SER B 90 -32.16 2.48 -3.78
N VAL B 91 -32.82 3.49 -4.35
CA VAL B 91 -34.12 3.34 -5.03
C VAL B 91 -34.16 4.23 -6.27
N VAL B 92 -34.94 3.81 -7.26
CA VAL B 92 -35.04 4.54 -8.53
C VAL B 92 -36.06 5.66 -8.41
N ARG B 93 -35.68 6.83 -8.93
CA ARG B 93 -36.55 8.00 -9.00
C ARG B 93 -37.89 7.71 -9.69
N ASN B 94 -38.97 8.22 -9.12
CA ASN B 94 -40.34 8.17 -9.63
C ASN B 94 -40.94 6.76 -9.69
N GLU B 95 -40.33 5.78 -9.04
CA GLU B 95 -40.89 4.44 -8.98
C GLU B 95 -41.48 4.22 -7.59
N GLN B 96 -42.75 3.83 -7.55
CA GLN B 96 -43.45 3.58 -6.30
C GLN B 96 -42.90 2.33 -5.61
N VAL B 97 -42.42 2.49 -4.38
CA VAL B 97 -41.87 1.39 -3.58
C VAL B 97 -42.57 1.37 -2.22
N GLU B 98 -42.57 0.18 -1.61
CA GLU B 98 -43.03 -0.02 -0.23
C GLU B 98 -41.87 -0.33 0.71
N ILE B 99 -41.78 0.40 1.81
CA ILE B 99 -40.80 0.09 2.86
C ILE B 99 -41.55 -0.45 4.07
N ARG B 100 -40.82 -1.11 4.97
CA ARG B 100 -41.39 -1.70 6.18
C ARG B 100 -40.68 -1.19 7.43
N ALA B 101 -41.46 -0.72 8.39
CA ALA B 101 -40.97 -0.38 9.74
C ALA B 101 -41.43 -1.47 10.71
N VAL B 102 -40.48 -2.23 11.26
CA VAL B 102 -40.78 -3.33 12.15
C VAL B 102 -40.63 -2.87 13.60
N LEU B 103 -41.73 -2.87 14.35
CA LEU B 103 -41.76 -2.44 15.75
C LEU B 103 -41.57 -3.64 16.67
N TYR B 104 -40.56 -3.58 17.54
CA TYR B 104 -40.24 -4.68 18.44
C TYR B 104 -40.60 -4.32 19.89
N ASN B 105 -41.28 -5.24 20.57
CA ASN B 105 -41.62 -5.12 21.98
C ASN B 105 -41.06 -6.31 22.75
N TYR B 106 -39.99 -6.07 23.50
CA TYR B 106 -39.27 -7.12 24.22
C TYR B 106 -39.55 -7.08 25.72
N ARG B 107 -40.71 -6.57 26.12
CA ARG B 107 -41.12 -6.64 27.53
C ARG B 107 -41.73 -8.01 27.84
N GLN B 108 -41.47 -8.45 29.08
CA GLN B 108 -41.79 -9.82 29.47
C GLN B 108 -43.29 -10.07 29.48
N ASN B 109 -44.04 -9.28 30.24
CA ASN B 109 -45.48 -9.45 30.29
C ASN B 109 -46.26 -8.13 30.26
N GLN B 110 -46.09 -7.37 29.19
CA GLN B 110 -46.84 -6.11 29.06
C GLN B 110 -47.11 -5.84 27.59
N GLU B 111 -48.38 -5.89 27.18
CA GLU B 111 -48.68 -5.54 25.80
C GLU B 111 -48.65 -4.02 25.66
N LEU B 112 -48.43 -3.54 24.43
CA LEU B 112 -48.31 -2.11 24.19
C LEU B 112 -49.24 -1.62 23.09
N LYS B 113 -50.03 -0.60 23.41
CA LYS B 113 -50.82 0.16 22.45
C LYS B 113 -49.95 1.28 21.91
N VAL B 114 -49.57 1.19 20.64
CA VAL B 114 -48.59 2.07 20.02
C VAL B 114 -49.25 2.85 18.89
N ARG B 115 -48.91 4.13 18.78
CA ARG B 115 -49.24 4.97 17.64
C ARG B 115 -47.96 5.24 16.85
N VAL B 116 -47.97 4.91 15.56
CA VAL B 116 -46.82 5.09 14.68
C VAL B 116 -47.16 6.07 13.57
N GLU B 117 -46.23 6.98 13.29
CA GLU B 117 -46.43 8.03 12.29
C GLU B 117 -45.25 8.07 11.33
N LEU B 118 -45.53 8.28 10.04
CA LEU B 118 -44.50 8.52 9.04
C LEU B 118 -44.44 10.02 8.72
N LEU B 119 -43.32 10.65 9.08
CA LEU B 119 -43.18 12.08 8.84
C LEU B 119 -43.23 12.42 7.35
N HIS B 120 -43.82 13.58 7.05
CA HIS B 120 -43.89 14.07 5.68
C HIS B 120 -42.54 14.57 5.19
N ASN B 121 -42.26 14.31 3.91
CA ASN B 121 -41.05 14.82 3.29
C ASN B 121 -41.40 15.27 1.87
N PRO B 122 -41.20 16.55 1.55
CA PRO B 122 -41.53 17.05 0.20
C PRO B 122 -40.84 16.30 -0.92
N ALA B 123 -39.69 15.68 -0.65
CA ALA B 123 -38.95 14.93 -1.65
C ALA B 123 -39.57 13.57 -1.94
N PHE B 124 -40.54 13.16 -1.12
CA PHE B 124 -41.26 11.91 -1.30
C PHE B 124 -42.75 12.15 -1.50
N CYS B 125 -43.41 11.15 -2.07
CA CYS B 125 -44.86 11.13 -2.24
C CYS B 125 -45.46 10.02 -1.40
N SER B 126 -46.31 10.40 -0.44
CA SER B 126 -47.01 9.45 0.40
C SER B 126 -48.32 10.07 0.85
N LEU B 127 -49.06 9.32 1.66
CA LEU B 127 -50.31 9.85 2.20
C LEU B 127 -50.04 10.96 3.21
N ALA B 128 -48.83 11.00 3.77
CA ALA B 128 -48.42 12.06 4.66
C ALA B 128 -48.14 13.33 3.88
N THR B 129 -48.90 14.39 4.17
CA THR B 129 -48.73 15.68 3.55
C THR B 129 -48.35 16.70 4.62
N THR B 130 -48.22 17.95 4.19
CA THR B 130 -47.91 19.01 5.13
C THR B 130 -49.10 19.34 6.00
N LYS B 131 -50.31 19.02 5.52
CA LYS B 131 -51.54 19.33 6.24
C LYS B 131 -52.00 18.19 7.16
N ARG B 132 -52.01 16.94 6.66
CA ARG B 132 -52.47 15.80 7.44
C ARG B 132 -51.33 14.82 7.73
N ARG B 133 -51.48 14.07 8.83
CA ARG B 133 -50.48 13.10 9.29
C ARG B 133 -50.89 11.68 8.88
N HIS B 134 -49.89 10.79 8.81
CA HIS B 134 -50.11 9.36 8.53
C HIS B 134 -49.89 8.49 9.78
N GLN B 135 -50.95 8.29 10.57
CA GLN B 135 -50.90 7.51 11.81
C GLN B 135 -51.70 6.21 11.71
N GLN B 136 -51.37 5.29 12.63
CA GLN B 136 -52.09 4.04 12.84
C GLN B 136 -51.85 3.61 14.27
N THR B 137 -52.91 3.17 14.95
CA THR B 137 -52.82 2.73 16.33
C THR B 137 -52.86 1.21 16.38
N VAL B 138 -51.73 0.59 16.69
CA VAL B 138 -51.63 -0.86 16.77
C VAL B 138 -51.36 -1.28 18.22
N THR B 139 -51.53 -2.58 18.46
CA THR B 139 -51.26 -3.22 19.75
C THR B 139 -50.19 -4.28 19.55
N ILE B 140 -49.06 -4.13 20.22
CA ILE B 140 -47.97 -5.12 20.12
C ILE B 140 -47.99 -5.98 21.38
N PRO B 141 -48.29 -7.28 21.27
CA PRO B 141 -48.27 -8.18 22.43
C PRO B 141 -46.87 -8.28 23.02
N PRO B 142 -46.75 -8.74 24.27
CA PRO B 142 -45.42 -8.91 24.87
C PRO B 142 -44.55 -9.90 24.10
N LYS B 143 -43.24 -9.68 24.17
CA LYS B 143 -42.23 -10.56 23.56
C LYS B 143 -42.55 -10.85 22.09
N SER B 144 -42.90 -9.82 21.35
CA SER B 144 -43.38 -9.98 19.98
C SER B 144 -42.98 -8.75 19.16
N SER B 145 -43.38 -8.74 17.89
CA SER B 145 -43.05 -7.64 16.99
C SER B 145 -44.17 -7.46 15.98
N LEU B 146 -44.20 -6.30 15.35
CA LEU B 146 -45.25 -5.94 14.41
C LEU B 146 -44.63 -5.15 13.26
N SER B 147 -45.13 -5.38 12.05
CA SER B 147 -44.59 -4.77 10.84
C SER B 147 -45.59 -3.76 10.26
N VAL B 148 -45.12 -2.54 10.01
CA VAL B 148 -45.98 -1.45 9.51
C VAL B 148 -45.51 -1.02 8.12
N PRO B 149 -46.27 -1.33 7.06
CA PRO B 149 -45.86 -0.98 5.69
C PRO B 149 -46.17 0.47 5.31
N TYR B 150 -45.20 1.15 4.72
CA TYR B 150 -45.39 2.49 4.17
C TYR B 150 -45.01 2.50 2.69
N VAL B 151 -45.90 3.06 1.86
CA VAL B 151 -45.73 3.13 0.40
C VAL B 151 -45.34 4.55 -0.01
N ILE B 152 -44.13 4.73 -0.56
CA ILE B 152 -43.62 6.06 -0.92
C ILE B 152 -43.14 6.07 -2.37
N VAL B 153 -42.95 7.28 -2.90
CA VAL B 153 -42.47 7.47 -4.26
C VAL B 153 -41.40 8.57 -4.30
N PRO B 154 -40.11 8.22 -4.48
CA PRO B 154 -39.05 9.24 -4.50
C PRO B 154 -39.21 10.20 -5.68
N LEU B 155 -39.21 11.50 -5.37
CA LEU B 155 -39.48 12.50 -6.40
C LEU B 155 -38.23 13.16 -6.98
N LYS B 156 -37.25 13.51 -6.15
CA LYS B 156 -36.01 14.13 -6.60
C LYS B 156 -34.80 13.32 -6.17
N THR B 157 -33.78 13.29 -7.03
CA THR B 157 -32.59 12.47 -6.78
C THR B 157 -31.72 13.07 -5.68
N GLY B 158 -30.75 12.26 -5.25
CA GLY B 158 -29.78 12.61 -4.23
C GLY B 158 -30.10 11.95 -2.91
N LEU B 159 -29.29 12.29 -1.90
CA LEU B 159 -29.42 11.74 -0.55
C LEU B 159 -30.65 12.31 0.17
N GLN B 160 -31.75 11.57 0.16
CA GLN B 160 -32.99 12.00 0.82
C GLN B 160 -33.16 11.27 2.16
N GLU B 161 -34.12 11.76 2.94
CA GLU B 161 -34.27 11.38 4.35
C GLU B 161 -35.66 10.82 4.60
N VAL B 162 -35.71 9.75 5.39
CA VAL B 162 -36.95 9.13 5.85
C VAL B 162 -36.94 9.14 7.38
N GLU B 163 -38.03 9.58 7.98
CA GLU B 163 -38.11 9.67 9.44
C GLU B 163 -39.45 9.11 9.92
N VAL B 164 -39.38 8.13 10.81
CA VAL B 164 -40.56 7.48 11.37
C VAL B 164 -40.47 7.58 12.88
N LYS B 165 -41.56 8.00 13.52
CA LYS B 165 -41.61 8.13 14.96
C LYS B 165 -42.72 7.26 15.51
N ALA B 166 -42.63 6.96 16.80
CA ALA B 166 -43.63 6.13 17.46
C ALA B 166 -43.67 6.46 18.94
N ALA B 167 -44.87 6.42 19.52
CA ALA B 167 -45.04 6.65 20.94
C ALA B 167 -46.13 5.72 21.43
N VAL B 168 -45.97 5.21 22.64
CA VAL B 168 -46.95 4.29 23.21
C VAL B 168 -47.92 5.06 24.10
N TYR B 169 -49.13 4.52 24.19
CA TYR B 169 -50.15 5.09 25.05
C TYR B 169 -49.92 4.62 26.48
N HIS B 170 -50.25 5.49 27.43
CA HIS B 170 -50.27 5.19 28.86
C HIS B 170 -48.89 4.90 29.44
N HIS B 171 -47.82 5.21 28.70
CA HIS B 171 -46.46 5.03 29.23
C HIS B 171 -45.54 6.11 28.67
N PHE B 172 -44.45 6.35 29.42
CA PHE B 172 -43.41 7.31 29.04
C PHE B 172 -42.32 6.56 28.29
N ILE B 173 -42.70 6.07 27.11
CA ILE B 173 -41.83 5.24 26.25
C ILE B 173 -41.97 5.66 24.79
N SER B 174 -40.91 6.21 24.19
CA SER B 174 -40.99 6.63 22.81
C SER B 174 -39.72 6.23 22.07
N ASP B 175 -39.80 6.21 20.74
CA ASP B 175 -38.64 5.93 19.89
C ASP B 175 -38.83 6.54 18.50
N GLY B 176 -37.72 6.93 17.89
CA GLY B 176 -37.71 7.49 16.54
C GLY B 176 -36.56 6.98 15.70
N VAL B 177 -36.76 6.74 14.40
CA VAL B 177 -35.68 6.38 13.49
C VAL B 177 -35.69 7.32 12.30
N ARG B 178 -34.53 7.91 12.01
CA ARG B 178 -34.35 8.81 10.86
C ARG B 178 -33.17 8.34 10.01
N LYS B 179 -33.45 7.73 8.86
CA LYS B 179 -32.41 7.20 7.99
C LYS B 179 -32.46 7.87 6.62
N SER B 180 -31.34 7.79 5.90
CA SER B 180 -31.20 8.31 4.54
C SER B 180 -31.02 7.19 3.53
N LEU B 181 -31.48 7.41 2.30
CA LEU B 181 -31.22 6.49 1.19
C LEU B 181 -30.83 7.28 -0.05
N LYS B 182 -30.20 6.59 -1.00
CA LYS B 182 -29.74 7.21 -2.24
C LYS B 182 -30.84 7.04 -3.29
N VAL B 183 -31.25 8.16 -3.90
CA VAL B 183 -32.21 8.13 -5.00
C VAL B 183 -31.46 8.29 -6.31
N VAL B 184 -31.70 7.38 -7.26
CA VAL B 184 -30.85 7.28 -8.43
C VAL B 184 -31.67 7.48 -9.71
N PRO B 185 -31.15 8.22 -10.70
CA PRO B 185 -31.87 8.40 -11.97
C PRO B 185 -32.39 7.10 -12.56
N GLU B 186 -33.46 7.23 -13.36
CA GLU B 186 -34.13 6.07 -13.96
C GLU B 186 -33.18 5.24 -14.83
N GLY B 187 -32.31 5.90 -15.57
CA GLY B 187 -31.45 5.24 -16.54
C GLY B 187 -30.41 4.32 -15.90
N ILE B 188 -29.57 3.74 -16.76
CA ILE B 188 -28.53 2.81 -16.34
C ILE B 188 -27.15 3.44 -16.49
N ARG B 189 -26.30 3.19 -15.49
CA ARG B 189 -24.91 3.63 -15.41
C ARG B 189 -24.11 3.21 -16.65
N MET B 190 -23.54 4.20 -17.35
CA MET B 190 -22.77 3.97 -18.57
C MET B 190 -21.52 4.83 -18.60
N ASN B 191 -20.47 4.33 -19.27
CA ASN B 191 -19.32 5.18 -19.57
C ASN B 191 -18.81 4.97 -21.00
N LYS B 192 -18.41 6.07 -21.63
CA LYS B 192 -17.86 6.11 -22.99
C LYS B 192 -16.39 6.53 -22.94
N THR B 193 -15.54 5.80 -23.67
CA THR B 193 -14.11 6.12 -23.81
C THR B 193 -13.93 7.26 -24.81
N VAL B 194 -13.91 8.50 -24.32
CA VAL B 194 -13.84 9.66 -25.21
C VAL B 194 -12.52 9.73 -25.97
N ALA B 195 -11.38 9.57 -25.28
CA ALA B 195 -10.10 9.64 -25.98
C ALA B 195 -9.04 8.79 -25.29
N VAL B 196 -8.14 8.24 -26.10
CA VAL B 196 -6.93 7.55 -25.64
C VAL B 196 -5.80 8.07 -26.52
N ARG B 197 -4.94 8.92 -25.95
CA ARG B 197 -3.87 9.58 -26.68
C ARG B 197 -2.52 9.23 -26.07
N THR B 198 -1.51 9.08 -26.93
CA THR B 198 -0.14 8.83 -26.51
C THR B 198 0.60 10.16 -26.33
N LEU B 199 1.19 10.34 -25.15
CA LEU B 199 1.94 11.55 -24.79
C LEU B 199 3.44 11.32 -25.02
N ASP B 200 4.04 12.13 -25.89
CA ASP B 200 5.47 12.05 -26.18
C ASP B 200 5.99 13.37 -26.76
N PRO B 201 6.29 14.36 -25.91
CA PRO B 201 6.69 15.69 -26.45
C PRO B 201 7.93 15.68 -27.31
N GLU B 202 8.97 14.92 -26.95
CA GLU B 202 10.21 14.92 -27.72
C GLU B 202 10.06 14.20 -29.06
N ARG B 203 8.99 13.44 -29.24
CA ARG B 203 8.77 12.59 -30.41
C ARG B 203 7.55 13.00 -31.22
N LEU B 204 6.44 13.34 -30.55
CA LEU B 204 5.20 13.67 -31.22
C LEU B 204 4.83 15.15 -31.12
N GLY B 205 5.59 15.94 -30.35
CA GLY B 205 5.27 17.33 -30.13
C GLY B 205 6.07 18.29 -30.99
N ARG B 206 5.48 19.47 -31.21
CA ARG B 206 6.10 20.54 -31.97
C ARG B 206 6.74 21.54 -31.01
N GLU B 207 7.98 21.93 -31.29
CA GLU B 207 8.77 22.84 -30.47
C GLU B 207 8.88 22.36 -29.03
N GLY B 208 8.75 21.06 -28.80
CA GLY B 208 8.89 20.48 -27.48
C GLY B 208 7.60 20.36 -26.70
N VAL B 209 6.49 20.87 -27.24
CA VAL B 209 5.17 20.84 -26.62
C VAL B 209 4.22 20.09 -27.53
N GLN B 210 3.32 19.31 -26.94
CA GLN B 210 2.35 18.49 -27.65
C GLN B 210 0.96 18.88 -27.16
N LYS B 211 0.10 19.30 -28.09
CA LYS B 211 -1.25 19.73 -27.79
C LYS B 211 -2.26 18.75 -28.37
N GLU B 212 -3.01 18.09 -27.49
CA GLU B 212 -4.08 17.17 -27.87
C GLU B 212 -5.43 17.84 -27.63
N ASP B 213 -6.29 17.83 -28.65
CA ASP B 213 -7.63 18.39 -28.57
C ASP B 213 -8.63 17.25 -28.37
N ILE B 214 -9.39 17.31 -27.29
CA ILE B 214 -10.34 16.26 -26.92
C ILE B 214 -11.75 16.73 -27.27
N PRO B 215 -12.49 15.97 -28.07
CA PRO B 215 -13.85 16.36 -28.45
C PRO B 215 -14.81 16.12 -27.29
N PRO B 216 -15.89 16.90 -27.19
CA PRO B 216 -16.91 16.59 -26.18
C PRO B 216 -17.60 15.28 -26.49
N ALA B 217 -18.04 14.60 -25.43
CA ALA B 217 -18.66 13.30 -25.55
C ALA B 217 -19.99 13.36 -26.29
N ASP B 218 -20.39 12.20 -26.83
CA ASP B 218 -21.60 12.05 -27.63
C ASP B 218 -22.85 12.42 -26.83
N LEU B 219 -23.14 11.64 -25.78
CA LEU B 219 -24.25 11.91 -24.87
C LEU B 219 -25.58 12.09 -25.62
N SER B 220 -25.83 11.19 -26.58
CA SER B 220 -27.09 11.28 -27.33
C SER B 220 -28.23 10.55 -26.63
N ASP B 221 -27.94 9.44 -25.95
CA ASP B 221 -28.94 8.67 -25.23
C ASP B 221 -28.96 9.02 -23.74
N GLN B 222 -28.49 10.21 -23.39
CA GLN B 222 -28.45 10.62 -21.99
C GLN B 222 -29.86 10.87 -21.46
N VAL B 223 -30.15 10.30 -20.30
CA VAL B 223 -31.44 10.49 -19.64
C VAL B 223 -31.63 11.95 -19.23
N PRO B 224 -32.72 12.59 -19.66
CA PRO B 224 -32.97 13.98 -19.30
C PRO B 224 -32.85 14.23 -17.80
N ASP B 225 -32.28 15.39 -17.46
CA ASP B 225 -32.10 15.82 -16.07
C ASP B 225 -31.26 14.83 -15.27
N THR B 226 -30.15 14.41 -15.88
CA THR B 226 -29.15 13.58 -15.21
C THR B 226 -27.80 14.22 -15.48
N GLU B 227 -26.92 14.17 -14.50
CA GLU B 227 -25.59 14.75 -14.66
C GLU B 227 -24.58 13.71 -15.13
N SER B 228 -23.47 14.19 -15.67
CA SER B 228 -22.42 13.32 -16.17
C SER B 228 -21.11 13.81 -15.57
N GLU B 229 -20.10 12.95 -15.54
CA GLU B 229 -18.78 13.32 -15.04
C GLU B 229 -17.70 12.83 -15.99
N THR B 230 -16.90 13.74 -16.53
CA THR B 230 -15.80 13.39 -17.43
C THR B 230 -14.49 13.33 -16.63
N ARG B 231 -13.82 12.19 -16.71
CA ARG B 231 -12.53 11.95 -16.07
C ARG B 231 -11.36 12.11 -17.02
N ILE B 232 -10.41 12.96 -16.65
CA ILE B 232 -9.14 13.11 -17.37
C ILE B 232 -8.07 12.35 -16.58
N LEU B 233 -7.58 11.25 -17.17
CA LEU B 233 -6.68 10.32 -16.49
C LEU B 233 -5.28 10.39 -17.09
N LEU B 234 -4.37 11.00 -16.36
CA LEU B 234 -2.96 11.07 -16.77
C LEU B 234 -2.16 10.00 -16.06
N GLN B 235 -1.31 9.30 -16.80
CA GLN B 235 -0.41 8.33 -16.22
C GLN B 235 0.91 8.42 -16.97
N GLY B 236 1.99 8.01 -16.30
CA GLY B 236 3.31 8.05 -16.89
C GLY B 236 3.70 6.69 -17.45
N THR B 237 4.48 6.72 -18.53
CA THR B 237 4.98 5.49 -19.16
C THR B 237 6.46 5.35 -18.82
N PRO B 238 6.83 4.55 -17.82
CA PRO B 238 8.25 4.40 -17.47
C PRO B 238 8.91 3.47 -18.47
N VAL B 239 10.06 3.87 -19.00
CA VAL B 239 10.76 3.02 -19.96
C VAL B 239 12.19 2.77 -19.51
N ALA B 240 12.46 1.51 -19.17
CA ALA B 240 13.79 1.01 -18.85
C ALA B 240 14.65 1.10 -20.09
N GLN B 241 15.86 1.63 -19.97
CA GLN B 241 16.70 1.71 -21.15
C GLN B 241 17.61 0.49 -21.15
N MET B 242 17.59 -0.23 -22.27
CA MET B 242 18.14 -1.58 -22.36
C MET B 242 19.65 -1.65 -22.34
N THR B 243 20.23 -1.71 -21.15
CA THR B 243 21.66 -1.86 -21.02
C THR B 243 22.02 -3.25 -21.54
N GLU B 244 23.03 -3.31 -22.40
CA GLU B 244 23.46 -4.60 -22.93
C GLU B 244 23.92 -5.50 -21.79
N ASP B 245 23.58 -6.78 -21.89
CA ASP B 245 23.95 -7.77 -20.88
C ASP B 245 25.45 -7.95 -20.73
N ALA B 246 25.92 -7.77 -19.50
CA ALA B 246 27.33 -7.98 -19.15
C ALA B 246 27.74 -9.43 -19.38
N VAL B 247 29.04 -9.63 -19.64
CA VAL B 247 29.56 -10.97 -19.89
C VAL B 247 29.35 -11.85 -18.67
N ASP B 248 28.85 -13.08 -18.91
CA ASP B 248 28.55 -14.02 -17.83
C ASP B 248 29.77 -14.30 -16.96
N ALA B 249 29.54 -14.40 -15.65
CA ALA B 249 30.65 -14.58 -14.72
C ALA B 249 31.38 -15.91 -14.92
N GLU B 250 30.67 -16.96 -15.34
CA GLU B 250 31.32 -18.26 -15.52
C GLU B 250 32.39 -18.21 -16.60
N ARG B 251 32.14 -17.45 -17.67
CA ARG B 251 33.08 -17.32 -18.78
C ARG B 251 34.37 -16.58 -18.41
N LEU B 252 34.56 -16.22 -17.15
CA LEU B 252 35.77 -15.52 -16.72
C LEU B 252 36.60 -16.36 -15.76
N LYS B 253 36.16 -17.59 -15.48
CA LYS B 253 36.84 -18.48 -14.55
C LYS B 253 38.31 -18.69 -14.92
N HIS B 254 38.64 -18.59 -16.22
CA HIS B 254 39.98 -18.87 -16.70
C HIS B 254 40.92 -17.66 -16.61
N LEU B 255 40.39 -16.47 -16.31
CA LEU B 255 41.24 -15.28 -16.27
C LEU B 255 42.01 -15.16 -14.96
N ILE B 256 41.73 -16.01 -13.99
CA ILE B 256 42.46 -16.03 -12.73
C ILE B 256 43.73 -16.85 -12.87
N VAL B 257 44.84 -16.18 -13.18
CA VAL B 257 46.11 -16.85 -13.48
C VAL B 257 47.15 -16.34 -12.49
N THR B 258 48.01 -17.25 -12.03
CA THR B 258 49.12 -16.89 -11.16
C THR B 258 50.23 -16.25 -11.97
N PRO B 259 50.61 -15.00 -11.68
CA PRO B 259 51.66 -14.36 -12.49
C PRO B 259 53.01 -14.98 -12.17
N SER B 260 53.80 -15.19 -13.22
CA SER B 260 55.15 -15.69 -13.10
C SER B 260 55.91 -15.35 -14.37
N GLY B 261 57.21 -15.57 -14.34
CA GLY B 261 58.07 -15.26 -15.45
C GLY B 261 58.91 -14.01 -15.21
N CYS B 262 59.42 -13.47 -16.31
CA CYS B 262 60.30 -12.32 -16.17
C CYS B 262 59.55 -11.02 -16.50
N GLY B 263 60.30 -9.97 -16.85
CA GLY B 263 59.72 -8.65 -17.00
C GLY B 263 58.48 -8.59 -17.88
N GLU B 264 58.40 -9.48 -18.86
CA GLU B 264 57.28 -9.49 -19.77
C GLU B 264 56.30 -10.60 -19.46
N GLN B 265 56.82 -11.80 -19.16
CA GLN B 265 55.96 -12.93 -18.84
C GLN B 265 55.18 -12.70 -17.56
N ASN B 266 55.70 -11.86 -16.65
CA ASN B 266 54.97 -11.55 -15.43
C ASN B 266 53.74 -10.70 -15.72
N MET B 267 53.89 -9.68 -16.56
CA MET B 267 52.75 -8.84 -16.91
C MET B 267 51.75 -9.57 -17.80
N ILE B 268 52.21 -10.53 -18.59
CA ILE B 268 51.29 -11.30 -19.42
C ILE B 268 50.35 -12.11 -18.54
N GLY B 269 50.86 -12.61 -17.41
CA GLY B 269 50.04 -13.36 -16.48
C GLY B 269 49.25 -12.50 -15.52
N MET B 270 49.68 -11.24 -15.34
CA MET B 270 49.05 -10.31 -14.42
C MET B 270 47.87 -9.61 -15.07
N THR B 271 47.94 -9.42 -16.40
CA THR B 271 46.88 -8.72 -17.12
C THR B 271 45.50 -9.35 -16.94
N PRO B 272 45.29 -10.66 -17.20
CA PRO B 272 43.92 -11.19 -17.12
C PRO B 272 43.33 -11.10 -15.74
N THR B 273 44.12 -11.33 -14.71
CA THR B 273 43.63 -11.31 -13.34
C THR B 273 43.18 -9.92 -12.91
N VAL B 274 44.02 -8.91 -13.15
CA VAL B 274 43.67 -7.53 -12.80
C VAL B 274 42.40 -7.07 -13.49
N ILE B 275 42.28 -7.31 -14.80
CA ILE B 275 41.10 -6.84 -15.51
C ILE B 275 39.87 -7.66 -15.14
N ALA B 276 40.05 -8.93 -14.78
CA ALA B 276 38.93 -9.77 -14.37
C ALA B 276 38.30 -9.23 -13.09
N VAL B 277 39.12 -8.96 -12.07
CA VAL B 277 38.62 -8.39 -10.82
C VAL B 277 37.96 -7.05 -11.11
N HIS B 278 38.60 -6.24 -11.97
CA HIS B 278 38.03 -4.93 -12.32
C HIS B 278 36.65 -5.06 -12.97
N TYR B 279 36.44 -6.11 -13.77
CA TYR B 279 35.15 -6.27 -14.43
C TYR B 279 34.10 -6.83 -13.47
N LEU B 280 34.45 -7.89 -12.73
CA LEU B 280 33.50 -8.50 -11.81
C LEU B 280 33.12 -7.52 -10.70
N ASP B 281 34.04 -6.61 -10.35
CA ASP B 281 33.78 -5.60 -9.34
C ASP B 281 32.75 -4.60 -9.84
N GLU B 282 32.87 -4.19 -11.11
CA GLU B 282 31.98 -3.19 -11.68
C GLU B 282 30.60 -3.79 -11.94
N THR B 283 30.54 -4.96 -12.58
CA THR B 283 29.26 -5.60 -12.90
C THR B 283 28.62 -6.26 -11.69
N GLU B 284 29.33 -6.36 -10.56
CA GLU B 284 28.83 -6.95 -9.32
C GLU B 284 28.32 -8.37 -9.57
N GLN B 285 29.24 -9.25 -9.98
CA GLN B 285 28.88 -10.63 -10.29
C GLN B 285 29.62 -11.63 -9.40
N TRP B 286 30.12 -11.18 -8.24
CA TRP B 286 30.80 -12.07 -7.31
C TRP B 286 29.85 -13.06 -6.66
N GLU B 287 28.55 -12.83 -6.83
CA GLU B 287 27.55 -13.73 -6.27
C GLU B 287 27.61 -15.09 -6.98
N LYS B 288 27.60 -15.06 -8.32
CA LYS B 288 27.68 -16.30 -9.11
C LYS B 288 29.10 -16.84 -9.20
N PHE B 289 30.11 -15.96 -9.18
CA PHE B 289 31.49 -16.40 -9.26
C PHE B 289 31.94 -17.10 -7.99
N GLY B 290 31.60 -16.53 -6.83
CA GLY B 290 32.01 -17.04 -5.53
C GLY B 290 32.69 -15.96 -4.74
N LEU B 291 31.98 -15.46 -3.72
CA LEU B 291 32.42 -14.32 -2.92
C LEU B 291 33.80 -14.55 -2.29
N GLU B 292 34.03 -15.75 -1.76
CA GLU B 292 35.28 -16.02 -1.04
C GLU B 292 36.49 -15.95 -1.97
N LYS B 293 36.32 -16.30 -3.24
CA LYS B 293 37.42 -16.38 -4.19
C LYS B 293 38.09 -15.03 -4.45
N ARG B 294 37.35 -13.92 -4.31
CA ARG B 294 37.94 -12.61 -4.60
C ARG B 294 39.18 -12.30 -3.77
N GLN B 295 39.27 -12.83 -2.55
CA GLN B 295 40.44 -12.57 -1.71
C GLN B 295 41.72 -13.12 -2.32
N GLY B 296 41.72 -14.39 -2.71
CA GLY B 296 42.89 -14.96 -3.38
C GLY B 296 43.25 -14.24 -4.65
N ALA B 297 42.23 -13.86 -5.44
CA ALA B 297 42.47 -13.06 -6.64
C ALA B 297 43.27 -11.80 -6.38
N LEU B 298 43.03 -11.13 -5.24
CA LEU B 298 43.83 -9.95 -4.89
C LEU B 298 45.27 -10.33 -4.60
N GLU B 299 45.49 -11.42 -3.86
CA GLU B 299 46.85 -11.85 -3.55
C GLU B 299 47.66 -12.02 -4.83
N LEU B 300 47.04 -12.58 -5.87
CA LEU B 300 47.74 -12.78 -7.14
C LEU B 300 48.14 -11.45 -7.76
N ILE B 301 47.26 -10.44 -7.67
CA ILE B 301 47.60 -9.13 -8.23
C ILE B 301 48.78 -8.56 -7.47
N LYS B 302 48.73 -8.62 -6.13
CA LYS B 302 49.88 -8.25 -5.31
C LYS B 302 51.12 -9.02 -5.75
N LYS B 303 51.01 -10.34 -5.85
CA LYS B 303 52.14 -11.16 -6.31
C LYS B 303 52.72 -10.64 -7.61
N GLY B 304 51.88 -10.46 -8.63
CA GLY B 304 52.36 -9.93 -9.90
C GLY B 304 53.04 -8.58 -9.74
N TYR B 305 52.43 -7.68 -8.96
CA TYR B 305 53.01 -6.37 -8.72
C TYR B 305 54.37 -6.47 -8.05
N THR B 306 54.45 -7.22 -6.95
CA THR B 306 55.72 -7.42 -6.26
C THR B 306 56.78 -7.99 -7.18
N GLN B 307 56.43 -8.98 -7.99
CA GLN B 307 57.39 -9.56 -8.93
C GLN B 307 57.82 -8.55 -9.98
N GLN B 308 56.92 -7.63 -10.36
CA GLN B 308 57.29 -6.63 -11.36
C GLN B 308 58.25 -5.60 -10.80
N LEU B 309 58.20 -5.36 -9.48
CA LEU B 309 59.15 -4.44 -8.86
C LEU B 309 60.58 -4.93 -9.01
N ALA B 310 60.77 -6.22 -9.24
CA ALA B 310 62.12 -6.77 -9.31
C ALA B 310 62.79 -6.38 -10.61
N PHE B 311 62.02 -5.98 -11.62
CA PHE B 311 62.55 -5.64 -12.93
C PHE B 311 62.57 -4.13 -13.12
N ARG B 312 62.31 -3.37 -12.06
CA ARG B 312 62.33 -1.92 -12.09
C ARG B 312 63.79 -1.45 -12.05
N GLN B 313 64.30 -1.02 -13.21
CA GLN B 313 65.65 -0.53 -13.26
C GLN B 313 65.79 0.77 -12.46
N PRO B 314 67.01 1.10 -11.99
CA PRO B 314 67.23 2.30 -11.17
C PRO B 314 66.71 3.58 -11.81
N SER B 315 66.50 3.56 -13.11
CA SER B 315 65.98 4.71 -13.82
C SER B 315 64.46 4.78 -13.77
N SER B 316 63.87 3.96 -12.90
CA SER B 316 62.42 3.80 -12.75
C SER B 316 61.77 3.33 -14.04
N ALA B 317 62.50 2.55 -14.85
CA ALA B 317 61.95 2.02 -16.07
C ALA B 317 61.72 0.53 -15.90
N PHE B 318 61.41 -0.15 -17.00
CA PHE B 318 61.13 -1.58 -17.01
C PHE B 318 61.64 -2.22 -18.29
N ALA B 319 62.15 -3.44 -18.16
CA ALA B 319 62.59 -4.23 -19.30
C ALA B 319 62.39 -5.70 -18.97
N ALA B 320 62.42 -6.52 -20.02
CA ALA B 320 62.23 -7.96 -19.85
C ALA B 320 63.25 -8.57 -18.88
N PHE B 321 64.47 -8.03 -18.87
CA PHE B 321 65.51 -8.50 -17.98
C PHE B 321 66.27 -7.31 -17.42
N VAL B 322 66.88 -7.51 -16.25
CA VAL B 322 67.53 -6.42 -15.53
C VAL B 322 68.65 -5.80 -16.36
N LYS B 323 69.34 -6.61 -17.16
CA LYS B 323 70.43 -6.12 -18.00
C LYS B 323 69.91 -5.47 -19.28
N ARG B 324 68.74 -5.89 -19.75
CA ARG B 324 68.17 -5.39 -20.99
C ARG B 324 67.88 -3.89 -20.90
N ALA B 325 68.07 -3.22 -22.04
CA ALA B 325 67.81 -1.78 -22.15
C ALA B 325 66.33 -1.50 -21.89
N PRO B 326 66.01 -0.39 -21.20
CA PRO B 326 64.60 -0.15 -20.85
C PRO B 326 63.74 0.09 -22.08
N SER B 327 62.60 -0.61 -22.10
CA SER B 327 61.63 -0.51 -23.19
C SER B 327 60.63 0.59 -22.92
N THR B 328 60.25 1.31 -23.98
CA THR B 328 59.25 2.36 -23.86
C THR B 328 57.85 1.75 -23.68
N TRP B 329 57.46 0.85 -24.58
CA TRP B 329 56.12 0.26 -24.55
C TRP B 329 55.87 -0.53 -23.27
N LEU B 330 56.88 -1.26 -22.78
CA LEU B 330 56.69 -2.07 -21.59
C LEU B 330 56.48 -1.19 -20.37
N THR B 331 57.29 -0.13 -20.24
CA THR B 331 57.12 0.79 -19.13
C THR B 331 55.75 1.46 -19.20
N ALA B 332 55.33 1.87 -20.40
CA ALA B 332 54.01 2.49 -20.56
C ALA B 332 52.89 1.52 -20.21
N TYR B 333 53.06 0.24 -20.56
CA TYR B 333 52.03 -0.74 -20.26
C TYR B 333 51.95 -1.07 -18.77
N VAL B 334 53.11 -1.12 -18.11
CA VAL B 334 53.12 -1.32 -16.66
C VAL B 334 52.39 -0.17 -15.97
N VAL B 335 52.64 1.06 -16.43
CA VAL B 335 51.90 2.21 -15.92
C VAL B 335 50.40 1.99 -16.11
N LYS B 336 50.00 1.57 -17.31
CA LYS B 336 48.60 1.31 -17.60
C LYS B 336 47.98 0.37 -16.58
N VAL B 337 48.51 -0.85 -16.51
CA VAL B 337 47.99 -1.87 -15.60
C VAL B 337 48.02 -1.37 -14.15
N PHE B 338 49.16 -0.83 -13.72
CA PHE B 338 49.30 -0.37 -12.34
C PHE B 338 48.34 0.76 -12.02
N SER B 339 48.04 1.62 -13.00
CA SER B 339 47.09 2.70 -12.79
C SER B 339 45.65 2.17 -12.64
N LEU B 340 45.31 1.09 -13.36
CA LEU B 340 43.97 0.54 -13.22
C LEU B 340 43.83 -0.37 -12.01
N ALA B 341 44.91 -0.65 -11.31
CA ALA B 341 44.90 -1.56 -10.19
C ALA B 341 45.05 -0.84 -8.86
N VAL B 342 45.13 0.50 -8.88
CA VAL B 342 45.33 1.25 -7.65
C VAL B 342 44.11 1.11 -6.75
N ASN B 343 42.95 0.83 -7.34
CA ASN B 343 41.69 0.69 -6.62
C ASN B 343 41.53 -0.69 -6.00
N LEU B 344 42.47 -1.60 -6.25
CA LEU B 344 42.40 -2.98 -5.81
C LEU B 344 43.45 -3.28 -4.75
N ILE B 345 44.71 -2.91 -5.01
CA ILE B 345 45.81 -3.20 -4.10
C ILE B 345 46.62 -1.93 -3.86
N ALA B 346 47.62 -2.06 -3.01
CA ALA B 346 48.51 -0.98 -2.60
C ALA B 346 49.57 -0.78 -3.67
N ILE B 347 49.43 0.27 -4.48
CA ILE B 347 50.40 0.59 -5.53
C ILE B 347 51.25 1.74 -5.00
N ASP B 348 52.56 1.59 -5.07
CA ASP B 348 53.46 2.63 -4.60
C ASP B 348 53.51 3.78 -5.60
N SER B 349 53.41 5.01 -5.09
CA SER B 349 53.39 6.18 -5.96
C SER B 349 54.74 6.42 -6.61
N GLN B 350 55.83 6.22 -5.85
CA GLN B 350 57.16 6.45 -6.41
C GLN B 350 57.42 5.58 -7.63
N VAL B 351 56.91 4.36 -7.60
CA VAL B 351 57.10 3.44 -8.73
C VAL B 351 56.36 3.98 -9.95
N LEU B 352 55.05 4.20 -9.81
CA LEU B 352 54.23 4.67 -10.92
C LEU B 352 54.71 6.03 -11.43
N CYS B 353 54.83 7.01 -10.53
CA CYS B 353 55.22 8.35 -10.94
C CYS B 353 56.65 8.40 -11.48
N GLY B 354 57.54 7.56 -10.96
CA GLY B 354 58.89 7.53 -11.50
C GLY B 354 58.93 7.06 -12.95
N ALA B 355 58.20 5.99 -13.26
CA ALA B 355 58.08 5.52 -14.65
C ALA B 355 57.54 6.61 -15.57
N VAL B 356 56.54 7.37 -15.12
CA VAL B 356 55.96 8.46 -15.91
C VAL B 356 57.00 9.55 -16.18
N LYS B 357 57.66 10.02 -15.12
CA LYS B 357 58.68 11.06 -15.27
C LYS B 357 59.80 10.61 -16.19
N TRP B 358 60.14 9.31 -16.16
CA TRP B 358 61.09 8.74 -17.10
C TRP B 358 60.65 8.87 -18.56
N LEU B 359 59.44 8.41 -18.88
CA LEU B 359 59.01 8.42 -20.28
C LEU B 359 58.98 9.82 -20.86
N ILE B 360 58.74 10.84 -20.04
CA ILE B 360 58.62 12.19 -20.58
C ILE B 360 59.99 12.75 -20.92
N LEU B 361 60.92 12.61 -19.97
CA LEU B 361 62.27 13.11 -20.05
C LEU B 361 63.22 12.31 -20.94
N GLU B 362 63.06 10.98 -20.98
CA GLU B 362 63.90 10.14 -21.82
C GLU B 362 63.34 9.65 -23.16
N LYS B 363 62.10 9.19 -23.24
CA LYS B 363 61.59 8.94 -24.58
C LYS B 363 60.52 9.85 -25.19
N GLN B 364 60.70 11.17 -25.17
CA GLN B 364 59.76 12.02 -25.88
C GLN B 364 60.54 13.08 -26.66
N LYS B 365 60.33 13.10 -27.96
CA LYS B 365 61.03 14.02 -28.85
C LYS B 365 60.44 15.42 -28.73
N PRO B 366 61.06 16.43 -29.37
CA PRO B 366 60.50 17.79 -29.30
C PRO B 366 59.11 17.92 -29.90
N ASP B 367 58.94 17.54 -31.17
CA ASP B 367 57.63 17.38 -31.81
C ASP B 367 56.62 16.80 -30.83
N GLY B 368 57.06 15.96 -29.89
CA GLY B 368 56.15 15.38 -28.92
C GLY B 368 55.83 13.91 -29.02
N VAL B 369 56.54 13.12 -29.83
CA VAL B 369 56.13 11.76 -30.09
C VAL B 369 57.05 10.73 -29.48
N PHE B 370 56.44 9.66 -28.97
CA PHE B 370 57.10 8.68 -28.14
C PHE B 370 57.89 7.78 -29.07
N GLN B 371 59.08 7.36 -28.65
CA GLN B 371 59.86 6.44 -29.47
C GLN B 371 60.31 5.22 -28.67
N GLU B 372 60.03 4.04 -29.22
CA GLU B 372 60.44 2.78 -28.64
C GLU B 372 61.87 2.45 -29.03
N ASP B 373 62.78 2.59 -28.07
CA ASP B 373 64.19 2.39 -28.31
C ASP B 373 64.62 0.95 -28.02
N ALA B 374 63.73 0.13 -27.46
CA ALA B 374 64.03 -1.27 -27.18
C ALA B 374 62.76 -2.12 -27.27
N PRO B 375 62.38 -2.51 -28.49
CA PRO B 375 61.12 -3.26 -28.67
C PRO B 375 61.04 -4.49 -27.76
N VAL B 376 59.83 -4.75 -27.25
CA VAL B 376 59.61 -5.88 -26.37
C VAL B 376 59.89 -7.22 -27.07
N ILE B 377 60.32 -8.21 -26.29
CA ILE B 377 60.70 -9.51 -26.83
C ILE B 377 59.46 -10.32 -27.24
N HIS B 378 58.37 -10.19 -26.48
CA HIS B 378 57.09 -10.82 -26.83
C HIS B 378 56.28 -9.85 -27.68
N GLN B 379 56.26 -10.08 -28.99
CA GLN B 379 55.59 -9.19 -29.93
C GLN B 379 54.10 -9.49 -30.00
N GLU B 380 53.63 -10.48 -29.26
CA GLU B 380 52.23 -10.87 -29.28
C GLU B 380 51.45 -10.22 -28.14
N MET B 381 52.12 -9.50 -27.25
CA MET B 381 51.46 -8.88 -26.12
C MET B 381 51.11 -7.43 -26.41
N ILE B 382 51.47 -6.94 -27.59
CA ILE B 382 51.24 -5.56 -27.97
C ILE B 382 50.02 -5.40 -28.86
N GLY B 383 49.53 -6.49 -29.45
CA GLY B 383 48.35 -6.43 -30.27
C GLY B 383 48.56 -5.63 -31.54
N GLY B 384 47.64 -4.68 -31.77
CA GLY B 384 47.56 -3.87 -32.97
C GLY B 384 48.81 -3.06 -33.30
N LEU B 385 49.75 -2.90 -32.37
CA LEU B 385 50.93 -2.12 -32.72
C LEU B 385 51.93 -2.93 -33.52
N ARG B 386 51.69 -4.22 -33.75
CA ARG B 386 52.64 -5.01 -34.52
C ARG B 386 52.66 -4.55 -35.96
N ASN B 387 51.48 -4.20 -36.49
CA ASN B 387 51.24 -3.79 -37.87
C ASN B 387 52.00 -2.53 -38.27
N ASN B 388 53.33 -2.64 -38.32
CA ASN B 388 54.34 -1.62 -38.64
C ASN B 388 53.89 -0.24 -39.12
N ASN B 389 52.71 -0.14 -39.74
CA ASN B 389 52.35 1.15 -40.28
C ASN B 389 51.88 2.10 -39.20
N GLU B 390 52.34 3.34 -39.32
CA GLU B 390 52.00 4.41 -38.40
C GLU B 390 52.35 4.07 -36.95
N LYS B 391 53.60 3.64 -36.74
CA LYS B 391 54.05 3.35 -35.39
C LYS B 391 54.03 4.62 -34.55
N ASP B 392 54.51 5.73 -35.12
CA ASP B 392 54.62 6.97 -34.36
C ASP B 392 53.25 7.36 -33.82
N MET B 393 52.24 7.41 -34.69
CA MET B 393 50.91 7.81 -34.24
C MET B 393 50.36 6.81 -33.22
N ALA B 394 50.46 5.51 -33.52
CA ALA B 394 49.95 4.47 -32.62
C ALA B 394 50.68 4.43 -31.28
N LEU B 395 52.02 4.34 -31.30
CA LEU B 395 52.75 4.29 -30.05
C LEU B 395 52.52 5.53 -29.19
N THR B 396 52.44 6.70 -29.81
CA THR B 396 52.12 7.93 -29.09
C THR B 396 50.79 7.81 -28.37
N ALA B 397 49.74 7.40 -29.11
CA ALA B 397 48.41 7.22 -28.53
C ALA B 397 48.46 6.26 -27.35
N PHE B 398 49.14 5.12 -27.51
CA PHE B 398 49.23 4.15 -26.44
C PHE B 398 49.86 4.77 -25.19
N VAL B 399 51.06 5.31 -25.33
CA VAL B 399 51.78 5.89 -24.18
C VAL B 399 50.99 7.04 -23.58
N LEU B 400 50.42 7.89 -24.43
CA LEU B 400 49.61 9.02 -23.97
C LEU B 400 48.43 8.56 -23.11
N ILE B 401 47.71 7.53 -23.56
CA ILE B 401 46.58 7.00 -22.78
C ILE B 401 47.04 6.53 -21.40
N SER B 402 48.20 5.86 -21.35
CA SER B 402 48.77 5.44 -20.07
C SER B 402 49.11 6.64 -19.19
N LEU B 403 49.47 7.77 -19.81
CA LEU B 403 49.78 8.99 -19.06
C LEU B 403 48.52 9.61 -18.50
N GLN B 404 47.49 9.72 -19.33
CA GLN B 404 46.27 10.37 -18.87
C GLN B 404 45.55 9.51 -17.84
N GLU B 405 45.78 8.19 -17.89
CA GLU B 405 45.21 7.30 -16.88
C GLU B 405 45.95 7.40 -15.56
N ALA B 406 47.22 7.80 -15.59
CA ALA B 406 48.00 7.94 -14.37
C ALA B 406 48.19 9.41 -14.03
N LYS B 407 47.30 10.26 -14.56
CA LYS B 407 47.35 11.70 -14.34
C LYS B 407 46.95 12.02 -12.91
N ASP B 408 45.75 11.59 -12.52
CA ASP B 408 45.21 11.92 -11.22
C ASP B 408 46.10 11.45 -10.07
N ILE B 409 46.96 10.47 -10.32
CA ILE B 409 47.85 9.96 -9.28
C ILE B 409 49.21 10.66 -9.31
N CYS B 410 49.76 10.88 -10.49
CA CYS B 410 51.10 11.45 -10.67
C CYS B 410 51.09 12.84 -11.30
N GLU B 411 50.17 13.68 -10.86
CA GLU B 411 50.15 15.06 -11.33
C GLU B 411 50.78 15.97 -10.30
N GLU B 412 50.77 15.54 -9.04
CA GLU B 412 51.34 16.29 -7.95
C GLU B 412 52.86 16.13 -7.94
N GLN B 413 53.34 14.89 -8.10
CA GLN B 413 54.77 14.61 -8.08
C GLN B 413 55.46 15.02 -9.39
N VAL B 414 54.94 14.55 -10.51
CA VAL B 414 55.50 14.88 -11.82
C VAL B 414 54.98 16.24 -12.29
N ASN B 415 55.89 17.22 -12.42
CA ASN B 415 55.46 18.56 -12.79
C ASN B 415 55.44 18.78 -14.29
N SER B 416 56.09 17.91 -15.06
CA SER B 416 56.18 18.07 -16.50
C SER B 416 55.09 17.28 -17.19
N LEU B 417 54.19 16.68 -16.42
CA LEU B 417 53.14 15.82 -17.00
C LEU B 417 52.19 16.63 -17.86
N PRO B 418 51.58 17.73 -17.40
CA PRO B 418 50.57 18.39 -18.23
C PRO B 418 51.16 18.88 -19.53
N GLY B 419 52.35 19.48 -19.48
CA GLY B 419 52.98 19.96 -20.71
C GLY B 419 53.26 18.83 -21.68
N SER B 420 53.64 17.65 -21.16
CA SER B 420 53.95 16.51 -22.02
C SER B 420 52.69 15.91 -22.65
N ILE B 421 51.64 15.76 -21.86
CA ILE B 421 50.34 15.34 -22.40
C ILE B 421 49.92 16.28 -23.52
N THR B 422 50.16 17.59 -23.34
CA THR B 422 49.77 18.57 -24.36
C THR B 422 50.59 18.42 -25.63
N LYS B 423 51.89 18.14 -25.51
CA LYS B 423 52.73 17.96 -26.70
C LYS B 423 52.32 16.72 -27.47
N ALA B 424 52.16 15.60 -26.78
CA ALA B 424 51.65 14.38 -27.42
C ALA B 424 50.32 14.66 -28.12
N GLY B 425 49.42 15.38 -27.46
CA GLY B 425 48.14 15.73 -28.05
C GLY B 425 48.26 16.55 -29.33
N ASP B 426 49.27 17.41 -29.42
CA ASP B 426 49.46 18.20 -30.63
C ASP B 426 49.79 17.32 -31.83
N PHE B 427 50.74 16.39 -31.66
CA PHE B 427 51.09 15.51 -32.79
C PHE B 427 49.92 14.66 -33.24
N LEU B 428 49.16 14.10 -32.30
CA LEU B 428 48.03 13.28 -32.71
C LEU B 428 47.02 14.15 -33.46
N GLU B 429 46.80 15.37 -32.97
CA GLU B 429 45.89 16.29 -33.65
C GLU B 429 46.38 16.64 -35.05
N ALA B 430 47.69 16.91 -35.21
CA ALA B 430 48.18 17.37 -36.50
C ALA B 430 48.10 16.31 -37.59
N ASN B 431 48.47 15.06 -37.30
CA ASN B 431 48.52 14.04 -38.34
C ASN B 431 47.44 12.99 -38.13
N TYR B 432 46.35 13.37 -37.47
CA TYR B 432 45.28 12.41 -37.25
C TYR B 432 44.55 12.14 -38.57
N MET B 433 44.24 13.20 -39.31
CA MET B 433 43.55 13.10 -40.61
C MET B 433 44.32 12.34 -41.68
N ASN B 434 45.63 12.15 -41.52
CA ASN B 434 46.39 11.41 -42.54
C ASN B 434 46.54 9.95 -42.19
N LEU B 435 45.79 9.47 -41.20
CA LEU B 435 45.70 8.07 -40.85
C LEU B 435 44.98 7.28 -41.94
N GLN B 436 45.28 5.98 -41.99
CA GLN B 436 44.61 5.05 -42.89
C GLN B 436 44.12 3.81 -42.15
N ARG B 437 44.95 3.25 -41.27
CA ARG B 437 44.64 2.07 -40.49
C ARG B 437 43.53 2.33 -39.48
N SER B 438 42.46 1.54 -39.52
CA SER B 438 41.30 1.77 -38.65
C SER B 438 41.75 1.77 -37.19
N TYR B 439 42.66 0.87 -36.86
CA TYR B 439 43.19 0.72 -35.51
C TYR B 439 43.81 2.02 -35.01
N THR B 440 44.64 2.67 -35.83
CA THR B 440 45.30 3.90 -35.39
C THR B 440 44.27 5.01 -35.17
N VAL B 441 43.25 5.09 -36.04
CA VAL B 441 42.19 6.08 -35.87
C VAL B 441 41.44 5.84 -34.56
N ALA B 442 41.23 4.56 -34.22
CA ALA B 442 40.52 4.20 -32.98
C ALA B 442 41.34 4.55 -31.75
N ILE B 443 42.61 4.12 -31.70
CA ILE B 443 43.42 4.34 -30.50
C ILE B 443 43.77 5.82 -30.34
N ALA B 444 43.99 6.52 -31.45
CA ALA B 444 44.26 7.95 -31.38
C ALA B 444 42.99 8.74 -31.11
N GLY B 445 41.84 8.20 -31.51
CA GLY B 445 40.58 8.85 -31.19
C GLY B 445 40.29 8.87 -29.70
N TYR B 446 40.54 7.74 -29.03
CA TYR B 446 40.36 7.71 -27.58
C TYR B 446 41.42 8.52 -26.85
N ALA B 447 42.63 8.61 -27.41
CA ALA B 447 43.64 9.43 -26.77
C ALA B 447 43.27 10.90 -26.83
N LEU B 448 42.57 11.31 -27.89
CA LEU B 448 42.18 12.71 -28.06
C LEU B 448 40.83 13.01 -27.44
N ALA B 449 39.97 12.00 -27.31
CA ALA B 449 38.66 12.26 -26.72
C ALA B 449 38.77 12.52 -25.22
N GLN B 450 39.82 12.00 -24.59
CA GLN B 450 40.05 12.21 -23.16
C GLN B 450 40.40 13.66 -22.85
N MET B 451 40.92 14.40 -23.84
CA MET B 451 41.25 15.81 -23.72
C MET B 451 40.12 16.69 -24.23
N GLY B 452 39.23 16.13 -25.03
CA GLY B 452 38.17 16.87 -25.67
C GLY B 452 38.66 17.55 -26.91
N ARG B 453 39.73 17.05 -27.50
CA ARG B 453 40.32 17.61 -28.70
C ARG B 453 39.93 16.81 -29.93
N LEU B 454 38.92 15.95 -29.82
CA LEU B 454 38.44 15.15 -30.94
C LEU B 454 37.12 15.76 -31.41
N LYS B 455 37.24 16.76 -32.26
CA LYS B 455 36.07 17.47 -32.78
C LYS B 455 36.29 17.73 -34.26
N GLY B 456 35.25 18.25 -34.92
CA GLY B 456 35.35 18.63 -36.30
C GLY B 456 35.62 17.47 -37.22
N PRO B 457 36.44 17.73 -38.25
CA PRO B 457 36.81 16.68 -39.21
C PRO B 457 37.45 15.47 -38.57
N LEU B 458 38.18 15.67 -37.46
CA LEU B 458 38.79 14.56 -36.73
C LEU B 458 37.72 13.62 -36.19
N LEU B 459 36.72 14.19 -35.50
CA LEU B 459 35.63 13.37 -34.99
C LEU B 459 34.89 12.70 -36.15
N ASN B 460 34.76 13.42 -37.26
CA ASN B 460 34.11 12.87 -38.45
C ASN B 460 34.87 11.68 -39.00
N LYS B 461 36.20 11.78 -39.08
CA LYS B 461 37.00 10.65 -39.54
C LYS B 461 36.92 9.48 -38.57
N PHE B 462 36.85 9.75 -37.27
CA PHE B 462 36.70 8.68 -36.28
C PHE B 462 35.38 7.93 -36.44
N LEU B 463 34.33 8.64 -36.82
CA LEU B 463 33.02 8.02 -36.97
C LEU B 463 32.85 7.31 -38.30
N THR B 464 33.45 7.84 -39.38
CA THR B 464 33.28 7.26 -40.70
C THR B 464 34.21 6.08 -40.94
N THR B 465 35.26 5.93 -40.13
CA THR B 465 36.20 4.83 -40.25
C THR B 465 35.62 3.54 -39.68
N ALA B 466 34.53 3.65 -38.94
CA ALA B 466 33.82 2.51 -38.35
C ALA B 466 32.95 1.87 -39.42
N LYS B 467 33.34 0.68 -39.87
CA LYS B 467 32.55 0.03 -40.90
C LYS B 467 31.24 -0.45 -40.29
N ASP B 468 30.14 -0.29 -41.06
CA ASP B 468 28.81 -0.71 -40.60
C ASP B 468 28.38 -0.02 -39.31
N LYS B 469 29.07 1.06 -38.94
CA LYS B 469 28.75 1.84 -37.75
C LYS B 469 28.88 1.06 -36.44
N ASN B 470 29.61 -0.06 -36.41
CA ASN B 470 29.67 -0.84 -35.17
C ASN B 470 31.01 -1.52 -34.90
N ARG B 471 32.04 -1.34 -35.73
CA ARG B 471 33.30 -2.02 -35.48
C ARG B 471 34.41 -1.29 -36.24
N TRP B 472 35.59 -1.20 -35.62
CA TRP B 472 36.75 -0.60 -36.27
C TRP B 472 37.63 -1.77 -36.73
N GLU B 473 37.39 -2.25 -37.94
CA GLU B 473 37.98 -3.48 -38.45
C GLU B 473 39.04 -3.18 -39.50
N ASP B 474 40.15 -3.94 -39.45
CA ASP B 474 41.26 -3.83 -40.40
C ASP B 474 41.80 -5.20 -40.79
N PRO B 475 42.02 -5.44 -42.10
CA PRO B 475 42.50 -6.74 -42.59
C PRO B 475 43.70 -7.28 -41.81
N GLY B 476 43.53 -8.45 -41.21
CA GLY B 476 44.54 -9.06 -40.39
C GLY B 476 43.89 -9.91 -39.31
N LYS B 477 44.60 -10.03 -38.19
CA LYS B 477 44.08 -10.82 -37.08
C LYS B 477 42.85 -10.14 -36.49
N GLN B 478 41.91 -10.96 -36.04
CA GLN B 478 40.67 -10.44 -35.47
C GLN B 478 40.93 -9.80 -34.11
N LEU B 479 41.98 -10.26 -33.42
CA LEU B 479 42.29 -9.71 -32.12
C LEU B 479 42.68 -8.24 -32.22
N TYR B 480 43.30 -7.85 -33.33
CA TYR B 480 43.61 -6.43 -33.55
C TYR B 480 42.33 -5.62 -33.70
N ASN B 481 41.33 -6.18 -34.39
CA ASN B 481 40.05 -5.51 -34.59
C ASN B 481 39.24 -5.42 -33.30
N VAL B 482 39.33 -6.44 -32.43
CA VAL B 482 38.62 -6.40 -31.16
C VAL B 482 39.23 -5.31 -30.28
N GLU B 483 40.56 -5.23 -30.26
CA GLU B 483 41.25 -4.18 -29.52
C GLU B 483 40.85 -2.80 -30.04
N ALA B 484 40.88 -2.62 -31.37
CA ALA B 484 40.53 -1.34 -31.97
C ALA B 484 39.11 -0.92 -31.63
N THR B 485 38.13 -1.82 -31.74
CA THR B 485 36.75 -1.49 -31.42
C THR B 485 36.58 -1.18 -29.93
N SER B 486 37.39 -1.81 -29.08
CA SER B 486 37.35 -1.51 -27.65
C SER B 486 37.84 -0.10 -27.36
N TYR B 487 38.95 0.29 -27.99
CA TYR B 487 39.43 1.67 -27.86
C TYR B 487 38.37 2.65 -28.33
N ALA B 488 37.72 2.35 -29.45
CA ALA B 488 36.69 3.24 -30.00
C ALA B 488 35.50 3.34 -29.07
N LEU B 489 35.10 2.22 -28.45
CA LEU B 489 34.01 2.26 -27.49
C LEU B 489 34.38 3.13 -26.29
N LEU B 490 35.62 3.01 -25.80
CA LEU B 490 36.06 3.88 -24.72
C LEU B 490 36.03 5.34 -25.15
N ALA B 491 36.25 5.61 -26.44
CA ALA B 491 36.21 6.98 -26.94
C ALA B 491 34.77 7.48 -27.01
N LEU B 492 33.84 6.61 -27.44
CA LEU B 492 32.44 7.01 -27.51
C LEU B 492 31.84 7.21 -26.13
N LEU B 493 32.34 6.49 -25.13
CA LEU B 493 31.90 6.67 -23.75
C LEU B 493 32.49 7.94 -23.16
N GLN B 494 33.52 8.47 -23.82
CA GLN B 494 34.17 9.70 -23.43
C GLN B 494 33.53 10.87 -24.15
N LEU B 495 33.02 10.62 -25.35
CA LEU B 495 32.39 11.66 -26.15
C LEU B 495 30.90 11.74 -25.86
N LYS B 496 30.40 10.89 -24.95
CA LYS B 496 29.01 10.88 -24.52
C LYS B 496 28.05 10.66 -25.69
N ASP B 497 28.52 9.98 -26.74
CA ASP B 497 27.71 9.72 -27.94
C ASP B 497 26.97 8.40 -27.78
N PHE B 498 25.91 8.43 -26.96
CA PHE B 498 25.16 7.22 -26.64
C PHE B 498 24.25 6.78 -27.77
N ASP B 499 24.28 7.49 -28.90
CA ASP B 499 23.50 7.12 -30.07
C ASP B 499 24.26 6.15 -30.96
N PHE B 500 25.56 6.05 -30.75
CA PHE B 500 26.44 5.21 -31.54
C PHE B 500 27.00 4.04 -30.73
N VAL B 501 26.80 4.06 -29.42
CA VAL B 501 27.35 3.06 -28.50
C VAL B 501 26.64 1.71 -28.57
N PRO B 502 25.30 1.63 -28.59
CA PRO B 502 24.63 0.29 -28.63
C PRO B 502 25.09 -0.60 -29.77
N PRO B 503 25.23 -0.11 -31.01
CA PRO B 503 25.70 -1.01 -32.07
C PRO B 503 27.10 -1.56 -31.82
N VAL B 504 28.03 -0.72 -31.38
CA VAL B 504 29.39 -1.16 -31.06
C VAL B 504 29.38 -2.26 -30.01
N VAL B 505 28.78 -1.97 -28.84
CA VAL B 505 28.68 -2.94 -27.74
C VAL B 505 28.06 -4.26 -28.17
N ARG B 506 26.96 -4.21 -28.93
CA ARG B 506 26.32 -5.43 -29.39
C ARG B 506 27.27 -6.30 -30.21
N TRP B 507 28.05 -5.68 -31.10
CA TRP B 507 28.99 -6.46 -31.89
C TRP B 507 30.07 -7.09 -31.01
N LEU B 508 30.56 -6.36 -30.02
CA LEU B 508 31.55 -6.90 -29.09
C LEU B 508 31.02 -8.11 -28.32
N ASN B 509 29.76 -8.06 -27.87
CA ASN B 509 29.22 -9.20 -27.13
C ASN B 509 28.99 -10.40 -28.04
N GLU B 510 28.76 -10.16 -29.32
CA GLU B 510 28.51 -11.26 -30.26
C GLU B 510 29.80 -11.98 -30.60
N GLN B 511 30.96 -11.37 -30.35
CA GLN B 511 32.21 -12.04 -30.63
C GLN B 511 32.50 -13.12 -29.61
N ARG B 512 31.89 -13.02 -28.41
CA ARG B 512 32.07 -14.00 -27.35
C ARG B 512 33.53 -14.20 -26.97
N TYR B 513 34.33 -13.15 -27.13
CA TYR B 513 35.75 -13.20 -26.80
C TYR B 513 35.95 -12.93 -25.32
N TYR B 514 36.47 -13.93 -24.60
CA TYR B 514 36.59 -13.90 -23.15
C TYR B 514 38.03 -13.80 -22.68
N GLY B 515 38.93 -13.38 -23.57
CA GLY B 515 40.32 -13.21 -23.22
C GLY B 515 41.05 -14.52 -23.01
N GLY B 516 42.35 -14.42 -22.78
CA GLY B 516 43.17 -15.60 -22.58
C GLY B 516 43.70 -16.17 -23.87
N GLY B 517 44.88 -16.78 -23.79
CA GLY B 517 45.50 -17.44 -24.92
C GLY B 517 46.77 -16.74 -25.38
N TYR B 518 47.37 -17.34 -26.41
CA TYR B 518 48.60 -16.81 -26.99
C TYR B 518 48.39 -15.40 -27.50
N GLY B 519 49.08 -14.44 -26.88
CA GLY B 519 48.99 -13.05 -27.26
C GLY B 519 47.65 -12.35 -27.16
N SER B 520 47.00 -12.53 -26.02
CA SER B 520 45.72 -11.92 -25.72
C SER B 520 45.86 -10.66 -24.89
N THR B 521 47.08 -10.31 -24.44
CA THR B 521 47.35 -9.21 -23.51
C THR B 521 46.51 -7.96 -23.79
N GLN B 522 46.72 -7.33 -24.94
CA GLN B 522 45.97 -6.12 -25.26
C GLN B 522 44.48 -6.40 -25.40
N ALA B 523 44.13 -7.44 -26.16
CA ALA B 523 42.72 -7.76 -26.39
C ALA B 523 41.98 -8.17 -25.11
N THR B 524 42.68 -8.63 -24.08
CA THR B 524 42.02 -8.97 -22.83
C THR B 524 41.82 -7.73 -21.94
N PHE B 525 42.86 -6.91 -21.82
CA PHE B 525 42.78 -5.69 -21.02
C PHE B 525 41.75 -4.72 -21.59
N MET B 526 41.83 -4.45 -22.89
CA MET B 526 41.05 -3.37 -23.49
C MET B 526 39.57 -3.72 -23.57
N VAL B 527 39.23 -4.97 -23.91
CA VAL B 527 37.82 -5.30 -24.10
C VAL B 527 37.07 -5.25 -22.77
N PHE B 528 37.70 -5.63 -21.66
CA PHE B 528 37.02 -5.59 -20.37
C PHE B 528 37.09 -4.21 -19.74
N GLN B 529 38.13 -3.42 -20.03
CA GLN B 529 38.15 -2.03 -19.59
C GLN B 529 37.05 -1.24 -20.28
N ALA B 530 36.85 -1.49 -21.58
CA ALA B 530 35.82 -0.77 -22.33
C ALA B 530 34.43 -1.18 -21.89
N LEU B 531 34.21 -2.48 -21.66
CA LEU B 531 32.91 -2.96 -21.19
C LEU B 531 32.65 -2.52 -19.76
N ALA B 532 33.67 -2.54 -18.89
CA ALA B 532 33.49 -2.07 -17.52
C ALA B 532 33.11 -0.58 -17.52
N GLN B 533 33.73 0.21 -18.39
CA GLN B 533 33.37 1.62 -18.50
C GLN B 533 32.00 1.78 -19.14
N TYR B 534 31.60 0.82 -19.97
CA TYR B 534 30.27 0.84 -20.56
C TYR B 534 29.19 0.59 -19.53
N GLN B 535 29.43 -0.32 -18.58
CA GLN B 535 28.44 -0.55 -17.55
C GLN B 535 28.44 0.57 -16.52
N LYS B 536 29.50 1.38 -16.50
CA LYS B 536 29.59 2.51 -15.59
C LYS B 536 28.79 3.70 -16.12
N ASP B 537 29.11 4.15 -17.35
CA ASP B 537 28.40 5.24 -17.99
C ASP B 537 26.99 4.87 -18.46
N ALA B 538 26.63 3.60 -18.40
CA ALA B 538 25.34 3.11 -18.86
C ALA B 538 24.28 3.73 -17.97
N PRO B 539 23.31 4.48 -18.50
CA PRO B 539 22.30 5.06 -17.62
C PRO B 539 20.99 4.29 -17.60
N ASP B 540 20.69 3.90 -16.36
CA ASP B 540 19.68 2.90 -16.05
C ASP B 540 18.29 3.11 -16.65
N HIS B 541 17.83 4.35 -16.77
CA HIS B 541 16.50 4.55 -17.36
C HIS B 541 16.42 5.84 -18.16
N GLN B 542 15.66 5.79 -19.27
CA GLN B 542 15.39 7.00 -20.05
C GLN B 542 14.70 8.05 -19.18
N GLU B 543 15.25 9.26 -19.19
CA GLU B 543 14.78 10.31 -18.28
C GLU B 543 13.28 10.57 -18.44
N LEU B 544 12.56 10.53 -17.33
CA LEU B 544 11.13 10.86 -17.36
C LEU B 544 10.86 12.07 -16.48
N ASN B 545 10.34 13.13 -17.09
CA ASN B 545 9.98 14.35 -16.38
C ASN B 545 8.92 15.08 -17.20
N LEU B 546 7.66 14.63 -17.10
CA LEU B 546 6.58 15.22 -17.88
C LEU B 546 5.91 16.38 -17.15
N ASP B 547 5.63 17.44 -17.89
CA ASP B 547 4.85 18.57 -17.41
C ASP B 547 3.58 18.63 -18.24
N VAL B 548 2.46 18.15 -17.70
CA VAL B 548 1.22 18.05 -18.47
C VAL B 548 0.21 18.98 -17.82
N SER B 549 -0.20 20.02 -18.56
CA SER B 549 -1.14 21.04 -18.09
C SER B 549 -2.48 20.91 -18.84
N LEU B 550 -3.57 20.74 -18.10
CA LEU B 550 -4.90 20.76 -18.69
C LEU B 550 -5.34 22.21 -18.91
N GLN B 551 -6.40 22.38 -19.71
CA GLN B 551 -6.97 23.71 -19.94
C GLN B 551 -8.45 23.57 -20.25
N LEU B 552 -9.28 23.68 -19.20
CA LEU B 552 -10.73 23.59 -19.33
C LEU B 552 -11.32 25.00 -19.45
N PRO B 553 -12.28 25.17 -20.37
CA PRO B 553 -12.93 26.49 -20.51
C PRO B 553 -13.67 26.96 -19.26
N SER B 554 -14.17 26.03 -18.45
CA SER B 554 -14.93 26.34 -17.24
C SER B 554 -14.07 26.53 -15.99
N ARG B 555 -12.75 26.45 -16.11
CA ARG B 555 -11.85 26.65 -14.97
C ARG B 555 -11.09 27.96 -15.14
N SER B 556 -10.98 28.72 -14.05
CA SER B 556 -10.33 30.02 -14.10
C SER B 556 -8.83 29.87 -14.31
N SER B 557 -8.17 29.02 -13.54
CA SER B 557 -6.72 28.88 -13.65
C SER B 557 -6.39 27.64 -14.48
N LYS B 558 -5.15 27.16 -14.38
CA LYS B 558 -4.66 26.02 -15.13
C LYS B 558 -4.32 24.90 -14.17
N ILE B 559 -4.82 23.69 -14.44
CA ILE B 559 -4.49 22.52 -13.63
C ILE B 559 -3.24 21.87 -14.19
N THR B 560 -2.18 21.84 -13.40
CA THR B 560 -0.91 21.28 -13.85
C THR B 560 -0.56 20.02 -13.06
N HIS B 561 0.22 19.14 -13.68
CA HIS B 561 0.65 17.88 -13.09
C HIS B 561 2.10 17.63 -13.48
N ARG B 562 2.94 17.27 -12.53
CA ARG B 562 4.34 16.97 -12.78
C ARG B 562 4.55 15.46 -12.67
N ILE B 563 4.68 14.78 -13.80
CA ILE B 563 4.90 13.34 -13.83
C ILE B 563 6.39 13.08 -13.80
N HIS B 564 6.89 12.55 -12.69
CA HIS B 564 8.29 12.23 -12.50
C HIS B 564 8.51 10.73 -12.54
N TRP B 565 9.78 10.34 -12.54
CA TRP B 565 10.11 8.93 -12.65
C TRP B 565 9.69 8.18 -11.40
N GLU B 566 9.88 8.80 -10.23
CA GLU B 566 9.58 8.12 -8.98
C GLU B 566 8.07 7.89 -8.79
N SER B 567 7.24 8.66 -9.48
CA SER B 567 5.79 8.52 -9.38
C SER B 567 5.16 8.45 -10.77
N ALA B 568 5.79 7.70 -11.69
CA ALA B 568 5.28 7.62 -13.05
C ALA B 568 3.97 6.85 -13.14
N SER B 569 3.83 5.78 -12.36
CA SER B 569 2.63 4.94 -12.42
C SER B 569 1.44 5.52 -11.68
N LEU B 570 1.60 6.64 -10.97
CA LEU B 570 0.49 7.19 -10.20
C LEU B 570 -0.59 7.71 -11.13
N LEU B 571 -1.80 7.17 -11.02
CA LEU B 571 -2.93 7.62 -11.82
C LEU B 571 -3.38 8.98 -11.32
N ARG B 572 -3.26 10.01 -12.16
CA ARG B 572 -3.61 11.38 -11.81
C ARG B 572 -4.95 11.74 -12.44
N SER B 573 -6.02 11.72 -11.65
CA SER B 573 -7.37 11.91 -12.17
C SER B 573 -7.87 13.33 -11.86
N GLU B 574 -8.46 13.97 -12.87
CA GLU B 574 -9.12 15.26 -12.69
C GLU B 574 -10.51 15.21 -13.30
N GLU B 575 -11.52 15.46 -12.47
CA GLU B 575 -12.92 15.32 -12.86
C GLU B 575 -13.54 16.67 -13.22
N THR B 576 -14.48 16.65 -14.17
CA THR B 576 -15.20 17.83 -14.63
C THR B 576 -16.64 17.46 -14.94
N LYS B 577 -17.59 18.12 -14.27
CA LYS B 577 -19.01 17.80 -14.46
C LYS B 577 -19.54 18.28 -15.81
N GLU B 578 -18.96 19.32 -16.41
CA GLU B 578 -19.44 19.78 -17.70
C GLU B 578 -18.83 18.97 -18.84
N ASN B 579 -19.65 18.57 -19.80
CA ASN B 579 -19.18 17.87 -21.00
C ASN B 579 -18.57 18.88 -21.96
N GLU B 580 -17.27 19.11 -21.83
CA GLU B 580 -16.56 20.16 -22.54
C GLU B 580 -15.52 19.60 -23.49
N GLY B 581 -15.14 20.40 -24.48
CA GLY B 581 -13.96 20.15 -25.28
C GLY B 581 -12.84 21.04 -24.75
N PHE B 582 -11.67 20.44 -24.59
CA PHE B 582 -10.54 21.11 -23.95
C PHE B 582 -9.22 20.76 -24.63
N THR B 583 -8.17 21.44 -24.18
CA THR B 583 -6.83 21.35 -24.74
C THR B 583 -5.87 20.82 -23.68
N VAL B 584 -5.04 19.85 -24.06
CA VAL B 584 -4.03 19.28 -23.18
C VAL B 584 -2.65 19.56 -23.77
N THR B 585 -1.78 20.17 -22.97
CA THR B 585 -0.43 20.53 -23.42
C THR B 585 0.62 19.86 -22.53
N ALA B 586 1.38 18.94 -23.12
CA ALA B 586 2.42 18.19 -22.43
C ALA B 586 3.79 18.64 -22.92
N GLU B 587 4.77 18.65 -22.02
CA GLU B 587 6.13 19.04 -22.39
C GLU B 587 7.14 18.42 -21.44
N GLY B 588 8.26 17.95 -22.00
CA GLY B 588 9.32 17.32 -21.24
C GLY B 588 9.69 15.97 -21.82
N LYS B 589 10.72 15.37 -21.22
CA LYS B 589 11.20 14.07 -21.66
C LYS B 589 10.32 12.96 -21.07
N GLY B 590 10.22 11.86 -21.80
CA GLY B 590 9.49 10.69 -21.36
C GLY B 590 8.20 10.48 -22.14
N GLN B 591 7.43 9.48 -21.70
CA GLN B 591 6.19 9.08 -22.34
C GLN B 591 5.07 8.93 -21.31
N GLY B 592 3.83 9.06 -21.77
CA GLY B 592 2.66 8.93 -20.93
C GLY B 592 1.43 8.49 -21.71
N THR B 593 0.34 8.28 -20.98
CA THR B 593 -0.95 7.87 -21.55
C THR B 593 -2.07 8.75 -21.02
N LEU B 594 -2.94 9.21 -21.91
CA LEU B 594 -4.09 10.04 -21.56
C LEU B 594 -5.39 9.33 -21.90
N SER B 595 -6.26 9.13 -20.90
CA SER B 595 -7.54 8.43 -21.07
C SER B 595 -8.68 9.31 -20.55
N VAL B 596 -9.51 9.83 -21.45
CA VAL B 596 -10.70 10.61 -21.11
C VAL B 596 -11.94 9.71 -21.16
N VAL B 597 -12.57 9.48 -20.01
CA VAL B 597 -13.72 8.58 -19.90
C VAL B 597 -14.86 9.30 -19.18
N THR B 598 -16.02 9.44 -19.86
CA THR B 598 -17.18 10.18 -19.36
C THR B 598 -18.28 9.22 -18.89
N MET B 599 -18.60 9.26 -17.59
CA MET B 599 -19.74 8.54 -17.00
C MET B 599 -21.03 9.36 -17.10
N TYR B 600 -22.14 8.68 -17.40
CA TYR B 600 -23.43 9.34 -17.52
C TYR B 600 -24.54 8.31 -17.27
N HIS B 601 -25.78 8.70 -17.57
CA HIS B 601 -26.97 7.85 -17.43
C HIS B 601 -27.64 7.68 -18.78
N ALA B 602 -27.72 6.43 -19.22
CA ALA B 602 -28.25 6.03 -20.52
C ALA B 602 -29.62 5.39 -20.41
N LYS B 603 -30.50 5.75 -21.34
CA LYS B 603 -31.84 5.17 -21.43
C LYS B 603 -31.71 3.67 -21.70
N ALA B 604 -32.60 2.89 -21.09
CA ALA B 604 -32.54 1.43 -21.14
C ALA B 604 -33.73 0.83 -21.89
N LYS B 605 -33.36 0.16 -22.99
CA LYS B 605 -34.26 -0.59 -23.87
C LYS B 605 -34.88 -1.76 -23.11
N ASP B 606 -34.02 -2.51 -22.41
CA ASP B 606 -34.32 -3.63 -21.55
C ASP B 606 -35.16 -3.25 -20.33
N GLN B 607 -36.03 -4.18 -19.94
CA GLN B 607 -37.02 -3.94 -18.90
C GLN B 607 -36.27 -3.81 -17.57
N LEU B 608 -36.69 -2.82 -16.79
CA LEU B 608 -36.10 -2.48 -15.51
C LEU B 608 -36.68 -3.26 -14.33
N THR B 609 -37.98 -3.49 -14.32
CA THR B 609 -38.69 -4.20 -13.28
C THR B 609 -39.41 -5.44 -13.81
N CYS B 610 -39.48 -6.48 -12.99
CA CYS B 610 -40.14 -7.73 -13.35
C CYS B 610 -39.53 -8.38 -14.60
N ASN B 611 -38.22 -8.63 -14.53
CA ASN B 611 -37.54 -9.27 -15.65
C ASN B 611 -37.65 -10.79 -15.62
N LYS B 612 -37.85 -11.38 -14.45
CA LYS B 612 -37.94 -12.82 -14.29
C LYS B 612 -39.29 -13.33 -13.79
N PHE B 613 -40.27 -12.45 -13.59
CA PHE B 613 -41.54 -12.87 -13.05
C PHE B 613 -42.66 -11.99 -13.60
N ASP B 614 -43.79 -12.60 -13.91
CA ASP B 614 -45.01 -11.87 -14.27
C ASP B 614 -45.95 -11.92 -13.07
N LEU B 615 -46.49 -10.77 -12.67
CA LEU B 615 -47.37 -10.70 -11.52
C LEU B 615 -48.59 -9.84 -11.85
N LYS B 616 -49.79 -10.40 -11.65
CA LYS B 616 -51.07 -9.72 -11.82
C LYS B 616 -51.84 -9.79 -10.50
N VAL B 617 -52.25 -8.63 -9.97
CA VAL B 617 -52.97 -8.54 -8.71
C VAL B 617 -54.30 -7.82 -8.92
N THR B 618 -55.39 -8.44 -8.46
CA THR B 618 -56.75 -7.96 -8.64
C THR B 618 -57.46 -7.93 -7.29
N ILE B 619 -58.26 -6.89 -7.05
CA ILE B 619 -59.08 -6.77 -5.85
C ILE B 619 -60.51 -6.46 -6.26
N LYS B 620 -61.43 -7.37 -5.94
CA LYS B 620 -62.82 -7.28 -6.38
C LYS B 620 -63.79 -7.37 -5.21
N PRO B 621 -64.94 -6.70 -5.32
CA PRO B 621 -66.00 -6.84 -4.30
C PRO B 621 -66.52 -8.27 -4.23
N ALA B 622 -66.44 -8.86 -3.04
CA ALA B 622 -66.89 -10.25 -2.88
C ALA B 622 -68.41 -10.32 -2.87
N PRO B 623 -69.01 -11.31 -3.56
CA PRO B 623 -70.45 -11.34 -3.72
C PRO B 623 -71.19 -11.98 -2.55
N GLU B 624 -72.49 -12.22 -2.74
CA GLU B 624 -73.33 -12.97 -1.80
C GLU B 624 -73.32 -12.39 -0.39
N THR B 625 -72.32 -12.78 0.41
CA THR B 625 -72.20 -12.45 1.83
C THR B 625 -73.33 -13.05 2.65
N GLU B 626 -73.03 -13.48 3.88
CA GLU B 626 -74.00 -14.15 4.73
C GLU B 626 -74.73 -13.14 5.63
N LYS B 627 -74.86 -13.46 6.93
CA LYS B 627 -75.63 -12.63 7.85
C LYS B 627 -74.73 -12.20 8.99
N ARG B 628 -74.84 -12.83 10.17
CA ARG B 628 -74.05 -12.41 11.34
C ARG B 628 -73.05 -13.46 11.84
N PRO B 629 -72.28 -14.15 10.96
CA PRO B 629 -71.08 -14.84 11.46
C PRO B 629 -69.82 -14.26 10.84
N GLN B 630 -69.23 -14.99 9.90
CA GLN B 630 -68.12 -14.53 9.05
C GLN B 630 -67.00 -13.99 9.95
N ASP B 631 -66.47 -12.79 9.67
CA ASP B 631 -65.45 -12.17 10.50
C ASP B 631 -65.80 -10.70 10.74
N ALA B 632 -66.10 -9.96 9.68
CA ALA B 632 -66.42 -8.56 9.78
C ALA B 632 -67.24 -8.14 8.56
N LYS B 633 -67.54 -6.85 8.47
CA LYS B 633 -68.31 -6.28 7.38
C LYS B 633 -67.39 -5.69 6.30
N ASN B 634 -67.98 -5.46 5.13
CA ASN B 634 -67.30 -5.20 3.86
C ASN B 634 -66.24 -6.28 3.58
N THR B 635 -66.47 -7.10 2.57
CA THR B 635 -65.56 -8.17 2.17
C THR B 635 -65.16 -8.05 0.70
N MET B 636 -63.87 -8.21 0.40
CA MET B 636 -63.38 -8.14 -0.97
C MET B 636 -62.58 -9.40 -1.28
N ILE B 637 -62.23 -9.59 -2.55
CA ILE B 637 -61.51 -10.77 -3.02
C ILE B 637 -60.18 -10.37 -3.65
N LEU B 638 -59.08 -10.83 -3.06
CA LEU B 638 -57.74 -10.61 -3.59
C LEU B 638 -57.31 -11.82 -4.43
N GLU B 639 -56.97 -11.58 -5.69
CA GLU B 639 -56.52 -12.63 -6.62
C GLU B 639 -55.11 -12.32 -7.13
N ILE B 640 -54.22 -13.31 -7.05
CA ILE B 640 -52.81 -13.16 -7.39
C ILE B 640 -52.41 -14.24 -8.39
N CYS B 641 -51.94 -13.82 -9.58
CA CYS B 641 -51.56 -14.74 -10.65
C CYS B 641 -50.11 -14.50 -11.06
N THR B 642 -49.28 -15.53 -10.95
CA THR B 642 -47.85 -15.42 -11.23
C THR B 642 -47.36 -16.50 -12.19
N ARG B 643 -46.33 -16.15 -12.98
CA ARG B 643 -45.72 -17.05 -13.96
C ARG B 643 -44.23 -16.76 -14.07
N TYR B 644 -43.40 -17.80 -14.00
CA TYR B 644 -41.95 -17.63 -14.10
C TYR B 644 -41.52 -17.39 -15.56
N ARG B 645 -40.66 -16.38 -15.76
CA ARG B 645 -40.16 -16.05 -17.10
C ARG B 645 -38.86 -16.81 -17.38
N GLY B 646 -38.97 -18.13 -17.50
CA GLY B 646 -37.80 -18.96 -17.76
C GLY B 646 -38.12 -20.11 -18.69
N ASP B 647 -37.08 -20.93 -18.92
CA ASP B 647 -37.25 -22.11 -19.76
C ASP B 647 -37.85 -23.27 -18.97
N GLN B 648 -37.52 -23.36 -17.68
CA GLN B 648 -38.03 -24.37 -16.77
C GLN B 648 -38.90 -23.72 -15.70
N ASP B 649 -39.56 -24.56 -14.91
CA ASP B 649 -40.29 -24.07 -13.75
C ASP B 649 -39.34 -23.44 -12.74
N ALA B 650 -39.86 -22.49 -11.98
CA ALA B 650 -39.13 -21.91 -10.85
C ALA B 650 -39.15 -22.86 -9.67
N THR B 651 -38.13 -22.75 -8.82
CA THR B 651 -38.07 -23.54 -7.60
C THR B 651 -38.87 -22.83 -6.50
N MET B 652 -38.56 -23.16 -5.24
CA MET B 652 -39.25 -22.57 -4.09
C MET B 652 -39.27 -21.05 -4.16
N SER B 653 -40.45 -20.46 -3.99
CA SER B 653 -40.63 -19.03 -4.15
C SER B 653 -41.40 -18.47 -2.95
N ILE B 654 -41.37 -17.14 -2.82
CA ILE B 654 -41.99 -16.42 -1.70
C ILE B 654 -43.02 -15.42 -2.22
N LEU B 655 -44.21 -15.45 -1.62
CA LEU B 655 -45.23 -14.43 -1.79
C LEU B 655 -45.29 -13.52 -0.57
N ASP B 656 -44.84 -12.27 -0.71
CA ASP B 656 -44.83 -11.31 0.41
C ASP B 656 -45.98 -10.35 0.21
N ILE B 657 -47.06 -10.54 0.98
CA ILE B 657 -48.30 -9.79 0.83
C ILE B 657 -48.43 -8.80 1.99
N SER B 658 -48.58 -7.51 1.67
CA SER B 658 -48.89 -6.51 2.68
C SER B 658 -50.32 -6.03 2.49
N MET B 659 -51.10 -6.04 3.58
CA MET B 659 -52.50 -5.65 3.53
C MET B 659 -52.68 -4.14 3.35
N MET B 660 -53.86 -3.77 2.87
CA MET B 660 -54.29 -2.38 2.87
C MET B 660 -54.68 -2.01 4.28
N THR B 661 -54.44 -0.76 4.64
CA THR B 661 -54.70 -0.29 6.00
C THR B 661 -56.15 -0.54 6.38
N GLY B 662 -56.37 -1.48 7.30
CA GLY B 662 -57.69 -1.82 7.80
C GLY B 662 -58.21 -3.18 7.38
N PHE B 663 -57.46 -3.94 6.59
CA PHE B 663 -57.89 -5.23 6.08
C PHE B 663 -57.02 -6.36 6.63
N ALA B 664 -57.61 -7.56 6.65
CA ALA B 664 -56.94 -8.76 7.15
C ALA B 664 -57.50 -9.99 6.45
N PRO B 665 -56.65 -10.97 6.14
CA PRO B 665 -57.11 -12.16 5.41
C PRO B 665 -58.09 -13.01 6.21
N ASP B 666 -58.94 -13.72 5.48
CA ASP B 666 -59.88 -14.67 6.06
C ASP B 666 -59.18 -15.97 6.42
N THR B 667 -59.32 -16.39 7.69
CA THR B 667 -58.61 -17.58 8.19
C THR B 667 -58.99 -18.85 7.43
N ASP B 668 -60.29 -19.08 7.21
CA ASP B 668 -60.73 -20.30 6.54
C ASP B 668 -60.14 -20.46 5.15
N ASP B 669 -60.08 -19.37 4.37
CA ASP B 669 -59.49 -19.43 3.05
C ASP B 669 -58.01 -19.80 3.11
N LEU B 670 -57.28 -19.25 4.08
CA LEU B 670 -55.85 -19.56 4.23
C LEU B 670 -55.62 -21.04 4.57
N LYS B 671 -56.42 -21.59 5.49
CA LYS B 671 -56.26 -23.01 5.82
C LYS B 671 -56.51 -23.89 4.61
N GLN B 672 -57.39 -23.44 3.70
CA GLN B 672 -57.69 -24.20 2.49
C GLN B 672 -56.54 -24.11 1.48
N LEU B 673 -55.86 -22.96 1.43
CA LEU B 673 -54.75 -22.82 0.51
C LEU B 673 -53.54 -23.61 1.00
N ALA B 674 -53.35 -23.66 2.32
CA ALA B 674 -52.17 -24.24 2.94
C ALA B 674 -52.14 -25.76 2.81
N ASN B 675 -53.28 -26.40 2.54
CA ASN B 675 -53.36 -27.84 2.46
C ASN B 675 -52.85 -28.39 1.13
N GLY B 676 -51.66 -29.01 1.16
CA GLY B 676 -51.07 -29.64 -0.01
C GLY B 676 -50.88 -28.68 -1.15
N VAL B 677 -51.34 -29.12 -2.34
CA VAL B 677 -51.34 -28.34 -3.58
C VAL B 677 -50.02 -27.59 -3.81
N ASP B 678 -48.93 -28.15 -3.28
CA ASP B 678 -47.58 -27.59 -3.42
C ASP B 678 -47.48 -26.18 -2.84
N ARG B 679 -48.23 -25.89 -1.78
CA ARG B 679 -48.15 -24.59 -1.13
C ARG B 679 -47.94 -24.81 0.36
N TYR B 680 -47.53 -23.74 1.05
CA TYR B 680 -47.26 -23.85 2.49
C TYR B 680 -47.37 -22.49 3.18
N ILE B 681 -48.20 -22.41 4.22
CA ILE B 681 -48.27 -21.26 5.10
C ILE B 681 -47.96 -21.77 6.51
N SER B 682 -46.95 -21.20 7.16
CA SER B 682 -46.49 -21.74 8.42
C SER B 682 -47.58 -21.62 9.49
N LYS B 683 -47.46 -22.49 10.51
CA LYS B 683 -48.38 -22.46 11.64
C LYS B 683 -48.30 -21.13 12.39
N TYR B 684 -47.10 -20.53 12.46
CA TYR B 684 -46.94 -19.22 13.10
C TYR B 684 -47.93 -18.22 12.52
N GLU B 685 -48.11 -18.25 11.19
CA GLU B 685 -49.03 -17.33 10.53
C GLU B 685 -50.48 -17.72 10.79
N LEU B 686 -50.78 -19.02 10.78
CA LEU B 686 -52.16 -19.47 10.91
C LEU B 686 -52.67 -19.29 12.34
N ASP B 687 -51.78 -19.22 13.31
CA ASP B 687 -52.17 -19.08 14.71
C ASP B 687 -52.44 -17.63 15.10
N LYS B 688 -51.83 -16.67 14.40
CA LYS B 688 -51.99 -15.26 14.72
C LYS B 688 -53.45 -14.82 14.63
N ALA B 689 -53.85 -13.94 15.53
CA ALA B 689 -55.22 -13.44 15.57
C ALA B 689 -55.54 -12.62 14.32
N PHE B 690 -56.83 -12.31 14.16
CA PHE B 690 -57.28 -11.48 13.04
C PHE B 690 -56.74 -10.06 13.08
N SER B 691 -56.52 -9.51 14.29
CA SER B 691 -55.94 -8.18 14.43
C SER B 691 -54.42 -8.18 14.27
N ASP B 692 -53.90 -7.09 13.72
CA ASP B 692 -52.46 -6.88 13.55
C ASP B 692 -51.82 -7.94 12.68
N ARG B 693 -52.58 -8.47 11.73
CA ARG B 693 -52.08 -9.41 10.73
C ARG B 693 -52.17 -8.73 9.37
N ASN B 694 -51.31 -7.74 9.19
CA ASN B 694 -51.29 -6.87 8.01
C ASN B 694 -50.20 -7.28 7.03
N THR B 695 -49.34 -8.23 7.39
CA THR B 695 -48.37 -8.83 6.50
C THR B 695 -48.55 -10.34 6.50
N LEU B 696 -48.17 -10.98 5.39
CA LEU B 696 -48.40 -12.41 5.20
C LEU B 696 -47.37 -12.95 4.22
N ILE B 697 -46.92 -14.18 4.45
CA ILE B 697 -46.01 -14.85 3.53
C ILE B 697 -46.56 -16.21 3.14
N ILE B 698 -46.91 -16.38 1.87
CA ILE B 698 -47.33 -17.68 1.33
C ILE B 698 -46.12 -18.30 0.65
N TYR B 699 -45.75 -19.51 1.05
CA TYR B 699 -44.62 -20.18 0.43
C TYR B 699 -45.13 -21.10 -0.68
N LEU B 700 -44.47 -21.06 -1.83
CA LEU B 700 -44.78 -21.93 -2.96
C LEU B 700 -43.67 -22.93 -3.20
N ASP B 701 -44.05 -24.19 -3.44
CA ASP B 701 -43.05 -25.20 -3.73
C ASP B 701 -42.44 -24.98 -5.11
N LYS B 702 -43.23 -24.47 -6.06
CA LYS B 702 -42.76 -24.14 -7.40
C LYS B 702 -43.81 -23.27 -8.06
N VAL B 703 -43.40 -22.49 -9.07
CA VAL B 703 -44.33 -21.75 -9.90
C VAL B 703 -44.07 -22.10 -11.36
N SER B 704 -45.15 -22.27 -12.11
CA SER B 704 -45.05 -22.71 -13.49
C SER B 704 -44.50 -21.61 -14.39
N HIS B 705 -43.81 -22.03 -15.45
CA HIS B 705 -43.33 -21.10 -16.47
C HIS B 705 -44.23 -21.09 -17.69
N SER B 706 -45.03 -22.14 -17.84
CA SER B 706 -45.87 -22.32 -19.02
C SER B 706 -47.11 -21.42 -18.98
N GLU B 707 -47.74 -21.29 -17.81
CA GLU B 707 -48.94 -20.48 -17.67
C GLU B 707 -49.00 -19.88 -16.27
N ASP B 708 -49.97 -19.00 -16.07
CA ASP B 708 -50.16 -18.35 -14.77
C ASP B 708 -50.68 -19.34 -13.73
N ASP B 709 -50.01 -19.37 -12.57
CA ASP B 709 -50.55 -20.05 -11.40
C ASP B 709 -51.29 -19.04 -10.54
N CYS B 710 -52.58 -19.27 -10.30
CA CYS B 710 -53.45 -18.30 -9.64
C CYS B 710 -53.99 -18.83 -8.32
N LEU B 711 -54.04 -17.96 -7.30
CA LEU B 711 -54.74 -18.24 -6.06
C LEU B 711 -55.55 -17.01 -5.66
N ALA B 712 -56.50 -17.20 -4.74
CA ALA B 712 -57.34 -16.11 -4.27
C ALA B 712 -57.87 -16.39 -2.87
N PHE B 713 -58.09 -15.32 -2.10
CA PHE B 713 -58.72 -15.45 -0.79
C PHE B 713 -59.44 -14.15 -0.45
N LYS B 714 -60.37 -14.25 0.51
CA LYS B 714 -61.19 -13.12 0.92
C LYS B 714 -60.49 -12.29 2.00
N VAL B 715 -60.67 -10.97 1.96
CA VAL B 715 -60.13 -10.07 2.96
C VAL B 715 -61.23 -9.20 3.55
N HIS B 716 -61.28 -9.14 4.88
CA HIS B 716 -62.32 -8.42 5.62
C HIS B 716 -61.76 -7.12 6.19
N GLN B 717 -62.61 -6.10 6.26
CA GLN B 717 -62.25 -4.79 6.83
C GLN B 717 -62.60 -4.68 8.31
N TYR B 718 -61.60 -4.82 9.19
CA TYR B 718 -61.87 -4.78 10.63
C TYR B 718 -61.71 -3.38 11.19
N PHE B 719 -60.91 -2.54 10.52
CA PHE B 719 -60.65 -1.15 10.91
C PHE B 719 -60.97 -0.23 9.75
N ASN B 720 -61.51 0.94 10.08
CA ASN B 720 -61.96 1.93 9.10
C ASN B 720 -61.07 3.16 9.15
N VAL B 721 -60.60 3.60 7.98
CA VAL B 721 -59.71 4.75 7.88
C VAL B 721 -60.16 5.57 6.67
N GLU B 722 -60.01 6.90 6.77
CA GLU B 722 -60.41 7.77 5.67
C GLU B 722 -59.55 7.53 4.43
N LEU B 723 -58.26 7.35 4.61
CA LEU B 723 -57.31 7.09 3.53
C LEU B 723 -56.80 5.66 3.64
N ILE B 724 -57.10 4.83 2.65
CA ILE B 724 -56.66 3.44 2.63
C ILE B 724 -55.39 3.39 1.77
N GLN B 725 -54.30 2.92 2.39
CA GLN B 725 -53.02 2.78 1.70
C GLN B 725 -53.00 1.52 0.84
N PRO B 726 -52.50 1.61 -0.39
CA PRO B 726 -52.41 0.43 -1.26
C PRO B 726 -51.58 -0.68 -0.64
N GLY B 727 -52.07 -1.91 -0.80
CA GLY B 727 -51.29 -3.08 -0.41
C GLY B 727 -50.32 -3.46 -1.52
N ALA B 728 -49.46 -4.45 -1.25
CA ALA B 728 -48.45 -4.83 -2.21
C ALA B 728 -48.23 -6.34 -2.18
N VAL B 729 -47.75 -6.87 -3.31
CA VAL B 729 -47.37 -8.28 -3.43
C VAL B 729 -46.02 -8.37 -4.12
N LYS B 730 -45.07 -9.09 -3.51
CA LYS B 730 -43.73 -9.25 -4.05
C LYS B 730 -43.38 -10.73 -4.20
N VAL B 731 -43.18 -11.17 -5.44
CA VAL B 731 -42.79 -12.55 -5.75
C VAL B 731 -41.29 -12.58 -6.03
N TYR B 732 -40.62 -13.65 -5.57
CA TYR B 732 -39.24 -13.91 -5.96
C TYR B 732 -38.89 -15.36 -5.68
N ALA B 733 -37.75 -15.80 -6.22
CA ALA B 733 -37.20 -17.11 -5.95
C ALA B 733 -36.22 -17.04 -4.77
N TYR B 734 -36.20 -18.13 -3.99
CA TYR B 734 -35.43 -18.13 -2.75
C TYR B 734 -33.94 -17.90 -3.00
N TYR B 735 -33.41 -18.31 -4.14
CA TYR B 735 -31.97 -18.18 -4.37
C TYR B 735 -31.53 -16.79 -4.79
N ASN B 736 -32.46 -15.85 -5.02
CA ASN B 736 -32.08 -14.51 -5.48
C ASN B 736 -33.19 -13.53 -5.16
N LEU B 737 -32.91 -12.58 -4.25
CA LEU B 737 -33.90 -11.59 -3.85
C LEU B 737 -33.97 -10.42 -4.82
N GLU B 738 -32.87 -10.15 -5.54
CA GLU B 738 -32.83 -9.02 -6.46
C GLU B 738 -33.74 -9.20 -7.66
N GLU B 739 -33.82 -10.41 -8.22
CA GLU B 739 -34.71 -10.69 -9.35
C GLU B 739 -36.13 -10.94 -8.86
N SER B 740 -36.82 -9.84 -8.56
CA SER B 740 -38.17 -9.88 -8.01
C SER B 740 -39.09 -8.91 -8.75
N CYS B 741 -40.39 -9.05 -8.48
CA CYS B 741 -41.44 -8.21 -9.01
C CYS B 741 -42.40 -7.80 -7.90
N THR B 742 -42.84 -6.54 -7.93
CA THR B 742 -43.74 -6.01 -6.91
C THR B 742 -44.90 -5.28 -7.57
N ARG B 743 -46.13 -5.66 -7.20
CA ARG B 743 -47.32 -4.99 -7.69
C ARG B 743 -48.16 -4.48 -6.53
N PHE B 744 -48.89 -3.38 -6.77
CA PHE B 744 -49.75 -2.77 -5.77
C PHE B 744 -51.22 -2.90 -6.16
N TYR B 745 -52.09 -2.93 -5.14
CA TYR B 745 -53.52 -2.97 -5.40
C TYR B 745 -54.23 -2.03 -4.43
N HIS B 746 -55.29 -1.39 -4.92
CA HIS B 746 -56.03 -0.40 -4.17
C HIS B 746 -57.40 -0.55 -4.81
N PRO B 747 -58.51 -0.69 -4.06
CA PRO B 747 -59.79 -0.94 -4.75
C PRO B 747 -60.15 0.18 -5.73
N GLU B 748 -60.28 1.42 -5.27
CA GLU B 748 -60.44 2.55 -6.18
C GLU B 748 -59.29 2.58 -7.18
N LYS B 749 -58.18 3.19 -6.77
CA LYS B 749 -56.97 3.43 -7.55
C LYS B 749 -56.59 2.17 -8.29
N GLU B 750 -56.75 2.12 -9.61
CA GLU B 750 -56.26 0.94 -10.29
C GLU B 750 -54.75 0.81 -10.09
N ASP B 751 -54.25 -0.41 -10.31
CA ASP B 751 -52.81 -0.71 -10.27
C ASP B 751 -52.16 -0.16 -9.00
N GLY B 752 -52.93 -0.09 -7.91
CA GLY B 752 -52.48 0.45 -6.63
C GLY B 752 -51.60 1.69 -6.59
N LYS B 753 -51.44 2.39 -7.71
CA LYS B 753 -50.50 3.51 -7.75
C LYS B 753 -51.07 4.72 -7.02
N LEU B 754 -50.18 5.47 -6.37
CA LEU B 754 -50.58 6.74 -5.78
C LEU B 754 -50.84 7.78 -6.87
N ASN B 755 -51.49 8.87 -6.47
CA ASN B 755 -51.83 9.95 -7.38
C ASN B 755 -50.62 10.84 -7.59
N LYS B 756 -50.23 11.03 -8.85
CA LYS B 756 -49.08 11.85 -9.21
C LYS B 756 -49.22 12.27 -10.65
N LEU B 757 -48.56 13.37 -11.01
CA LEU B 757 -48.54 13.87 -12.38
C LEU B 757 -47.13 13.86 -12.90
N CYS B 758 -46.89 13.04 -13.91
CA CYS B 758 -45.55 12.84 -14.42
C CYS B 758 -45.54 13.23 -15.90
N ARG B 759 -44.42 13.79 -16.31
CA ARG B 759 -44.12 14.14 -17.68
C ARG B 759 -42.60 14.11 -17.71
N ASP B 760 -42.07 13.48 -18.75
CA ASP B 760 -40.63 13.36 -18.91
C ASP B 760 -40.04 12.67 -17.68
N GLU B 761 -39.45 13.41 -16.75
CA GLU B 761 -38.86 12.79 -15.57
C GLU B 761 -39.05 13.58 -14.29
N LEU B 762 -39.90 14.58 -14.30
CA LEU B 762 -40.23 15.36 -13.11
C LEU B 762 -41.67 15.16 -12.70
N CYS B 763 -41.88 14.56 -11.53
CA CYS B 763 -43.18 14.21 -11.00
C CYS B 763 -43.43 15.01 -9.73
N ARG B 764 -44.65 15.50 -9.61
CA ARG B 764 -45.14 16.23 -8.45
C ARG B 764 -46.23 15.45 -7.73
N CYS B 765 -46.25 15.60 -6.40
CA CYS B 765 -47.23 14.87 -5.60
C CYS B 765 -48.62 15.48 -5.73
N ALA B 766 -49.61 14.60 -5.81
CA ALA B 766 -51.00 15.02 -5.93
C ALA B 766 -51.86 14.25 -4.94
N GLU B 767 -51.45 14.25 -3.68
CA GLU B 767 -52.16 13.54 -2.64
C GLU B 767 -52.61 14.52 -1.57
N GLU B 768 -52.66 15.79 -1.92
CA GLU B 768 -53.09 16.84 -1.01
C GLU B 768 -54.60 17.00 -1.12
N ASN B 769 -55.14 18.00 -0.44
CA ASN B 769 -56.57 18.29 -0.50
C ASN B 769 -57.01 18.60 -1.92
N CYS B 770 -58.25 18.19 -2.24
CA CYS B 770 -58.79 18.36 -3.59
C CYS B 770 -58.82 19.82 -4.00
N PHE B 771 -59.20 20.70 -3.08
CA PHE B 771 -59.23 22.14 -3.33
C PHE B 771 -59.29 22.84 -1.97
N ILE B 772 -59.93 24.00 -1.92
CA ILE B 772 -60.12 24.73 -0.67
C ILE B 772 -61.57 24.46 -0.32
N GLN B 773 -61.75 23.65 0.71
CA GLN B 773 -63.04 23.43 1.33
C GLN B 773 -63.13 24.22 2.62
N LYS B 774 -64.17 25.04 2.69
CA LYS B 774 -64.55 25.84 3.84
C LYS B 774 -66.06 25.90 3.79
N SER B 775 -66.68 26.57 4.75
CA SER B 775 -68.13 26.67 4.78
C SER B 775 -68.53 28.08 4.37
N ASP B 776 -69.19 28.18 3.20
CA ASP B 776 -69.50 29.47 2.57
C ASP B 776 -70.15 30.47 3.51
N ASP B 777 -70.80 30.01 4.60
CA ASP B 777 -71.33 30.97 5.56
C ASP B 777 -70.21 31.71 6.26
N LYS B 778 -69.24 30.95 6.76
CA LYS B 778 -68.05 31.48 7.38
C LYS B 778 -67.25 32.39 6.46
N VAL B 779 -67.56 32.44 5.15
CA VAL B 779 -66.74 33.24 4.27
C VAL B 779 -67.43 34.58 4.09
N THR B 780 -66.63 35.62 4.05
CA THR B 780 -67.07 37.00 3.90
C THR B 780 -66.53 37.56 2.60
N LEU B 781 -66.61 38.86 2.48
CA LEU B 781 -66.06 39.58 1.35
C LEU B 781 -64.58 39.88 1.63
N GLU B 782 -64.26 40.27 2.87
CA GLU B 782 -62.86 40.45 3.25
C GLU B 782 -62.06 39.17 3.07
N GLU B 783 -62.67 38.04 3.41
CA GLU B 783 -61.97 36.76 3.27
C GLU B 783 -61.59 36.50 1.83
N ARG B 784 -62.56 36.65 0.92
CA ARG B 784 -62.30 36.44 -0.50
C ARG B 784 -61.28 37.47 -1.01
N LEU B 785 -61.45 38.73 -0.63
CA LEU B 785 -60.53 39.79 -1.05
C LEU B 785 -59.12 39.58 -0.52
N ASP B 786 -58.99 39.15 0.74
CA ASP B 786 -57.66 39.01 1.32
C ASP B 786 -56.90 37.84 0.70
N LYS B 787 -57.57 36.73 0.45
CA LYS B 787 -56.90 35.56 -0.13
C LYS B 787 -56.54 35.79 -1.59
N ALA B 788 -57.47 36.36 -2.38
CA ALA B 788 -57.21 36.47 -3.82
C ALA B 788 -56.30 37.63 -4.15
N CYS B 789 -55.87 38.40 -3.14
CA CYS B 789 -54.94 39.53 -3.27
C CYS B 789 -53.56 39.15 -2.79
N GLU B 790 -53.40 37.90 -2.31
CA GLU B 790 -52.09 37.46 -1.89
C GLU B 790 -51.15 37.47 -3.08
N PRO B 791 -49.87 37.74 -2.87
CA PRO B 791 -48.93 37.72 -4.00
C PRO B 791 -48.82 36.36 -4.65
N GLY B 792 -49.02 35.29 -3.85
CA GLY B 792 -48.97 33.94 -4.40
C GLY B 792 -49.99 33.69 -5.48
N VAL B 793 -51.23 34.15 -5.26
CA VAL B 793 -52.30 33.98 -6.25
C VAL B 793 -51.94 34.73 -7.53
N ASP B 794 -51.76 33.96 -8.60
CA ASP B 794 -51.34 34.44 -9.92
C ASP B 794 -52.51 34.83 -10.80
N TYR B 795 -53.51 33.95 -10.90
CA TYR B 795 -54.68 34.20 -11.72
C TYR B 795 -55.98 34.13 -10.92
N VAL B 796 -56.93 34.99 -11.28
CA VAL B 796 -58.28 34.97 -10.76
C VAL B 796 -59.22 35.08 -11.96
N TYR B 797 -59.98 34.03 -12.24
CA TYR B 797 -60.82 33.99 -13.43
C TYR B 797 -62.27 33.71 -13.06
N LYS B 798 -63.18 34.22 -13.89
CA LYS B 798 -64.57 33.79 -13.88
C LYS B 798 -64.73 32.89 -15.10
N THR B 799 -64.96 31.60 -14.87
CA THR B 799 -64.97 30.63 -15.95
C THR B 799 -66.31 29.93 -16.07
N ARG B 800 -66.51 29.30 -17.23
CA ARG B 800 -67.67 28.46 -17.48
C ARG B 800 -67.17 27.12 -17.99
N LEU B 801 -67.63 26.04 -17.36
CA LEU B 801 -67.17 24.68 -17.64
C LEU B 801 -67.78 24.24 -18.98
N VAL B 802 -66.96 24.24 -20.03
CA VAL B 802 -67.44 23.86 -21.36
C VAL B 802 -67.60 22.34 -21.51
N LYS B 803 -66.56 21.56 -21.23
CA LYS B 803 -66.58 20.12 -21.44
C LYS B 803 -65.82 19.37 -20.36
N VAL B 804 -66.30 18.17 -19.99
CA VAL B 804 -65.63 17.30 -19.02
C VAL B 804 -65.13 16.04 -19.72
N GLN B 805 -63.82 15.99 -20.00
CA GLN B 805 -63.20 14.81 -20.59
C GLN B 805 -62.75 13.86 -19.46
N LEU B 806 -63.49 12.77 -19.27
CA LEU B 806 -63.14 11.71 -18.30
C LEU B 806 -62.02 10.81 -18.82
N SER B 807 -61.00 10.58 -17.99
CA SER B 807 -59.87 9.72 -18.34
C SER B 807 -59.58 8.75 -17.20
N ASN B 808 -58.73 7.76 -17.49
CA ASN B 808 -58.41 6.72 -16.51
C ASN B 808 -57.49 7.20 -15.41
N ASP B 809 -56.74 8.27 -15.64
CA ASP B 809 -55.79 8.75 -14.65
C ASP B 809 -56.22 10.11 -14.11
N PHE B 810 -56.41 11.10 -14.97
CA PHE B 810 -56.77 12.44 -14.52
C PHE B 810 -57.92 12.99 -15.34
N ASP B 811 -58.91 13.55 -14.64
CA ASP B 811 -60.03 14.26 -15.26
C ASP B 811 -59.61 15.63 -15.77
N GLU B 812 -60.07 15.99 -16.97
CA GLU B 812 -59.79 17.28 -17.59
C GLU B 812 -61.06 18.12 -17.65
N TYR B 813 -60.97 19.38 -17.20
CA TYR B 813 -62.09 20.32 -17.14
C TYR B 813 -61.82 21.49 -18.10
N ILE B 814 -62.37 21.42 -19.31
CA ILE B 814 -62.27 22.50 -20.30
C ILE B 814 -63.12 23.70 -19.87
N MET B 815 -62.46 24.79 -19.46
CA MET B 815 -63.12 26.00 -18.99
C MET B 815 -62.85 27.16 -19.95
N ALA B 816 -63.87 27.99 -20.18
CA ALA B 816 -63.75 29.20 -20.99
C ALA B 816 -63.59 30.41 -20.09
N ILE B 817 -62.46 31.12 -20.22
CA ILE B 817 -62.20 32.32 -19.42
C ILE B 817 -63.18 33.44 -19.78
N GLU B 818 -64.29 33.53 -19.05
CA GLU B 818 -65.30 34.55 -19.33
C GLU B 818 -64.81 35.95 -18.98
N GLN B 819 -64.11 36.09 -17.86
CA GLN B 819 -63.60 37.38 -17.42
C GLN B 819 -62.28 37.20 -16.68
N THR B 820 -61.32 38.06 -16.99
CA THR B 820 -59.98 38.04 -16.40
C THR B 820 -59.91 39.03 -15.24
N ILE B 821 -60.32 38.58 -14.05
CA ILE B 821 -60.34 39.49 -12.90
C ILE B 821 -58.93 39.89 -12.51
N LYS B 822 -57.99 38.95 -12.52
CA LYS B 822 -56.58 39.25 -12.32
C LYS B 822 -55.75 38.27 -13.12
N SER B 823 -54.85 38.82 -13.95
CA SER B 823 -53.95 38.05 -14.81
C SER B 823 -52.53 38.06 -14.25
N GLY B 824 -51.80 36.99 -14.52
CA GLY B 824 -50.43 36.89 -14.05
C GLY B 824 -49.48 36.50 -15.17
N SER B 825 -48.83 35.34 -15.05
CA SER B 825 -47.88 34.91 -16.07
C SER B 825 -48.61 34.60 -17.37
N ASP B 826 -49.67 33.81 -17.30
CA ASP B 826 -50.44 33.47 -18.49
C ASP B 826 -51.18 34.71 -18.96
N GLU B 827 -50.97 35.07 -20.22
CA GLU B 827 -51.64 36.21 -20.87
C GLU B 827 -52.86 35.75 -21.66
N VAL B 828 -53.76 35.07 -20.97
CA VAL B 828 -54.98 34.56 -21.59
C VAL B 828 -55.99 35.68 -21.77
N GLN B 829 -56.65 35.67 -22.93
CA GLN B 829 -57.64 36.67 -23.30
C GLN B 829 -59.06 36.10 -23.12
N VAL B 830 -60.02 37.01 -22.94
CA VAL B 830 -61.42 36.64 -22.81
C VAL B 830 -61.89 35.90 -24.05
N GLY B 831 -62.43 34.69 -23.84
CA GLY B 831 -62.92 33.85 -24.91
C GLY B 831 -62.10 32.57 -25.11
N GLN B 832 -60.81 32.62 -24.80
CA GLN B 832 -59.96 31.45 -24.91
C GLN B 832 -60.32 30.41 -23.85
N GLN B 833 -59.91 29.17 -24.10
CA GLN B 833 -60.18 28.05 -23.21
C GLN B 833 -58.90 27.56 -22.55
N ARG B 834 -59.06 27.02 -21.33
CA ARG B 834 -57.95 26.45 -20.57
C ARG B 834 -58.43 25.15 -19.94
N THR B 835 -57.54 24.16 -19.86
CA THR B 835 -57.88 22.85 -19.31
C THR B 835 -57.42 22.74 -17.86
N PHE B 836 -58.36 22.43 -16.96
CA PHE B 836 -58.08 22.23 -15.54
C PHE B 836 -58.06 20.74 -15.21
N ILE B 837 -56.90 20.22 -14.83
CA ILE B 837 -56.67 18.79 -14.57
C ILE B 837 -56.92 18.47 -13.09
N SER B 838 -57.54 17.31 -12.81
CA SER B 838 -57.74 16.90 -11.41
C SER B 838 -57.81 15.39 -11.19
N PRO B 839 -57.29 14.90 -10.07
CA PRO B 839 -57.39 13.47 -9.73
C PRO B 839 -58.82 12.93 -9.65
N ILE B 840 -58.96 11.66 -10.02
CA ILE B 840 -60.29 11.02 -10.07
C ILE B 840 -60.94 10.95 -8.70
N LYS B 841 -60.14 10.83 -7.63
CA LYS B 841 -60.72 10.79 -6.29
C LYS B 841 -61.53 12.03 -6.00
N CYS B 842 -61.21 13.14 -6.66
CA CYS B 842 -61.88 14.41 -6.45
C CYS B 842 -63.08 14.65 -7.37
N ARG B 843 -63.28 13.82 -8.40
CA ARG B 843 -64.36 14.09 -9.34
C ARG B 843 -65.72 14.22 -8.64
N GLU B 844 -65.99 13.31 -7.70
CA GLU B 844 -67.26 13.36 -6.97
C GLU B 844 -67.30 14.49 -5.96
N ALA B 845 -66.13 14.92 -5.46
CA ALA B 845 -66.10 15.96 -4.45
C ALA B 845 -66.22 17.35 -5.05
N LEU B 846 -65.87 17.53 -6.33
CA LEU B 846 -65.96 18.83 -6.98
C LEU B 846 -67.33 19.04 -7.61
N LYS B 847 -67.89 17.99 -8.20
CA LYS B 847 -69.21 18.04 -8.84
C LYS B 847 -69.33 19.19 -9.82
N LEU B 848 -68.33 19.30 -10.69
CA LEU B 848 -68.30 20.35 -11.71
C LEU B 848 -69.13 19.90 -12.90
N GLU B 849 -70.23 20.61 -13.17
CA GLU B 849 -71.14 20.31 -14.26
C GLU B 849 -70.97 21.30 -15.41
N GLU B 850 -71.21 20.81 -16.63
CA GLU B 850 -71.09 21.67 -17.80
C GLU B 850 -72.14 22.77 -17.80
N LYS B 851 -71.88 23.80 -18.62
CA LYS B 851 -72.73 24.98 -18.75
C LYS B 851 -72.93 25.74 -17.45
N LYS B 852 -72.13 25.45 -16.43
CA LYS B 852 -72.18 26.14 -15.16
C LYS B 852 -70.98 27.07 -15.07
N HIS B 853 -71.06 28.05 -14.15
CA HIS B 853 -69.97 29.00 -13.97
C HIS B 853 -69.31 28.82 -12.61
N TYR B 854 -68.05 29.27 -12.53
CA TYR B 854 -67.25 29.12 -11.31
C TYR B 854 -66.27 30.27 -11.19
N LEU B 855 -66.00 30.67 -9.95
CA LEU B 855 -64.90 31.56 -9.62
C LEU B 855 -63.70 30.72 -9.21
N MET B 856 -62.61 30.80 -9.98
CA MET B 856 -61.43 29.98 -9.72
C MET B 856 -60.20 30.85 -9.65
N TRP B 857 -59.42 30.71 -8.58
CA TRP B 857 -58.12 31.36 -8.49
C TRP B 857 -57.12 30.36 -7.95
N GLY B 858 -55.86 30.55 -8.34
CA GLY B 858 -54.83 29.58 -8.01
C GLY B 858 -53.46 30.21 -8.04
N LEU B 859 -52.49 29.41 -7.62
CA LEU B 859 -51.10 29.79 -7.53
C LEU B 859 -50.42 29.66 -8.89
N SER B 860 -49.22 30.23 -8.99
CA SER B 860 -48.46 30.11 -10.22
C SER B 860 -47.76 28.77 -10.29
N SER B 861 -47.69 28.06 -9.17
CA SER B 861 -47.12 26.73 -9.07
C SER B 861 -48.07 25.67 -9.60
N ASP B 862 -49.28 26.09 -10.04
CA ASP B 862 -50.31 25.19 -10.54
C ASP B 862 -50.31 25.12 -12.06
N PHE B 863 -49.26 25.61 -12.68
CA PHE B 863 -49.07 25.60 -14.11
C PHE B 863 -48.47 24.25 -14.51
N TRP B 864 -48.77 23.82 -15.73
CA TRP B 864 -48.42 22.47 -16.17
C TRP B 864 -48.52 22.39 -17.68
N GLY B 865 -47.36 22.52 -18.32
CA GLY B 865 -47.24 22.46 -19.75
C GLY B 865 -46.15 23.40 -20.22
N GLU B 866 -46.32 23.86 -21.45
CA GLU B 866 -45.46 24.82 -22.13
C GLU B 866 -46.42 25.76 -22.83
N LYS B 867 -45.97 26.97 -23.16
CA LYS B 867 -46.88 28.03 -23.58
C LYS B 867 -47.86 27.59 -24.66
N PRO B 868 -47.48 26.80 -25.66
CA PRO B 868 -48.50 26.37 -26.64
C PRO B 868 -49.65 25.59 -26.00
N ASN B 869 -49.37 24.65 -25.09
CA ASN B 869 -50.41 23.89 -24.39
C ASN B 869 -50.41 24.05 -22.86
N LEU B 870 -50.53 25.29 -22.37
CA LEU B 870 -50.39 25.56 -20.94
C LEU B 870 -51.70 25.15 -20.24
N SER B 871 -51.60 24.20 -19.31
CA SER B 871 -52.74 23.71 -18.53
C SER B 871 -52.64 24.10 -17.06
N TYR B 872 -53.76 23.95 -16.36
CA TYR B 872 -53.88 24.31 -14.95
C TYR B 872 -54.12 23.06 -14.12
N ILE B 873 -53.53 23.04 -12.92
CA ILE B 873 -53.67 21.95 -11.95
C ILE B 873 -54.54 22.43 -10.79
N ILE B 874 -55.64 21.72 -10.53
CA ILE B 874 -56.49 22.04 -9.38
C ILE B 874 -55.83 21.42 -8.15
N GLY B 875 -55.09 22.23 -7.38
CA GLY B 875 -54.40 21.75 -6.21
C GLY B 875 -55.07 22.15 -4.90
N LYS B 876 -54.32 21.94 -3.81
CA LYS B 876 -54.83 22.24 -2.48
C LYS B 876 -55.11 23.71 -2.27
N ASP B 877 -54.49 24.57 -3.07
CA ASP B 877 -54.60 26.03 -2.94
C ASP B 877 -55.43 26.64 -4.06
N THR B 878 -56.25 25.85 -4.73
CA THR B 878 -57.10 26.30 -5.82
C THR B 878 -58.51 26.58 -5.29
N TRP B 879 -58.90 27.85 -5.30
CA TRP B 879 -60.24 28.27 -4.87
C TRP B 879 -61.23 27.95 -5.98
N VAL B 880 -62.25 27.16 -5.68
CA VAL B 880 -63.27 26.80 -6.67
C VAL B 880 -64.65 26.99 -6.04
N GLU B 881 -65.33 28.06 -6.40
CA GLU B 881 -66.66 28.37 -5.88
C GLU B 881 -67.65 28.39 -7.04
N HIS B 882 -68.85 27.83 -6.83
CA HIS B 882 -69.89 27.86 -7.85
C HIS B 882 -70.38 29.30 -8.01
N TRP B 883 -70.46 29.78 -9.26
CA TRP B 883 -70.96 31.12 -9.53
C TRP B 883 -72.40 31.10 -10.03
N PRO B 884 -73.36 31.61 -9.25
CA PRO B 884 -74.76 31.56 -9.66
C PRO B 884 -75.01 32.44 -10.89
N GLU B 885 -75.94 31.99 -11.72
CA GLU B 885 -76.34 32.71 -12.92
C GLU B 885 -77.19 33.92 -12.53
N GLU B 886 -77.39 34.82 -13.50
CA GLU B 886 -78.06 36.08 -13.20
C GLU B 886 -79.50 35.86 -12.75
N ASP B 887 -80.18 34.85 -13.31
CA ASP B 887 -81.54 34.56 -12.90
C ASP B 887 -81.58 33.94 -11.49
N GLU B 888 -80.52 33.25 -11.11
CA GLU B 888 -80.36 32.68 -9.76
C GLU B 888 -80.08 33.74 -8.70
N CYS B 889 -79.45 34.87 -9.06
CA CYS B 889 -79.16 35.90 -8.04
C CYS B 889 -80.41 36.60 -7.55
N GLN B 890 -81.51 36.58 -8.32
CA GLN B 890 -82.75 37.18 -7.86
C GLN B 890 -83.35 36.40 -6.69
N ASP B 891 -83.02 35.12 -6.56
CA ASP B 891 -83.42 34.30 -5.42
C ASP B 891 -82.76 34.78 -4.13
N GLU B 892 -83.44 34.53 -3.01
CA GLU B 892 -83.02 35.04 -1.70
C GLU B 892 -82.07 34.09 -0.96
N GLU B 893 -81.89 32.86 -1.45
CA GLU B 893 -80.95 31.95 -0.81
C GLU B 893 -79.54 32.23 -1.30
N ASN B 894 -79.41 32.56 -2.59
CA ASN B 894 -78.16 32.92 -3.22
C ASN B 894 -77.82 34.40 -3.04
N GLN B 895 -78.58 35.12 -2.21
CA GLN B 895 -78.38 36.56 -2.07
C GLN B 895 -77.00 36.89 -1.52
N LYS B 896 -76.58 36.18 -0.47
CA LYS B 896 -75.31 36.48 0.17
C LYS B 896 -74.14 36.26 -0.80
N GLN B 897 -74.14 35.11 -1.47
CA GLN B 897 -73.06 34.82 -2.41
C GLN B 897 -73.05 35.81 -3.58
N CYS B 898 -74.23 36.21 -4.08
CA CYS B 898 -74.28 37.14 -5.20
C CYS B 898 -73.74 38.51 -4.84
N GLN B 899 -74.14 39.03 -3.67
CA GLN B 899 -73.64 40.34 -3.24
C GLN B 899 -72.15 40.30 -3.01
N ASP B 900 -71.66 39.23 -2.36
CA ASP B 900 -70.23 39.07 -2.12
C ASP B 900 -69.46 38.94 -3.42
N LEU B 901 -69.99 38.18 -4.38
CA LEU B 901 -69.27 37.95 -5.63
C LEU B 901 -69.26 39.20 -6.51
N GLY B 902 -70.39 39.89 -6.61
CA GLY B 902 -70.42 41.13 -7.36
C GLY B 902 -69.47 42.17 -6.79
N ALA B 903 -69.48 42.33 -5.47
CA ALA B 903 -68.54 43.23 -4.81
C ALA B 903 -67.10 42.81 -5.05
N PHE B 904 -66.83 41.51 -4.90
CA PHE B 904 -65.49 40.98 -5.16
C PHE B 904 -64.98 41.40 -6.52
N THR B 905 -65.77 41.14 -7.57
CA THR B 905 -65.39 41.54 -8.91
C THR B 905 -65.13 43.05 -8.99
N GLU B 906 -66.04 43.86 -8.45
CA GLU B 906 -65.89 45.32 -8.50
C GLU B 906 -64.60 45.77 -7.82
N SER B 907 -64.36 45.30 -6.59
CA SER B 907 -63.17 45.73 -5.86
C SER B 907 -61.91 45.31 -6.59
N MET B 908 -61.88 44.07 -7.09
CA MET B 908 -60.71 43.58 -7.81
C MET B 908 -60.51 44.33 -9.13
N VAL B 909 -61.59 44.58 -9.87
CA VAL B 909 -61.48 45.27 -11.16
C VAL B 909 -61.07 46.74 -10.97
N VAL B 910 -61.81 47.49 -10.15
CA VAL B 910 -61.55 48.92 -10.05
C VAL B 910 -60.35 49.20 -9.15
N PHE B 911 -60.32 48.61 -7.96
CA PHE B 911 -59.28 48.93 -6.99
C PHE B 911 -58.14 47.93 -7.03
N GLY B 912 -58.43 46.65 -7.23
CA GLY B 912 -57.33 45.72 -7.28
C GLY B 912 -56.74 45.51 -5.89
N CYS B 913 -55.55 45.05 -5.88
CA CYS B 913 -54.92 44.80 -4.59
C CYS B 913 -54.20 46.05 -4.09
N PRO B 914 -54.40 46.43 -2.83
CA PRO B 914 -53.85 47.69 -2.34
C PRO B 914 -52.34 47.76 -2.47
N ASN B 915 -51.62 46.79 -1.88
CA ASN B 915 -50.17 46.80 -1.88
C ASN B 915 -49.63 48.10 -1.29
N CYS C 3 -60.85 27.58 47.04
CA CYS C 3 -59.55 28.16 47.38
C CYS C 3 -59.60 29.66 47.25
N ASN C 4 -58.71 30.34 47.98
CA ASN C 4 -58.69 31.80 48.01
C ASN C 4 -57.39 32.35 47.44
N GLU C 5 -56.96 31.80 46.30
CA GLU C 5 -55.74 32.26 45.63
C GLU C 5 -55.71 31.64 44.24
N LEU C 6 -54.61 31.93 43.50
CA LEU C 6 -54.33 31.25 42.25
C LEU C 6 -53.38 30.08 42.51
N PRO C 7 -53.47 29.04 41.68
CA PRO C 7 -52.55 27.91 41.80
C PRO C 7 -51.11 28.37 41.72
N PRO C 8 -50.24 27.85 42.59
CA PRO C 8 -48.85 28.33 42.63
C PRO C 8 -48.12 28.06 41.33
N ARG C 9 -47.34 29.04 40.89
CA ARG C 9 -46.53 28.91 39.68
C ARG C 9 -45.37 27.96 39.94
N ARG C 10 -45.47 26.75 39.40
CA ARG C 10 -44.47 25.72 39.65
C ARG C 10 -43.13 26.09 39.02
N ASN C 11 -42.11 25.31 39.39
CA ASN C 11 -40.76 25.57 38.91
C ASN C 11 -40.55 25.05 37.49
N THR C 12 -41.25 24.00 37.10
CA THR C 12 -41.10 23.41 35.78
C THR C 12 -42.40 23.38 34.98
N GLU C 13 -43.43 24.10 35.42
CA GLU C 13 -44.73 24.13 34.76
C GLU C 13 -45.20 25.57 34.61
N ILE C 14 -46.20 25.77 33.73
CA ILE C 14 -46.75 27.08 33.45
C ILE C 14 -48.27 27.00 33.41
N LEU C 15 -48.91 28.13 33.66
CA LEU C 15 -50.37 28.22 33.62
C LEU C 15 -50.87 28.36 32.17
N THR C 16 -52.10 27.90 31.94
CA THR C 16 -52.72 28.00 30.63
C THR C 16 -54.01 28.81 30.62
N GLY C 17 -54.70 28.93 31.75
CA GLY C 17 -55.97 29.65 31.80
C GLY C 17 -55.81 31.13 32.11
N SER C 18 -56.94 31.84 31.99
CA SER C 18 -56.94 33.28 32.23
C SER C 18 -56.73 33.59 33.71
N TRP C 19 -57.60 33.05 34.57
CA TRP C 19 -57.50 33.20 36.01
C TRP C 19 -57.59 34.68 36.42
N SER C 20 -58.82 35.19 36.34
CA SER C 20 -59.15 36.56 36.69
C SER C 20 -59.91 36.70 38.01
N ASP C 21 -60.70 35.70 38.38
CA ASP C 21 -61.40 35.74 39.67
C ASP C 21 -60.41 35.58 40.81
N GLN C 22 -60.90 35.84 42.03
CA GLN C 22 -60.09 35.71 43.23
C GLN C 22 -60.27 34.35 43.90
N THR C 23 -61.48 34.07 44.38
CA THR C 23 -61.78 32.79 45.03
C THR C 23 -62.45 31.85 44.03
N TYR C 24 -62.07 30.58 44.09
CA TYR C 24 -62.56 29.63 43.11
C TYR C 24 -63.37 28.52 43.78
N PRO C 25 -64.46 28.08 43.15
CA PRO C 25 -65.28 27.02 43.74
C PRO C 25 -64.57 25.67 43.78
N GLU C 26 -65.30 24.63 44.17
CA GLU C 26 -64.72 23.31 44.35
C GLU C 26 -64.69 22.54 43.03
N GLY C 27 -63.68 21.68 42.89
CA GLY C 27 -63.55 20.85 41.73
C GLY C 27 -62.94 21.50 40.50
N THR C 28 -62.54 22.77 40.60
CA THR C 28 -61.93 23.45 39.46
C THR C 28 -60.56 22.86 39.17
N GLN C 29 -60.32 22.52 37.91
CA GLN C 29 -59.06 21.92 37.48
C GLN C 29 -58.16 22.97 36.84
N ALA C 30 -56.93 23.07 37.34
CA ALA C 30 -55.95 24.05 36.88
C ALA C 30 -54.89 23.31 36.04
N ILE C 31 -54.96 23.49 34.72
CA ILE C 31 -54.09 22.78 33.80
C ILE C 31 -52.73 23.46 33.77
N TYR C 32 -51.67 22.71 34.05
CA TYR C 32 -50.30 23.19 33.98
C TYR C 32 -49.66 22.70 32.69
N LYS C 33 -49.17 23.63 31.87
CA LYS C 33 -48.45 23.29 30.66
C LYS C 33 -46.99 22.97 30.99
N CYS C 34 -46.40 22.11 30.17
CA CYS C 34 -45.02 21.70 30.35
C CYS C 34 -44.10 22.77 29.76
N ARG C 35 -43.29 23.42 30.61
CA ARG C 35 -42.48 24.55 30.20
C ARG C 35 -41.48 24.14 29.11
N PRO C 36 -41.01 25.11 28.32
CA PRO C 36 -40.11 24.77 27.20
C PRO C 36 -38.88 23.99 27.68
N GLY C 37 -38.53 22.95 26.93
CA GLY C 37 -37.44 22.08 27.31
C GLY C 37 -37.83 20.95 28.22
N TYR C 38 -39.12 20.64 28.33
CA TYR C 38 -39.59 19.55 29.17
C TYR C 38 -40.68 18.79 28.42
N ARG C 39 -40.93 17.56 28.87
CA ARG C 39 -41.83 16.64 28.19
C ARG C 39 -42.62 15.83 29.21
N SER C 40 -43.86 15.48 28.83
CA SER C 40 -44.73 14.68 29.69
C SER C 40 -45.75 13.97 28.82
N LEU C 41 -46.46 13.01 29.42
CA LEU C 41 -47.47 12.26 28.67
C LEU C 41 -48.70 13.10 28.39
N GLY C 42 -49.03 14.02 29.30
CA GLY C 42 -50.14 14.91 29.10
C GLY C 42 -49.97 16.10 30.01
N ASN C 43 -51.05 16.87 30.15
CA ASN C 43 -51.01 18.07 30.95
C ASN C 43 -51.12 17.71 32.43
N VAL C 44 -50.21 18.27 33.24
CA VAL C 44 -50.23 18.06 34.68
C VAL C 44 -51.35 18.94 35.25
N ILE C 45 -52.42 18.31 35.73
CA ILE C 45 -53.64 19.02 36.13
C ILE C 45 -53.67 19.10 37.66
N MET C 46 -53.95 20.29 38.17
CA MET C 46 -54.15 20.55 39.60
C MET C 46 -55.63 20.77 39.87
N VAL C 47 -56.06 20.50 41.10
CA VAL C 47 -57.46 20.60 41.50
C VAL C 47 -57.56 21.27 42.87
N CYS C 48 -58.52 22.19 43.01
CA CYS C 48 -58.80 22.82 44.28
C CYS C 48 -59.93 22.06 44.98
N ARG C 49 -59.65 21.59 46.20
CA ARG C 49 -60.67 20.93 47.02
C ARG C 49 -60.38 21.22 48.48
N LYS C 50 -61.46 21.40 49.26
CA LYS C 50 -61.42 21.74 50.68
C LYS C 50 -60.82 23.13 50.92
N GLY C 51 -59.54 23.30 50.64
CA GLY C 51 -58.88 24.59 50.83
C GLY C 51 -57.43 24.62 50.40
N GLU C 52 -57.11 23.96 49.30
CA GLU C 52 -55.75 23.88 48.78
C GLU C 52 -55.81 23.35 47.36
N TRP C 53 -54.75 23.60 46.60
CA TRP C 53 -54.66 23.17 45.21
C TRP C 53 -53.86 21.87 45.16
N VAL C 54 -54.58 20.73 45.19
CA VAL C 54 -53.95 19.42 45.18
C VAL C 54 -53.54 19.06 43.76
N ALA C 55 -52.98 17.88 43.56
CA ALA C 55 -52.51 17.40 42.26
C ALA C 55 -53.36 16.22 41.84
N LEU C 56 -54.10 16.37 40.73
CA LEU C 56 -54.92 15.27 40.22
C LEU C 56 -54.06 14.19 39.59
N ASN C 57 -52.90 14.55 39.04
CA ASN C 57 -51.98 13.60 38.39
C ASN C 57 -50.65 13.62 39.15
N PRO C 58 -50.56 12.93 40.29
CA PRO C 58 -49.28 12.90 41.02
C PRO C 58 -48.19 12.15 40.28
N LEU C 59 -48.56 11.14 39.49
CA LEU C 59 -47.58 10.35 38.76
C LEU C 59 -47.07 11.09 37.53
N ARG C 60 -47.97 11.74 36.78
CA ARG C 60 -47.58 12.48 35.58
C ARG C 60 -46.75 13.70 35.97
N LYS C 61 -45.49 13.72 35.53
CA LYS C 61 -44.57 14.80 35.83
C LYS C 61 -43.84 15.21 34.57
N CYS C 62 -43.28 16.42 34.59
CA CYS C 62 -42.53 16.95 33.45
C CYS C 62 -41.06 16.64 33.63
N GLN C 63 -40.51 15.80 32.76
CA GLN C 63 -39.11 15.42 32.75
C GLN C 63 -38.32 16.26 31.76
N LYS C 64 -36.99 16.17 31.87
CA LYS C 64 -36.11 16.93 31.00
C LYS C 64 -36.21 16.42 29.56
N ARG C 65 -36.20 17.37 28.60
CA ARG C 65 -36.41 17.00 27.21
C ARG C 65 -35.15 16.34 26.64
N PRO C 66 -35.31 15.25 25.89
CA PRO C 66 -34.13 14.55 25.34
C PRO C 66 -33.69 15.19 24.03
N CYS C 67 -32.44 15.65 24.00
CA CYS C 67 -31.79 16.00 22.75
C CYS C 67 -31.16 14.76 22.14
N GLY C 68 -31.09 14.74 20.81
CA GLY C 68 -30.53 13.59 20.12
C GLY C 68 -29.06 13.43 20.39
N HIS C 69 -28.43 12.46 19.77
CA HIS C 69 -26.99 12.31 19.88
C HIS C 69 -26.32 13.54 19.25
N PRO C 70 -25.44 14.24 19.99
CA PRO C 70 -24.87 15.49 19.44
C PRO C 70 -24.05 15.31 18.18
N GLY C 71 -23.71 14.07 17.82
CA GLY C 71 -22.98 13.80 16.59
C GLY C 71 -21.49 13.98 16.73
N ASP C 72 -20.72 13.04 16.16
CA ASP C 72 -19.27 13.08 16.19
C ASP C 72 -18.75 13.72 14.90
N THR C 73 -17.69 14.53 15.04
CA THR C 73 -17.04 15.24 13.95
C THR C 73 -15.78 14.49 13.52
N PRO C 74 -15.41 14.58 12.24
CA PRO C 74 -14.20 13.89 11.77
C PRO C 74 -12.96 14.40 12.48
N PHE C 75 -12.13 13.46 12.93
CA PHE C 75 -10.86 13.76 13.60
C PHE C 75 -11.07 14.59 14.87
N GLY C 76 -11.99 14.12 15.72
CA GLY C 76 -12.28 14.80 16.97
C GLY C 76 -13.30 14.08 17.84
N THR C 77 -13.12 14.17 19.15
CA THR C 77 -14.00 13.55 20.13
C THR C 77 -14.68 14.64 20.97
N PHE C 78 -15.66 14.23 21.77
CA PHE C 78 -16.37 15.18 22.63
C PHE C 78 -16.58 14.57 24.00
N THR C 79 -16.92 15.45 24.95
CA THR C 79 -17.21 15.08 26.33
C THR C 79 -18.41 15.89 26.80
N LEU C 80 -19.13 15.35 27.77
CA LEU C 80 -20.35 15.98 28.27
C LEU C 80 -20.08 16.74 29.56
N THR C 81 -20.68 17.94 29.67
CA THR C 81 -20.51 18.83 30.81
C THR C 81 -21.84 18.99 31.53
N GLY C 82 -21.79 18.92 32.86
CA GLY C 82 -23.00 19.12 33.66
C GLY C 82 -24.03 18.04 33.52
N GLY C 83 -23.61 16.78 33.47
CA GLY C 83 -24.55 15.68 33.38
C GLY C 83 -23.89 14.48 32.75
N ASN C 84 -24.67 13.40 32.64
CA ASN C 84 -24.26 12.16 32.03
C ASN C 84 -25.26 11.63 31.01
N VAL C 85 -26.28 12.44 30.68
CA VAL C 85 -27.31 12.09 29.70
C VAL C 85 -27.53 13.30 28.80
N PHE C 86 -27.92 13.04 27.55
CA PHE C 86 -28.19 14.11 26.60
C PHE C 86 -29.51 14.81 26.91
N GLU C 87 -29.56 15.58 27.99
CA GLU C 87 -30.77 16.26 28.43
C GLU C 87 -30.63 17.76 28.28
N TYR C 88 -31.74 18.46 28.55
CA TYR C 88 -31.77 19.92 28.48
C TYR C 88 -30.90 20.51 29.58
N GLY C 89 -29.84 21.20 29.20
CA GLY C 89 -28.93 21.85 30.14
C GLY C 89 -27.50 21.33 30.12
N VAL C 90 -27.18 20.34 29.31
CA VAL C 90 -25.81 19.83 29.22
C VAL C 90 -25.07 20.54 28.12
N LYS C 91 -23.75 20.42 28.15
CA LYS C 91 -22.88 21.04 27.15
C LYS C 91 -21.91 19.98 26.65
N ALA C 92 -21.83 19.83 25.34
CA ALA C 92 -20.91 18.88 24.71
C ALA C 92 -19.71 19.66 24.19
N VAL C 93 -18.57 19.52 24.84
CA VAL C 93 -17.35 20.20 24.45
C VAL C 93 -16.54 19.29 23.56
N TYR C 94 -16.11 19.80 22.41
CA TYR C 94 -15.36 19.04 21.43
C TYR C 94 -13.88 19.37 21.52
N THR C 95 -13.04 18.41 21.12
CA THR C 95 -11.59 18.56 21.11
C THR C 95 -11.01 17.81 19.92
N CYS C 96 -10.20 18.50 19.13
CA CYS C 96 -9.59 17.90 17.95
C CYS C 96 -8.42 17.00 18.33
N ASN C 97 -8.16 16.00 17.49
CA ASN C 97 -7.10 15.04 17.74
C ASN C 97 -5.72 15.71 17.57
N GLU C 98 -4.67 14.92 17.82
CA GLU C 98 -3.31 15.43 17.66
C GLU C 98 -3.02 15.71 16.20
N GLY C 99 -2.49 16.90 15.92
CA GLY C 99 -2.24 17.33 14.56
C GLY C 99 -3.40 18.01 13.87
N TYR C 100 -4.53 18.19 14.57
CA TYR C 100 -5.72 18.80 14.01
C TYR C 100 -6.09 20.04 14.82
N GLN C 101 -6.36 21.14 14.14
CA GLN C 101 -6.68 22.42 14.76
C GLN C 101 -8.13 22.79 14.49
N LEU C 102 -8.74 23.47 15.45
CA LEU C 102 -10.13 23.86 15.33
C LEU C 102 -10.28 25.03 14.34
N LEU C 103 -11.29 24.93 13.48
CA LEU C 103 -11.67 26.01 12.57
C LEU C 103 -12.91 26.69 13.12
N GLY C 104 -12.80 27.97 13.43
CA GLY C 104 -13.88 28.73 14.03
C GLY C 104 -13.63 28.98 15.50
N GLU C 105 -14.64 29.58 16.14
CA GLU C 105 -14.54 29.93 17.55
C GLU C 105 -15.55 29.21 18.43
N ILE C 106 -16.51 28.51 17.85
CA ILE C 106 -17.51 27.77 18.63
C ILE C 106 -17.04 26.33 18.75
N ASN C 107 -16.77 25.90 19.99
CA ASN C 107 -16.29 24.55 20.25
C ASN C 107 -17.26 23.72 21.09
N TYR C 108 -18.47 24.21 21.33
CA TYR C 108 -19.42 23.50 22.17
C TYR C 108 -20.78 23.42 21.48
N ARG C 109 -21.60 22.51 22.00
CA ARG C 109 -22.98 22.32 21.57
C ARG C 109 -23.83 22.21 22.81
N GLU C 110 -24.77 23.14 23.00
CA GLU C 110 -25.58 23.22 24.21
C GLU C 110 -27.00 22.76 23.89
N CYS C 111 -27.45 21.71 24.57
CA CYS C 111 -28.81 21.20 24.38
C CYS C 111 -29.80 22.17 25.02
N ASP C 112 -30.56 22.87 24.18
CA ASP C 112 -31.51 23.88 24.61
C ASP C 112 -32.94 23.32 24.47
N THR C 113 -33.92 24.21 24.54
CA THR C 113 -35.32 23.78 24.44
C THR C 113 -35.66 23.31 23.03
N ASP C 114 -35.04 23.92 22.01
CA ASP C 114 -35.31 23.56 20.63
C ASP C 114 -34.42 22.41 20.16
N GLY C 115 -33.13 22.49 20.45
CA GLY C 115 -32.21 21.44 20.04
C GLY C 115 -30.79 21.80 20.41
N TRP C 116 -29.85 21.16 19.74
CA TRP C 116 -28.44 21.44 20.01
C TRP C 116 -28.03 22.78 19.42
N THR C 117 -27.40 23.61 20.25
CA THR C 117 -27.01 24.95 19.84
C THR C 117 -25.82 24.90 18.87
N ASN C 118 -25.82 25.82 17.91
CA ASN C 118 -24.72 25.97 16.95
C ASN C 118 -24.57 24.73 16.09
N ASP C 119 -23.42 24.60 15.43
CA ASP C 119 -23.14 23.50 14.53
C ASP C 119 -22.06 22.60 15.10
N ILE C 120 -21.93 21.42 14.49
CA ILE C 120 -20.85 20.51 14.88
C ILE C 120 -19.51 21.12 14.49
N PRO C 121 -18.57 21.23 15.42
CA PRO C 121 -17.26 21.81 15.07
C PRO C 121 -16.54 20.99 14.02
N ILE C 122 -15.63 21.65 13.30
CA ILE C 122 -14.89 21.06 12.18
C ILE C 122 -13.41 21.10 12.51
N CYS C 123 -12.74 19.97 12.38
CA CYS C 123 -11.30 19.85 12.63
C CYS C 123 -10.54 19.81 11.30
N GLU C 124 -9.57 20.71 11.15
CA GLU C 124 -8.70 20.75 9.98
C GLU C 124 -7.29 20.37 10.36
N VAL C 125 -6.60 19.68 9.46
CA VAL C 125 -5.24 19.24 9.72
C VAL C 125 -4.29 20.44 9.63
N VAL C 126 -3.38 20.56 10.59
CA VAL C 126 -2.43 21.66 10.60
C VAL C 126 -1.55 21.59 9.35
N LYS C 127 -1.03 22.74 8.94
CA LYS C 127 -0.30 22.86 7.69
C LYS C 127 1.00 23.61 7.90
N CYS C 128 2.04 23.19 7.20
CA CYS C 128 3.33 23.86 7.23
C CYS C 128 3.49 24.74 6.00
N LEU C 129 4.32 25.76 6.14
CA LEU C 129 4.60 26.65 5.02
C LEU C 129 5.26 25.84 3.88
N PRO C 130 4.98 26.19 2.64
CA PRO C 130 5.67 25.52 1.52
C PRO C 130 7.17 25.77 1.59
N VAL C 131 7.94 24.84 1.03
CA VAL C 131 9.39 24.92 1.04
C VAL C 131 9.91 25.02 -0.39
N THR C 132 10.91 25.87 -0.59
CA THR C 132 11.57 26.04 -1.87
C THR C 132 12.82 25.17 -1.95
N ALA C 133 13.23 24.87 -3.18
CA ALA C 133 14.41 24.04 -3.39
C ALA C 133 15.66 24.79 -2.98
N PRO C 134 16.52 24.22 -2.15
CA PRO C 134 17.75 24.91 -1.75
C PRO C 134 18.69 25.10 -2.93
N GLU C 135 19.59 26.09 -2.78
CA GLU C 135 20.54 26.40 -3.83
C GLU C 135 21.46 25.21 -4.08
N ASN C 136 21.68 24.91 -5.36
CA ASN C 136 22.47 23.76 -5.79
C ASN C 136 21.89 22.44 -5.29
N GLY C 137 20.56 22.40 -5.12
CA GLY C 137 19.91 21.21 -4.60
C GLY C 137 18.46 21.15 -5.05
N LYS C 138 17.84 20.00 -4.76
CA LYS C 138 16.46 19.75 -5.16
C LYS C 138 15.72 19.09 -4.01
N ILE C 139 14.44 18.80 -4.22
CA ILE C 139 13.61 18.08 -3.26
C ILE C 139 13.11 16.82 -3.94
N VAL C 140 13.74 15.69 -3.65
CA VAL C 140 13.39 14.45 -4.34
C VAL C 140 12.05 13.91 -3.86
N SER C 141 11.73 14.13 -2.58
CA SER C 141 10.56 13.48 -1.96
C SER C 141 9.28 14.26 -2.20
N SER C 142 8.43 14.32 -1.17
CA SER C 142 7.11 14.94 -1.26
C SER C 142 6.22 14.25 -2.28
N ALA C 143 5.29 15.01 -2.87
CA ALA C 143 4.42 14.46 -3.90
C ALA C 143 3.90 15.55 -4.84
N MET C 144 4.68 15.87 -5.87
CA MET C 144 4.29 16.80 -6.94
C MET C 144 3.99 18.19 -6.41
N GLU C 145 3.57 19.08 -7.31
CA GLU C 145 3.07 20.43 -7.04
C GLU C 145 4.15 21.36 -6.50
N PRO C 146 4.63 22.30 -7.32
CA PRO C 146 5.62 23.28 -6.83
C PRO C 146 4.99 24.23 -5.83
N ASP C 147 5.52 24.23 -4.61
CA ASP C 147 5.08 25.12 -3.52
C ASP C 147 3.59 24.91 -3.23
N ARG C 148 3.30 23.72 -2.73
CA ARG C 148 1.98 23.37 -2.20
C ARG C 148 2.09 23.17 -0.69
N GLU C 149 1.09 23.65 0.02
CA GLU C 149 1.12 23.63 1.49
C GLU C 149 1.10 22.20 2.01
N TYR C 150 2.17 21.79 2.69
CA TYR C 150 2.24 20.47 3.30
C TYR C 150 1.39 20.43 4.57
N HIS C 151 0.99 19.23 4.96
CA HIS C 151 0.19 19.04 6.16
C HIS C 151 0.92 18.15 7.15
N PHE C 152 0.28 17.93 8.29
CA PHE C 152 0.90 17.20 9.39
C PHE C 152 1.32 15.80 8.96
N GLY C 153 2.60 15.49 9.15
CA GLY C 153 3.10 14.17 8.86
C GLY C 153 4.03 14.09 7.68
N GLN C 154 3.67 14.75 6.57
CA GLN C 154 4.44 14.62 5.33
C GLN C 154 5.91 14.94 5.57
N ALA C 155 6.78 14.05 5.09
CA ALA C 155 8.21 14.19 5.22
C ALA C 155 8.82 14.73 3.93
N VAL C 156 9.94 15.43 4.07
CA VAL C 156 10.66 16.04 2.95
C VAL C 156 12.12 15.66 3.05
N ARG C 157 12.74 15.33 1.91
CA ARG C 157 14.15 15.00 1.84
C ARG C 157 14.86 15.92 0.88
N PHE C 158 16.14 16.19 1.15
CA PHE C 158 16.97 17.10 0.37
C PHE C 158 18.16 16.36 -0.21
N VAL C 159 18.45 16.58 -1.49
CA VAL C 159 19.57 15.95 -2.19
C VAL C 159 20.24 17.02 -3.06
N CYS C 160 21.54 17.23 -2.86
CA CYS C 160 22.27 18.20 -3.64
C CYS C 160 22.57 17.64 -5.04
N ASN C 161 22.98 18.53 -5.93
CA ASN C 161 23.41 18.14 -7.26
C ASN C 161 24.84 17.61 -7.21
N SER C 162 25.32 17.11 -8.35
CA SER C 162 26.66 16.55 -8.40
C SER C 162 27.70 17.63 -8.14
N GLY C 163 28.71 17.26 -7.34
CA GLY C 163 29.72 18.22 -6.94
C GLY C 163 29.39 19.02 -5.69
N TYR C 164 28.34 18.63 -4.96
CA TYR C 164 27.93 19.34 -3.75
C TYR C 164 27.56 18.31 -2.70
N LYS C 165 27.82 18.65 -1.43
CA LYS C 165 27.46 17.80 -0.30
C LYS C 165 26.56 18.57 0.65
N ILE C 166 25.70 17.82 1.35
CA ILE C 166 24.69 18.45 2.20
C ILE C 166 25.33 19.00 3.48
N GLU C 167 24.67 19.99 4.06
CA GLU C 167 25.14 20.65 5.29
C GLU C 167 23.93 20.93 6.16
N GLY C 168 23.68 20.05 7.14
CA GLY C 168 22.57 20.17 8.06
C GLY C 168 21.82 18.87 8.12
N ASP C 169 20.58 18.94 8.61
CA ASP C 169 19.73 17.76 8.67
C ASP C 169 19.23 17.37 7.28
N GLU C 170 19.27 16.07 7.00
CA GLU C 170 18.94 15.60 5.66
C GLU C 170 17.43 15.54 5.44
N GLU C 171 16.71 14.96 6.37
CA GLU C 171 15.26 14.82 6.27
C GLU C 171 14.56 15.71 7.29
N MET C 172 13.25 15.90 7.06
CA MET C 172 12.42 16.69 7.95
C MET C 172 10.96 16.26 7.72
N HIS C 173 10.08 16.77 8.57
CA HIS C 173 8.66 16.52 8.41
C HIS C 173 7.88 17.63 9.08
N CYS C 174 6.67 17.87 8.56
CA CYS C 174 5.76 18.86 9.13
C CYS C 174 5.34 18.45 10.53
N SER C 175 5.79 19.20 11.54
CA SER C 175 5.64 18.80 12.92
C SER C 175 4.26 19.21 13.45
N ASP C 176 4.10 19.14 14.78
CA ASP C 176 2.77 19.27 15.38
C ASP C 176 2.27 20.71 15.32
N ASP C 177 3.17 21.68 15.48
CA ASP C 177 2.76 23.08 15.57
C ASP C 177 2.69 23.74 14.20
N GLY C 178 2.65 22.98 13.12
CA GLY C 178 2.64 23.57 11.80
C GLY C 178 3.96 24.12 11.33
N PHE C 179 5.06 23.80 12.02
CA PHE C 179 6.40 24.16 11.59
C PHE C 179 7.20 22.90 11.29
N TRP C 180 8.20 23.05 10.42
CA TRP C 180 9.01 21.91 10.04
C TRP C 180 9.89 21.45 11.20
N SER C 181 10.17 20.15 11.24
CA SER C 181 10.91 19.57 12.36
C SER C 181 12.39 19.97 12.33
N LYS C 182 12.93 20.26 11.15
CA LYS C 182 14.33 20.64 11.03
C LYS C 182 14.45 21.85 10.11
N GLU C 183 15.61 22.50 10.18
CA GLU C 183 15.85 23.69 9.38
C GLU C 183 16.25 23.33 7.95
N LYS C 184 16.07 24.29 7.05
CA LYS C 184 16.41 24.09 5.65
C LYS C 184 17.93 24.02 5.49
N PRO C 185 18.47 22.95 4.90
CA PRO C 185 19.94 22.82 4.81
C PRO C 185 20.55 23.59 3.65
N LYS C 186 21.84 23.41 3.43
CA LYS C 186 22.59 24.11 2.39
C LYS C 186 23.44 23.12 1.60
N CYS C 187 23.76 23.49 0.36
CA CYS C 187 24.60 22.68 -0.53
C CYS C 187 25.90 23.44 -0.78
N VAL C 188 26.99 22.94 -0.20
CA VAL C 188 28.31 23.53 -0.34
C VAL C 188 29.12 22.65 -1.28
N GLU C 189 30.06 23.27 -1.99
CA GLU C 189 30.96 22.52 -2.86
C GLU C 189 31.74 21.49 -2.05
N ILE C 190 31.95 20.32 -2.65
CA ILE C 190 32.66 19.23 -1.98
C ILE C 190 34.12 19.63 -1.77
N SER C 191 34.58 19.56 -0.53
CA SER C 191 35.94 19.90 -0.18
C SER C 191 36.43 18.97 0.92
N CYS C 192 37.75 18.75 0.95
CA CYS C 192 38.36 17.87 1.92
C CYS C 192 39.64 18.50 2.46
N LYS C 193 39.88 18.31 3.76
CA LYS C 193 41.09 18.77 4.41
C LYS C 193 42.18 17.71 4.32
N SER C 194 43.39 18.09 4.70
CA SER C 194 44.53 17.18 4.66
C SER C 194 44.39 16.11 5.74
N PRO C 195 44.36 14.83 5.40
CA PRO C 195 44.09 13.81 6.42
C PRO C 195 45.24 13.65 7.41
N ASP C 196 44.86 13.33 8.65
CA ASP C 196 45.81 13.02 9.71
C ASP C 196 46.01 11.50 9.71
N VAL C 197 46.97 11.03 8.91
CA VAL C 197 47.23 9.60 8.81
C VAL C 197 48.00 9.15 10.05
N ILE C 198 47.49 8.12 10.70
CA ILE C 198 48.11 7.59 11.91
C ILE C 198 49.33 6.78 11.51
N ASN C 199 50.46 7.02 12.20
CA ASN C 199 51.73 6.34 11.93
C ASN C 199 52.20 6.58 10.51
N GLY C 200 51.91 7.75 9.95
CA GLY C 200 52.28 8.07 8.59
C GLY C 200 52.50 9.55 8.42
N SER C 201 52.92 9.92 7.21
CA SER C 201 53.20 11.30 6.84
C SER C 201 52.72 11.55 5.43
N PRO C 202 52.14 12.72 5.15
CA PRO C 202 51.61 12.99 3.81
C PRO C 202 52.72 13.16 2.78
N ILE C 203 52.45 12.66 1.57
CA ILE C 203 53.36 12.83 0.45
C ILE C 203 53.07 14.12 -0.31
N SER C 204 51.80 14.41 -0.55
CA SER C 204 51.43 15.60 -1.32
C SER C 204 51.64 16.87 -0.50
N GLN C 205 51.61 18.01 -1.20
CA GLN C 205 51.82 19.33 -0.62
C GLN C 205 50.52 20.05 -0.31
N LYS C 206 49.52 19.89 -1.15
CA LYS C 206 48.27 20.63 -1.04
C LYS C 206 47.50 20.20 0.22
N ILE C 207 46.79 21.16 0.81
CA ILE C 207 46.00 20.92 2.01
C ILE C 207 44.51 20.88 1.72
N ILE C 208 44.02 21.77 0.87
CA ILE C 208 42.61 21.78 0.49
C ILE C 208 42.44 20.96 -0.78
N TYR C 209 41.41 20.12 -0.82
CA TYR C 209 41.18 19.21 -1.92
C TYR C 209 39.76 19.33 -2.44
N LYS C 210 39.60 19.14 -3.75
CA LYS C 210 38.30 19.13 -4.39
C LYS C 210 37.84 17.69 -4.59
N GLU C 211 36.72 17.51 -5.30
CA GLU C 211 36.14 16.19 -5.46
C GLU C 211 37.00 15.33 -6.38
N ASN C 212 37.07 14.04 -6.05
CA ASN C 212 37.82 13.01 -6.79
C ASN C 212 39.33 13.23 -6.79
N GLU C 213 39.82 14.16 -5.96
CA GLU C 213 41.26 14.37 -5.86
C GLU C 213 41.84 13.33 -4.90
N ARG C 214 42.95 12.73 -5.28
CA ARG C 214 43.58 11.67 -4.50
C ARG C 214 44.65 12.24 -3.57
N PHE C 215 44.84 11.57 -2.43
CA PHE C 215 45.82 11.97 -1.43
C PHE C 215 46.85 10.85 -1.28
N GLN C 216 48.09 11.15 -1.63
CA GLN C 216 49.18 10.17 -1.54
C GLN C 216 49.89 10.29 -0.21
N TYR C 217 50.20 9.14 0.39
CA TYR C 217 50.86 9.12 1.68
C TYR C 217 51.77 7.90 1.79
N LYS C 218 52.77 8.01 2.67
CA LYS C 218 53.66 6.91 2.99
C LYS C 218 53.52 6.57 4.48
N CYS C 219 53.89 5.34 4.81
CA CYS C 219 53.81 4.85 6.18
C CYS C 219 55.17 4.95 6.86
N ASN C 220 55.16 5.33 8.14
CA ASN C 220 56.39 5.33 8.92
C ASN C 220 56.95 3.92 9.04
N MET C 221 58.24 3.84 9.33
CA MET C 221 58.91 2.55 9.44
C MET C 221 58.27 1.72 10.54
N GLY C 222 58.15 0.41 10.30
CA GLY C 222 57.39 -0.46 11.16
C GLY C 222 55.93 -0.60 10.80
N TYR C 223 55.42 0.25 9.91
CA TYR C 223 54.03 0.20 9.49
C TYR C 223 53.95 0.06 7.96
N GLU C 224 52.82 -0.47 7.51
CA GLU C 224 52.61 -0.76 6.10
C GLU C 224 51.16 -0.44 5.75
N TYR C 225 50.90 -0.36 4.44
CA TYR C 225 49.56 -0.01 3.98
C TYR C 225 48.55 -1.07 4.40
N SER C 226 47.40 -0.59 4.89
CA SER C 226 46.25 -1.44 5.12
C SER C 226 45.45 -1.50 3.83
N GLU C 227 45.57 -2.62 3.10
CA GLU C 227 44.96 -2.78 1.79
C GLU C 227 45.41 -1.71 0.81
N ARG C 228 44.68 -0.60 0.73
CA ARG C 228 44.97 0.40 -0.29
C ARG C 228 46.09 1.32 0.15
N GLY C 229 46.60 2.09 -0.81
CA GLY C 229 47.71 3.00 -0.55
C GLY C 229 47.40 4.46 -0.83
N ASP C 230 46.12 4.80 -0.94
CA ASP C 230 45.72 6.18 -1.20
C ASP C 230 44.23 6.35 -0.89
N ALA C 231 43.85 7.60 -0.66
CA ALA C 231 42.47 7.97 -0.34
C ALA C 231 41.93 8.94 -1.39
N VAL C 232 40.61 8.99 -1.49
CA VAL C 232 39.92 9.82 -2.48
C VAL C 232 38.94 10.72 -1.76
N CYS C 233 38.84 11.98 -2.21
CA CYS C 233 37.90 12.93 -1.64
C CYS C 233 36.51 12.70 -2.21
N THR C 234 35.56 12.36 -1.36
CA THR C 234 34.17 12.15 -1.74
C THR C 234 33.28 13.08 -0.92
N GLU C 235 32.00 13.19 -1.33
CA GLU C 235 31.08 14.05 -0.61
C GLU C 235 30.86 13.62 0.83
N SER C 236 31.27 12.40 1.19
CA SER C 236 31.16 11.92 2.56
C SER C 236 32.48 11.99 3.33
N GLY C 237 33.59 12.26 2.65
CA GLY C 237 34.88 12.30 3.29
C GLY C 237 35.95 11.59 2.47
N TRP C 238 36.95 11.02 3.14
CA TRP C 238 38.03 10.31 2.47
C TRP C 238 37.68 8.83 2.40
N ARG C 239 37.43 8.33 1.19
CA ARG C 239 37.06 6.94 0.97
C ARG C 239 38.07 6.24 0.05
N PRO C 240 38.81 5.26 0.60
CA PRO C 240 38.78 4.83 1.99
C PRO C 240 39.60 5.74 2.90
N LEU C 241 39.65 5.41 4.20
CA LEU C 241 40.43 6.23 5.12
C LEU C 241 41.89 5.77 5.16
N PRO C 242 42.84 6.70 5.17
CA PRO C 242 44.26 6.32 5.22
C PRO C 242 44.56 5.53 6.50
N SER C 243 45.31 4.44 6.33
CA SER C 243 45.58 3.54 7.44
C SER C 243 46.94 2.89 7.23
N CYS C 244 47.79 2.94 8.27
CA CYS C 244 49.07 2.23 8.29
C CYS C 244 49.03 1.25 9.46
N GLU C 245 49.04 -0.04 9.14
CA GLU C 245 49.05 -1.09 10.15
C GLU C 245 50.45 -1.65 10.33
N GLU C 246 50.72 -2.17 11.53
CA GLU C 246 52.04 -2.69 11.86
C GLU C 246 52.25 -4.11 11.32
N CYS C 261 63.43 26.19 2.68
CA CYS C 261 62.85 26.41 1.36
C CYS C 261 61.69 25.46 1.09
N GLY C 262 60.84 25.82 0.13
CA GLY C 262 59.74 24.98 -0.29
C GLY C 262 60.12 24.10 -1.46
N PRO C 263 59.12 23.61 -2.20
CA PRO C 263 59.43 22.79 -3.38
C PRO C 263 60.16 23.60 -4.43
N PRO C 264 61.06 22.97 -5.20
CA PRO C 264 61.84 23.73 -6.18
C PRO C 264 60.95 24.19 -7.33
N PRO C 265 61.30 25.30 -8.00
CA PRO C 265 60.41 25.85 -9.02
C PRO C 265 60.46 25.03 -10.28
N PRO C 266 59.39 25.01 -11.07
CA PRO C 266 59.38 24.21 -12.29
C PRO C 266 60.10 24.91 -13.43
N ILE C 267 60.63 24.11 -14.35
CA ILE C 267 61.31 24.62 -15.53
C ILE C 267 60.62 24.06 -16.77
N ASP C 268 60.70 24.81 -17.86
CA ASP C 268 60.08 24.38 -19.11
C ASP C 268 60.86 23.21 -19.70
N ASN C 269 60.12 22.17 -20.12
CA ASN C 269 60.69 21.02 -20.84
C ASN C 269 61.67 20.23 -19.98
N GLY C 270 61.38 20.10 -18.69
CA GLY C 270 62.28 19.39 -17.80
C GLY C 270 61.74 19.36 -16.38
N ASP C 271 62.37 18.52 -15.56
CA ASP C 271 61.98 18.30 -14.18
C ASP C 271 63.23 18.11 -13.33
N ILE C 272 63.01 17.66 -12.10
CA ILE C 272 64.08 17.30 -11.19
C ILE C 272 64.29 15.79 -11.26
N THR C 273 65.46 15.35 -10.80
CA THR C 273 65.84 13.95 -10.89
C THR C 273 65.41 13.14 -9.67
N SER C 274 64.81 13.77 -8.67
CA SER C 274 64.42 13.08 -7.44
C SER C 274 62.96 13.35 -7.13
N PHE C 275 62.43 12.58 -6.19
CA PHE C 275 61.05 12.78 -5.74
C PHE C 275 60.98 14.05 -4.91
N PRO C 276 60.11 15.01 -5.25
CA PRO C 276 60.03 16.24 -4.46
C PRO C 276 59.50 15.95 -3.06
N LEU C 277 59.97 16.75 -2.10
CA LEU C 277 59.46 16.73 -0.74
C LEU C 277 58.99 18.13 -0.36
N SER C 278 58.53 18.28 0.88
CA SER C 278 57.81 19.49 1.28
C SER C 278 58.77 20.61 1.66
N VAL C 279 59.62 20.39 2.67
CA VAL C 279 60.54 21.39 3.17
C VAL C 279 61.96 20.93 2.86
N TYR C 280 62.83 21.88 2.55
CA TYR C 280 64.22 21.58 2.25
C TYR C 280 65.20 22.17 3.24
N ALA C 281 64.90 23.32 3.84
CA ALA C 281 65.77 24.05 4.76
C ALA C 281 67.02 24.52 4.02
N PRO C 282 67.74 25.52 4.54
CA PRO C 282 68.97 25.95 3.87
C PRO C 282 69.96 24.80 3.68
N ALA C 283 70.80 24.95 2.67
CA ALA C 283 71.89 24.06 2.25
C ALA C 283 71.41 22.83 1.48
N SER C 284 70.11 22.68 1.25
CA SER C 284 69.64 21.57 0.43
C SER C 284 69.94 21.83 -1.05
N SER C 285 69.90 20.77 -1.84
CA SER C 285 70.19 20.88 -3.27
C SER C 285 69.44 19.82 -4.05
N VAL C 286 69.09 20.17 -5.30
CA VAL C 286 68.41 19.27 -6.22
C VAL C 286 69.02 19.46 -7.60
N GLU C 287 68.88 18.44 -8.45
CA GLU C 287 69.42 18.45 -9.80
C GLU C 287 68.29 18.46 -10.81
N TYR C 288 68.45 19.23 -11.89
CA TYR C 288 67.47 19.34 -12.96
C TYR C 288 67.92 18.58 -14.20
N GLN C 289 66.93 18.14 -14.99
CA GLN C 289 67.18 17.44 -16.25
C GLN C 289 66.10 17.84 -17.25
N CYS C 290 66.53 18.15 -18.48
CA CYS C 290 65.61 18.56 -19.54
C CYS C 290 65.07 17.35 -20.28
N GLN C 291 64.00 17.59 -21.05
CA GLN C 291 63.47 16.53 -21.89
C GLN C 291 64.50 16.15 -22.95
N ASN C 292 64.22 15.06 -23.65
CA ASN C 292 65.16 14.54 -24.64
C ASN C 292 65.40 15.58 -25.73
N LEU C 293 66.68 15.73 -26.10
CA LEU C 293 67.16 16.61 -27.16
C LEU C 293 67.13 18.08 -26.77
N TYR C 294 66.47 18.41 -25.66
CA TYR C 294 66.51 19.77 -25.13
C TYR C 294 67.83 20.01 -24.42
N GLN C 295 68.33 21.24 -24.53
CA GLN C 295 69.65 21.60 -24.04
C GLN C 295 69.53 22.54 -22.85
N LEU C 296 70.26 22.21 -21.77
CA LEU C 296 70.16 22.93 -20.51
C LEU C 296 71.19 24.06 -20.44
N GLU C 297 70.78 25.20 -19.90
CA GLU C 297 71.65 26.37 -19.75
C GLU C 297 71.54 26.90 -18.34
N GLY C 298 72.66 26.94 -17.63
CA GLY C 298 72.72 27.36 -16.24
C GLY C 298 73.23 26.24 -15.35
N ASN C 299 73.27 26.55 -14.05
CA ASN C 299 73.71 25.55 -13.06
C ASN C 299 72.70 24.42 -12.99
N LYS C 300 73.14 23.20 -13.31
CA LYS C 300 72.25 22.05 -13.32
C LYS C 300 71.71 21.71 -11.94
N ARG C 301 72.34 22.20 -10.88
CA ARG C 301 71.90 21.95 -9.51
C ARG C 301 71.53 23.28 -8.86
N ILE C 302 70.38 23.31 -8.20
CA ILE C 302 69.92 24.48 -7.47
C ILE C 302 70.14 24.23 -5.98
N THR C 303 70.44 25.29 -5.24
CA THR C 303 70.72 25.20 -3.81
C THR C 303 69.91 26.22 -3.03
N CYS C 304 69.46 25.81 -1.84
CA CYS C 304 68.70 26.69 -0.95
C CYS C 304 69.68 27.44 -0.06
N ARG C 305 69.79 28.75 -0.27
CA ARG C 305 70.68 29.61 0.52
C ARG C 305 69.84 30.70 1.18
N ASN C 306 69.70 30.61 2.50
CA ASN C 306 68.95 31.59 3.30
C ASN C 306 67.47 31.64 2.88
N GLY C 307 66.83 30.47 2.92
CA GLY C 307 65.41 30.38 2.65
C GLY C 307 65.00 30.72 1.23
N GLN C 308 65.93 30.72 0.28
CA GLN C 308 65.62 31.01 -1.12
C GLN C 308 66.41 30.05 -2.01
N TRP C 309 65.78 29.64 -3.11
CA TRP C 309 66.43 28.75 -4.07
C TRP C 309 67.31 29.56 -5.01
N SER C 310 68.44 28.95 -5.40
CA SER C 310 69.28 29.57 -6.40
C SER C 310 68.59 29.54 -7.76
N GLU C 311 69.16 30.26 -8.72
CA GLU C 311 68.56 30.39 -10.03
C GLU C 311 68.49 29.03 -10.71
N PRO C 312 67.30 28.51 -10.98
CA PRO C 312 67.21 27.22 -11.68
C PRO C 312 67.57 27.39 -13.15
N PRO C 313 68.08 26.34 -13.78
CA PRO C 313 68.46 26.45 -15.20
C PRO C 313 67.26 26.50 -16.12
N LYS C 314 67.51 26.62 -17.42
CA LYS C 314 66.45 26.62 -18.43
C LYS C 314 66.83 25.68 -19.56
N CYS C 315 65.81 25.21 -20.27
CA CYS C 315 65.97 24.18 -21.31
C CYS C 315 65.81 24.83 -22.68
N LEU C 316 66.92 24.92 -23.40
CA LEU C 316 66.90 25.51 -24.74
C LEU C 316 66.14 24.61 -25.71
N HIS C 317 65.44 25.25 -26.65
CA HIS C 317 64.54 24.56 -27.57
C HIS C 317 65.31 24.06 -28.79
N PRO C 318 65.24 22.77 -29.10
CA PRO C 318 65.84 22.27 -30.34
C PRO C 318 64.91 22.46 -31.52
N CYS C 319 65.48 22.30 -32.72
CA CYS C 319 64.76 22.54 -33.96
C CYS C 319 64.35 21.23 -34.61
N VAL C 320 63.12 21.19 -35.10
CA VAL C 320 62.57 20.02 -35.80
C VAL C 320 62.51 20.35 -37.28
N ILE C 321 63.14 19.51 -38.10
CA ILE C 321 63.17 19.67 -39.55
C ILE C 321 62.14 18.70 -40.13
N SER C 322 61.01 19.23 -40.60
CA SER C 322 59.95 18.42 -41.16
C SER C 322 60.05 18.40 -42.69
N ARG C 323 59.66 17.26 -43.28
CA ARG C 323 59.61 17.17 -44.73
C ARG C 323 58.58 18.13 -45.31
N GLU C 324 57.55 18.46 -44.52
CA GLU C 324 56.50 19.36 -44.98
C GLU C 324 57.04 20.77 -45.25
N ILE C 325 57.93 21.25 -44.38
CA ILE C 325 58.50 22.58 -44.56
C ILE C 325 59.63 22.56 -45.59
N MET C 326 60.36 21.45 -45.70
CA MET C 326 61.40 21.35 -46.72
C MET C 326 60.80 21.28 -48.12
N GLU C 327 59.63 20.67 -48.28
CA GLU C 327 58.98 20.61 -49.59
C GLU C 327 58.54 21.99 -50.07
N ASN C 328 58.14 22.87 -49.15
CA ASN C 328 57.73 24.22 -49.52
C ASN C 328 58.91 25.03 -50.06
N TYR C 329 60.11 24.79 -49.54
CA TYR C 329 61.31 25.49 -49.97
C TYR C 329 62.06 24.76 -51.07
N ASN C 330 61.53 23.63 -51.54
CA ASN C 330 62.16 22.82 -52.59
C ASN C 330 63.55 22.36 -52.17
N ILE C 331 63.68 21.97 -50.90
CA ILE C 331 64.95 21.57 -50.30
C ILE C 331 64.78 20.19 -49.69
N ALA C 332 65.90 19.48 -49.54
CA ALA C 332 65.89 18.13 -48.98
C ALA C 332 67.16 17.92 -48.18
N LEU C 333 67.13 16.91 -47.31
CA LEU C 333 68.30 16.58 -46.49
C LEU C 333 69.39 15.95 -47.35
N ARG C 334 70.63 16.33 -47.08
CA ARG C 334 71.75 15.79 -47.85
C ARG C 334 71.93 14.30 -47.57
N TRP C 335 71.95 13.92 -46.30
CA TRP C 335 72.08 12.52 -45.91
C TRP C 335 70.70 12.05 -45.48
N THR C 336 69.95 11.50 -46.44
CA THR C 336 68.53 11.22 -46.29
C THR C 336 68.23 10.20 -45.19
N ALA C 337 68.06 10.68 -43.96
CA ALA C 337 67.52 9.91 -42.86
C ALA C 337 66.17 10.54 -42.53
N LYS C 338 65.12 10.07 -43.22
CA LYS C 338 63.77 10.66 -43.17
C LYS C 338 63.82 12.03 -43.90
N GLN C 339 62.74 12.82 -44.13
CA GLN C 339 61.30 12.77 -43.76
C GLN C 339 61.03 13.40 -42.37
N LYS C 340 62.08 13.56 -41.56
CA LYS C 340 62.06 14.25 -40.27
C LYS C 340 63.42 14.13 -39.59
N LEU C 341 63.90 15.20 -38.98
CA LEU C 341 65.20 15.20 -38.34
C LEU C 341 65.19 16.25 -37.25
N TYR C 342 65.77 15.92 -36.11
CA TYR C 342 65.86 16.86 -34.99
C TYR C 342 67.27 17.42 -34.89
N SER C 343 67.37 18.68 -34.47
CA SER C 343 68.65 19.36 -34.32
C SER C 343 68.67 20.07 -32.98
N ARG C 344 69.61 19.68 -32.12
CA ARG C 344 69.77 20.33 -30.82
C ARG C 344 70.32 21.75 -31.00
N THR C 345 70.23 22.54 -29.94
CA THR C 345 70.76 23.90 -29.97
C THR C 345 72.27 23.86 -30.21
N GLY C 346 72.70 24.51 -31.29
CA GLY C 346 74.09 24.55 -31.65
C GLY C 346 74.49 23.59 -32.76
N GLU C 347 73.68 22.56 -33.00
CA GLU C 347 73.96 21.64 -34.09
C GLU C 347 73.71 22.29 -35.44
N SER C 348 74.51 21.92 -36.42
CA SER C 348 74.37 22.40 -37.79
C SER C 348 73.78 21.29 -38.67
N VAL C 349 73.03 21.70 -39.70
CA VAL C 349 72.37 20.77 -40.59
C VAL C 349 72.70 21.16 -42.03
N GLU C 350 73.02 20.17 -42.86
CA GLU C 350 73.43 20.39 -44.24
C GLU C 350 72.31 19.94 -45.19
N PHE C 351 71.83 20.87 -46.00
CA PHE C 351 70.80 20.63 -47.00
C PHE C 351 71.41 20.61 -48.39
N VAL C 352 70.60 20.15 -49.36
CA VAL C 352 70.94 20.23 -50.77
C VAL C 352 69.66 20.57 -51.55
N CYS C 353 69.82 21.34 -52.62
CA CYS C 353 68.69 21.64 -53.48
C CYS C 353 68.24 20.39 -54.23
N LYS C 354 66.93 20.23 -54.39
CA LYS C 354 66.41 19.11 -55.14
C LYS C 354 66.79 19.23 -56.62
N ARG C 355 66.70 18.12 -57.33
CA ARG C 355 67.17 18.07 -58.71
C ARG C 355 66.36 19.01 -59.59
N GLY C 356 67.05 19.93 -60.26
CA GLY C 356 66.37 20.91 -61.09
C GLY C 356 66.09 22.23 -60.41
N TYR C 357 66.89 22.60 -59.40
CA TYR C 357 66.67 23.83 -58.64
C TYR C 357 68.02 24.51 -58.39
N ARG C 358 67.95 25.82 -58.16
CA ARG C 358 69.14 26.63 -57.89
C ARG C 358 68.95 27.40 -56.59
N LEU C 359 70.07 27.89 -56.05
CA LEU C 359 70.15 28.40 -54.68
C LEU C 359 69.23 29.59 -54.36
N SER C 360 68.47 30.06 -55.34
CA SER C 360 67.48 31.13 -55.16
C SER C 360 68.12 32.47 -54.78
N SER C 361 67.33 33.55 -54.81
CA SER C 361 67.86 34.88 -54.55
C SER C 361 68.07 35.14 -53.07
N ARG C 362 67.08 34.82 -52.24
CA ARG C 362 67.12 35.09 -50.80
C ARG C 362 67.71 33.92 -50.02
N SER C 363 68.79 33.30 -50.50
CA SER C 363 69.51 32.29 -49.75
C SER C 363 71.00 32.51 -49.94
N HIS C 364 71.77 32.01 -48.99
CA HIS C 364 73.23 32.14 -49.06
C HIS C 364 73.96 30.85 -48.76
N THR C 365 73.48 30.05 -47.81
CA THR C 365 74.13 28.81 -47.42
C THR C 365 73.12 27.68 -47.36
N LEU C 366 73.60 26.47 -47.64
CA LEU C 366 72.83 25.27 -47.41
C LEU C 366 73.11 24.64 -46.06
N ARG C 367 74.14 25.12 -45.35
CA ARG C 367 74.48 24.65 -44.01
C ARG C 367 74.16 25.77 -43.03
N THR C 368 73.16 25.53 -42.18
CA THR C 368 72.74 26.50 -41.17
C THR C 368 72.69 25.82 -39.81
N THR C 369 72.77 26.64 -38.75
CA THR C 369 72.88 26.14 -37.38
C THR C 369 71.66 26.54 -36.58
N CYS C 370 71.15 25.58 -35.80
CA CYS C 370 69.94 25.78 -35.00
C CYS C 370 70.28 26.47 -33.69
N TRP C 371 69.50 27.49 -33.32
CA TRP C 371 69.75 28.28 -32.12
C TRP C 371 68.42 28.51 -31.40
N ASP C 372 68.18 27.73 -30.34
CA ASP C 372 67.02 27.88 -29.46
C ASP C 372 65.70 27.92 -30.25
N GLY C 373 65.53 26.94 -31.12
CA GLY C 373 64.28 26.79 -31.84
C GLY C 373 64.15 27.61 -33.10
N LYS C 374 65.22 28.26 -33.57
CA LYS C 374 65.18 29.04 -34.80
C LYS C 374 66.18 28.46 -35.79
N LEU C 375 65.70 28.04 -36.95
CA LEU C 375 66.52 27.49 -38.01
C LEU C 375 66.18 28.18 -39.31
N GLU C 376 67.19 28.71 -39.99
CA GLU C 376 67.01 29.37 -41.28
C GLU C 376 67.07 28.33 -42.39
N TYR C 377 65.92 28.07 -43.03
CA TYR C 377 65.90 27.10 -44.12
C TYR C 377 66.35 27.77 -45.42
N PRO C 378 67.18 27.09 -46.21
CA PRO C 378 67.52 27.60 -47.54
C PRO C 378 66.41 27.33 -48.55
N THR C 379 66.32 28.22 -49.53
CA THR C 379 65.30 28.13 -50.57
C THR C 379 65.98 27.82 -51.91
N CYS C 380 65.28 27.03 -52.73
CA CYS C 380 65.74 26.73 -54.08
C CYS C 380 64.61 27.04 -55.04
N ALA C 381 64.88 27.85 -56.07
CA ALA C 381 63.84 28.50 -56.86
C ALA C 381 63.75 27.99 -58.29
N LYS C 382 64.31 26.80 -58.58
CA LYS C 382 64.15 26.11 -59.85
C LYS C 382 64.83 26.83 -61.02
N ARG C 383 65.81 26.18 -61.64
CA ARG C 383 66.57 26.76 -62.74
C ARG C 383 65.90 26.50 -64.08
C1 NAG D . -16.93 1.73 -16.84
C2 NAG D . -17.94 0.55 -16.92
C3 NAG D . -17.64 -0.43 -18.08
C4 NAG D . -16.19 -0.86 -18.14
C5 NAG D . -15.32 0.00 -17.23
C6 NAG D . -13.84 -0.13 -17.50
C7 NAG D . -19.13 -0.78 -15.21
C8 NAG D . -19.01 -1.46 -13.88
N2 NAG D . -18.01 -0.17 -15.65
O3 NAG D . -18.02 0.18 -19.32
O4 NAG D . -15.99 -2.25 -17.85
O5 NAG D . -15.68 1.36 -17.48
O6 NAG D . -13.13 -0.51 -16.32
O7 NAG D . -20.17 -0.76 -15.84
C1 NAG D . -17.04 -2.94 -17.14
C2 NAG D . -17.56 -4.14 -17.98
C3 NAG D . -16.60 -5.34 -17.96
C4 NAG D . -16.06 -5.64 -16.57
C5 NAG D . -16.78 -4.80 -15.52
C6 NAG D . -16.26 -5.03 -14.13
C7 NAG D . -20.02 -4.10 -18.21
C8 NAG D . -21.32 -4.63 -17.67
N2 NAG D . -18.92 -4.54 -17.59
O3 NAG D . -15.52 -5.11 -18.86
O4 NAG D . -16.23 -7.02 -16.26
O5 NAG D . -16.59 -3.42 -15.82
O6 NAG D . -17.32 -5.20 -13.19
O7 NAG D . -19.96 -3.32 -19.15
#